data_6S8Z
# 
_entry.id   6S8Z 
# 
_audit_conform.dict_name       mmcif_pdbx.dic 
_audit_conform.dict_version    5.383 
_audit_conform.dict_location   http://mmcif.pdb.org/dictionaries/ascii/mmcif_pdbx.dic 
# 
loop_
_database_2.database_id 
_database_2.database_code 
_database_2.pdbx_database_accession 
_database_2.pdbx_DOI 
PDB   6S8Z         pdb_00006s8z 10.2210/pdb6s8z/pdb 
WWPDB D_1292103287 ?            ?                   
# 
loop_
_pdbx_audit_revision_history.ordinal 
_pdbx_audit_revision_history.data_content_type 
_pdbx_audit_revision_history.major_revision 
_pdbx_audit_revision_history.minor_revision 
_pdbx_audit_revision_history.revision_date 
1 'Structure model' 1 0 2020-02-26 
2 'Structure model' 1 1 2020-04-08 
3 'Structure model' 1 2 2024-01-24 
# 
_pdbx_audit_revision_details.ordinal             1 
_pdbx_audit_revision_details.revision_ordinal    1 
_pdbx_audit_revision_details.data_content_type   'Structure model' 
_pdbx_audit_revision_details.provider            repository 
_pdbx_audit_revision_details.type                'Initial release' 
_pdbx_audit_revision_details.description         ? 
_pdbx_audit_revision_details.details             ? 
# 
loop_
_pdbx_audit_revision_group.ordinal 
_pdbx_audit_revision_group.revision_ordinal 
_pdbx_audit_revision_group.data_content_type 
_pdbx_audit_revision_group.group 
1 2 'Structure model' 'Database references'    
2 3 'Structure model' 'Data collection'        
3 3 'Structure model' 'Database references'    
4 3 'Structure model' 'Refinement description' 
# 
loop_
_pdbx_audit_revision_category.ordinal 
_pdbx_audit_revision_category.revision_ordinal 
_pdbx_audit_revision_category.data_content_type 
_pdbx_audit_revision_category.category 
1 2 'Structure model' citation                      
2 2 'Structure model' citation_author               
3 3 'Structure model' chem_comp_atom                
4 3 'Structure model' chem_comp_bond                
5 3 'Structure model' database_2                    
6 3 'Structure model' pdbx_initial_refinement_model 
# 
loop_
_pdbx_audit_revision_item.ordinal 
_pdbx_audit_revision_item.revision_ordinal 
_pdbx_audit_revision_item.data_content_type 
_pdbx_audit_revision_item.item 
1  2 'Structure model' '_citation.country'                   
2  2 'Structure model' '_citation.journal_abbrev'            
3  2 'Structure model' '_citation.journal_id_CSD'            
4  2 'Structure model' '_citation.journal_id_ISSN'           
5  2 'Structure model' '_citation.journal_volume'            
6  2 'Structure model' '_citation.page_first'                
7  2 'Structure model' '_citation.page_last'                 
8  2 'Structure model' '_citation.pdbx_database_id_DOI'      
9  2 'Structure model' '_citation.pdbx_database_id_PubMed'   
10 2 'Structure model' '_citation.title'                     
11 2 'Structure model' '_citation.year'                      
12 3 'Structure model' '_database_2.pdbx_DOI'                
13 3 'Structure model' '_database_2.pdbx_database_accession' 
# 
_pdbx_database_status.status_code                     REL 
_pdbx_database_status.status_code_sf                  REL 
_pdbx_database_status.status_code_mr                  ? 
_pdbx_database_status.entry_id                        6S8Z 
_pdbx_database_status.recvd_initial_deposition_date   2019-07-11 
_pdbx_database_status.SG_entry                        N 
_pdbx_database_status.deposit_site                    PDBE 
_pdbx_database_status.process_site                    PDBE 
_pdbx_database_status.status_code_cs                  ? 
_pdbx_database_status.methods_development_category    ? 
_pdbx_database_status.pdb_format_compatible           Y 
_pdbx_database_status.status_code_nmr_data            ? 
# 
loop_
_audit_author.name 
_audit_author.pdbx_ordinal 
_audit_author.identifier_ORCID 
'Schneider, S.'   1 0000-0003-1054-8689 
'Scheidler, C.M.' 2 0000-0003-2208-4092 
# 
_citation.abstract                  ? 
_citation.abstract_id_CAS           ? 
_citation.book_id_ISBN              ? 
_citation.book_publisher            ? 
_citation.book_publisher_city       ? 
_citation.book_title                ? 
_citation.coordinate_linkage        ? 
_citation.country                   US 
_citation.database_id_Medline       ? 
_citation.details                   ? 
_citation.id                        primary 
_citation.journal_abbrev            'Cell Rep' 
_citation.journal_id_ASTM           ? 
_citation.journal_id_CSD            ? 
_citation.journal_id_ISSN           2211-1247 
_citation.journal_full              ? 
_citation.journal_issue             ? 
_citation.journal_volume            30 
_citation.language                  ? 
_citation.page_first                4332 
_citation.page_last                 4342.e5 
_citation.title                     'Structure and Function of an Elongation Factor P Subfamily in Actinobacteria.' 
_citation.year                      2020 
_citation.database_id_CSD           ? 
_citation.pdbx_database_id_DOI      10.1016/j.celrep.2020.03.009 
_citation.pdbx_database_id_PubMed   32234471 
_citation.unpublished_flag          ? 
# 
loop_
_citation_author.citation_id 
_citation_author.name 
_citation_author.ordinal 
_citation_author.identifier_ORCID 
primary 'Pinheiro, B.'    1  ? 
primary 'Scheidler, C.M.' 2  ? 
primary 'Kielkowski, P.'  3  ? 
primary 'Schmid, M.'      4  ? 
primary 'Forne, I.'       5  ? 
primary 'Ye, S.'          6  ? 
primary 'Reiling, N.'     7  ? 
primary 'Takano, E.'      8  ? 
primary 'Imhof, A.'       9  ? 
primary 'Sieber, S.A.'    10 ? 
primary 'Schneider, S.'   11 ? 
primary 'Jung, K.'        12 ? 
# 
loop_
_entity.id 
_entity.type 
_entity.src_method 
_entity.pdbx_description 
_entity.formula_weight 
_entity.pdbx_number_of_molecules 
_entity.pdbx_ec 
_entity.pdbx_mutation 
_entity.pdbx_fragment 
_entity.details 
1 polymer     man 'Elongation factor P' 20665.191 1  ? ? ? ? 
2 non-polymer syn 'ACETATE ION'         59.044    3  ? ? ? ? 
3 non-polymer syn 1,2-ETHANEDIOL        62.068    1  ? ? ? ? 
4 non-polymer syn 'SODIUM ION'          22.990    1  ? ? ? ? 
5 water       nat water                 18.015    56 ? ? ? ? 
# 
_entity_name_com.entity_id   1 
_entity_name_com.name        EF-P 
# 
_entity_poly.entity_id                      1 
_entity_poly.type                           'polypeptide(L)' 
_entity_poly.nstd_linkage                   no 
_entity_poly.nstd_monomer                   no 
_entity_poly.pdbx_seq_one_letter_code       
;MATTADFKNGLVLKNEGKLQQIIEFQHVKPGKGPAFVRTKLKDVVTGKTIDKTWNAGVKVETATVDRRDVTYLYNDGTSF
IVMDDKTFEQYELSPDAFGDAGRFLLENMRVQVSFHEGEALFGELPVSVDLRVEHTDPGLQGDRSTGGTKPATLETGAEI
QVPLFIETGNVLKVDTRDGSYLSRVNN
;
_entity_poly.pdbx_seq_one_letter_code_can   
;MATTADFKNGLVLKNEGKLQQIIEFQHVKPGKGPAFVRTKLKDVVTGKTIDKTWNAGVKVETATVDRRDVTYLYNDGTSF
IVMDDKTFEQYELSPDAFGDAGRFLLENMRVQVSFHEGEALFGELPVSVDLRVEHTDPGLQGDRSTGGTKPATLETGAEI
QVPLFIETGNVLKVDTRDGSYLSRVNN
;
_entity_poly.pdbx_strand_id                 A 
_entity_poly.pdbx_target_identifier         ? 
# 
loop_
_pdbx_entity_nonpoly.entity_id 
_pdbx_entity_nonpoly.name 
_pdbx_entity_nonpoly.comp_id 
2 'ACETATE ION'  ACT 
3 1,2-ETHANEDIOL EDO 
4 'SODIUM ION'   NA  
5 water          HOH 
# 
loop_
_entity_poly_seq.entity_id 
_entity_poly_seq.num 
_entity_poly_seq.mon_id 
_entity_poly_seq.hetero 
1 1   MET n 
1 2   ALA n 
1 3   THR n 
1 4   THR n 
1 5   ALA n 
1 6   ASP n 
1 7   PHE n 
1 8   LYS n 
1 9   ASN n 
1 10  GLY n 
1 11  LEU n 
1 12  VAL n 
1 13  LEU n 
1 14  LYS n 
1 15  ASN n 
1 16  GLU n 
1 17  GLY n 
1 18  LYS n 
1 19  LEU n 
1 20  GLN n 
1 21  GLN n 
1 22  ILE n 
1 23  ILE n 
1 24  GLU n 
1 25  PHE n 
1 26  GLN n 
1 27  HIS n 
1 28  VAL n 
1 29  LYS n 
1 30  PRO n 
1 31  GLY n 
1 32  LYS n 
1 33  GLY n 
1 34  PRO n 
1 35  ALA n 
1 36  PHE n 
1 37  VAL n 
1 38  ARG n 
1 39  THR n 
1 40  LYS n 
1 41  LEU n 
1 42  LYS n 
1 43  ASP n 
1 44  VAL n 
1 45  VAL n 
1 46  THR n 
1 47  GLY n 
1 48  LYS n 
1 49  THR n 
1 50  ILE n 
1 51  ASP n 
1 52  LYS n 
1 53  THR n 
1 54  TRP n 
1 55  ASN n 
1 56  ALA n 
1 57  GLY n 
1 58  VAL n 
1 59  LYS n 
1 60  VAL n 
1 61  GLU n 
1 62  THR n 
1 63  ALA n 
1 64  THR n 
1 65  VAL n 
1 66  ASP n 
1 67  ARG n 
1 68  ARG n 
1 69  ASP n 
1 70  VAL n 
1 71  THR n 
1 72  TYR n 
1 73  LEU n 
1 74  TYR n 
1 75  ASN n 
1 76  ASP n 
1 77  GLY n 
1 78  THR n 
1 79  SER n 
1 80  PHE n 
1 81  ILE n 
1 82  VAL n 
1 83  MET n 
1 84  ASP n 
1 85  ASP n 
1 86  LYS n 
1 87  THR n 
1 88  PHE n 
1 89  GLU n 
1 90  GLN n 
1 91  TYR n 
1 92  GLU n 
1 93  LEU n 
1 94  SER n 
1 95  PRO n 
1 96  ASP n 
1 97  ALA n 
1 98  PHE n 
1 99  GLY n 
1 100 ASP n 
1 101 ALA n 
1 102 GLY n 
1 103 ARG n 
1 104 PHE n 
1 105 LEU n 
1 106 LEU n 
1 107 GLU n 
1 108 ASN n 
1 109 MET n 
1 110 ARG n 
1 111 VAL n 
1 112 GLN n 
1 113 VAL n 
1 114 SER n 
1 115 PHE n 
1 116 HIS n 
1 117 GLU n 
1 118 GLY n 
1 119 GLU n 
1 120 ALA n 
1 121 LEU n 
1 122 PHE n 
1 123 GLY n 
1 124 GLU n 
1 125 LEU n 
1 126 PRO n 
1 127 VAL n 
1 128 SER n 
1 129 VAL n 
1 130 ASP n 
1 131 LEU n 
1 132 ARG n 
1 133 VAL n 
1 134 GLU n 
1 135 HIS n 
1 136 THR n 
1 137 ASP n 
1 138 PRO n 
1 139 GLY n 
1 140 LEU n 
1 141 GLN n 
1 142 GLY n 
1 143 ASP n 
1 144 ARG n 
1 145 SER n 
1 146 THR n 
1 147 GLY n 
1 148 GLY n 
1 149 THR n 
1 150 LYS n 
1 151 PRO n 
1 152 ALA n 
1 153 THR n 
1 154 LEU n 
1 155 GLU n 
1 156 THR n 
1 157 GLY n 
1 158 ALA n 
1 159 GLU n 
1 160 ILE n 
1 161 GLN n 
1 162 VAL n 
1 163 PRO n 
1 164 LEU n 
1 165 PHE n 
1 166 ILE n 
1 167 GLU n 
1 168 THR n 
1 169 GLY n 
1 170 ASN n 
1 171 VAL n 
1 172 LEU n 
1 173 LYS n 
1 174 VAL n 
1 175 ASP n 
1 176 THR n 
1 177 ARG n 
1 178 ASP n 
1 179 GLY n 
1 180 SER n 
1 181 TYR n 
1 182 LEU n 
1 183 SER n 
1 184 ARG n 
1 185 VAL n 
1 186 ASN n 
1 187 ASN n 
# 
_entity_src_gen.entity_id                          1 
_entity_src_gen.pdbx_src_id                        1 
_entity_src_gen.pdbx_alt_source_flag               sample 
_entity_src_gen.pdbx_seq_type                      'Biological sequence' 
_entity_src_gen.pdbx_beg_seq_num                   1 
_entity_src_gen.pdbx_end_seq_num                   187 
_entity_src_gen.gene_src_common_name               ? 
_entity_src_gen.gene_src_genus                     ? 
_entity_src_gen.pdbx_gene_src_gene                 'efp, CS176_1554' 
_entity_src_gen.gene_src_species                   ? 
_entity_src_gen.gene_src_strain                    ? 
_entity_src_gen.gene_src_tissue                    ? 
_entity_src_gen.gene_src_tissue_fraction           ? 
_entity_src_gen.gene_src_details                   ? 
_entity_src_gen.pdbx_gene_src_fragment             ? 
_entity_src_gen.pdbx_gene_src_scientific_name      'Corynebacterium glutamicum' 
_entity_src_gen.pdbx_gene_src_ncbi_taxonomy_id     1718 
_entity_src_gen.pdbx_gene_src_variant              ? 
_entity_src_gen.pdbx_gene_src_cell_line            ? 
_entity_src_gen.pdbx_gene_src_atcc                 ? 
_entity_src_gen.pdbx_gene_src_organ                ? 
_entity_src_gen.pdbx_gene_src_organelle            ? 
_entity_src_gen.pdbx_gene_src_cell                 ? 
_entity_src_gen.pdbx_gene_src_cellular_location    ? 
_entity_src_gen.host_org_common_name               ? 
_entity_src_gen.pdbx_host_org_scientific_name      'Corynebacterium glutamicum' 
_entity_src_gen.pdbx_host_org_ncbi_taxonomy_id     1718 
_entity_src_gen.host_org_genus                     ? 
_entity_src_gen.pdbx_host_org_gene                 ? 
_entity_src_gen.pdbx_host_org_organ                ? 
_entity_src_gen.host_org_species                   ? 
_entity_src_gen.pdbx_host_org_tissue               ? 
_entity_src_gen.pdbx_host_org_tissue_fraction      ? 
_entity_src_gen.pdbx_host_org_strain               ? 
_entity_src_gen.pdbx_host_org_variant              ? 
_entity_src_gen.pdbx_host_org_cell_line            ? 
_entity_src_gen.pdbx_host_org_atcc                 ? 
_entity_src_gen.pdbx_host_org_culture_collection   ? 
_entity_src_gen.pdbx_host_org_cell                 ? 
_entity_src_gen.pdbx_host_org_organelle            ? 
_entity_src_gen.pdbx_host_org_cellular_location    ? 
_entity_src_gen.pdbx_host_org_vector_type          ? 
_entity_src_gen.pdbx_host_org_vector               ? 
_entity_src_gen.host_org_details                   ? 
_entity_src_gen.expression_system_id               ? 
_entity_src_gen.plasmid_name                       ? 
_entity_src_gen.plasmid_details                    ? 
_entity_src_gen.pdbx_description                   ? 
# 
loop_
_chem_comp.id 
_chem_comp.type 
_chem_comp.mon_nstd_flag 
_chem_comp.name 
_chem_comp.pdbx_synonyms 
_chem_comp.formula 
_chem_comp.formula_weight 
ACT non-polymer         . 'ACETATE ION'   ?                 'C2 H3 O2 -1'    59.044  
ALA 'L-peptide linking' y ALANINE         ?                 'C3 H7 N O2'     89.093  
ARG 'L-peptide linking' y ARGININE        ?                 'C6 H15 N4 O2 1' 175.209 
ASN 'L-peptide linking' y ASPARAGINE      ?                 'C4 H8 N2 O3'    132.118 
ASP 'L-peptide linking' y 'ASPARTIC ACID' ?                 'C4 H7 N O4'     133.103 
EDO non-polymer         . 1,2-ETHANEDIOL  'ETHYLENE GLYCOL' 'C2 H6 O2'       62.068  
GLN 'L-peptide linking' y GLUTAMINE       ?                 'C5 H10 N2 O3'   146.144 
GLU 'L-peptide linking' y 'GLUTAMIC ACID' ?                 'C5 H9 N O4'     147.129 
GLY 'peptide linking'   y GLYCINE         ?                 'C2 H5 N O2'     75.067  
HIS 'L-peptide linking' y HISTIDINE       ?                 'C6 H10 N3 O2 1' 156.162 
HOH non-polymer         . WATER           ?                 'H2 O'           18.015  
ILE 'L-peptide linking' y ISOLEUCINE      ?                 'C6 H13 N O2'    131.173 
LEU 'L-peptide linking' y LEUCINE         ?                 'C6 H13 N O2'    131.173 
LYS 'L-peptide linking' y LYSINE          ?                 'C6 H15 N2 O2 1' 147.195 
MET 'L-peptide linking' y METHIONINE      ?                 'C5 H11 N O2 S'  149.211 
NA  non-polymer         . 'SODIUM ION'    ?                 'Na 1'           22.990  
PHE 'L-peptide linking' y PHENYLALANINE   ?                 'C9 H11 N O2'    165.189 
PRO 'L-peptide linking' y PROLINE         ?                 'C5 H9 N O2'     115.130 
SER 'L-peptide linking' y SERINE          ?                 'C3 H7 N O3'     105.093 
THR 'L-peptide linking' y THREONINE       ?                 'C4 H9 N O3'     119.119 
TRP 'L-peptide linking' y TRYPTOPHAN      ?                 'C11 H12 N2 O2'  204.225 
TYR 'L-peptide linking' y TYROSINE        ?                 'C9 H11 N O3'    181.189 
VAL 'L-peptide linking' y VALINE          ?                 'C5 H11 N O2'    117.146 
# 
loop_
_pdbx_poly_seq_scheme.asym_id 
_pdbx_poly_seq_scheme.entity_id 
_pdbx_poly_seq_scheme.seq_id 
_pdbx_poly_seq_scheme.mon_id 
_pdbx_poly_seq_scheme.ndb_seq_num 
_pdbx_poly_seq_scheme.pdb_seq_num 
_pdbx_poly_seq_scheme.auth_seq_num 
_pdbx_poly_seq_scheme.pdb_mon_id 
_pdbx_poly_seq_scheme.auth_mon_id 
_pdbx_poly_seq_scheme.pdb_strand_id 
_pdbx_poly_seq_scheme.pdb_ins_code 
_pdbx_poly_seq_scheme.hetero 
A 1 1   MET 1   1   ?   ?   ?   A . n 
A 1 2   ALA 2   2   2   ALA ALA A . n 
A 1 3   THR 3   3   3   THR THR A . n 
A 1 4   THR 4   4   4   THR THR A . n 
A 1 5   ALA 5   5   5   ALA ALA A . n 
A 1 6   ASP 6   6   6   ASP ASP A . n 
A 1 7   PHE 7   7   7   PHE PHE A . n 
A 1 8   LYS 8   8   8   LYS LYS A . n 
A 1 9   ASN 9   9   9   ASN ASN A . n 
A 1 10  GLY 10  10  10  GLY GLY A . n 
A 1 11  LEU 11  11  11  LEU LEU A . n 
A 1 12  VAL 12  12  12  VAL VAL A . n 
A 1 13  LEU 13  13  13  LEU LEU A . n 
A 1 14  LYS 14  14  14  LYS LYS A . n 
A 1 15  ASN 15  15  15  ASN ASN A . n 
A 1 16  GLU 16  16  16  GLU GLU A . n 
A 1 17  GLY 17  17  17  GLY GLY A . n 
A 1 18  LYS 18  18  18  LYS LYS A . n 
A 1 19  LEU 19  19  19  LEU LEU A . n 
A 1 20  GLN 20  20  20  GLN GLN A . n 
A 1 21  GLN 21  21  21  GLN GLN A . n 
A 1 22  ILE 22  22  22  ILE ILE A . n 
A 1 23  ILE 23  23  23  ILE ILE A . n 
A 1 24  GLU 24  24  24  GLU GLU A . n 
A 1 25  PHE 25  25  25  PHE PHE A . n 
A 1 26  GLN 26  26  26  GLN GLN A . n 
A 1 27  HIS 27  27  27  HIS HIS A . n 
A 1 28  VAL 28  28  28  VAL VAL A . n 
A 1 29  LYS 29  29  29  LYS LYS A . n 
A 1 30  PRO 30  30  30  PRO PRO A . n 
A 1 31  GLY 31  31  31  GLY GLY A . n 
A 1 32  LYS 32  32  32  LYS LYS A . n 
A 1 33  GLY 33  33  33  GLY GLY A . n 
A 1 34  PRO 34  34  34  PRO PRO A . n 
A 1 35  ALA 35  35  35  ALA ALA A . n 
A 1 36  PHE 36  36  36  PHE PHE A . n 
A 1 37  VAL 37  37  37  VAL VAL A . n 
A 1 38  ARG 38  38  38  ARG ARG A . n 
A 1 39  THR 39  39  39  THR THR A . n 
A 1 40  LYS 40  40  40  LYS LYS A . n 
A 1 41  LEU 41  41  41  LEU LEU A . n 
A 1 42  LYS 42  42  42  LYS LYS A . n 
A 1 43  ASP 43  43  43  ASP ASP A . n 
A 1 44  VAL 44  44  44  VAL VAL A . n 
A 1 45  VAL 45  45  45  VAL VAL A . n 
A 1 46  THR 46  46  46  THR THR A . n 
A 1 47  GLY 47  47  47  GLY GLY A . n 
A 1 48  LYS 48  48  48  LYS LYS A . n 
A 1 49  THR 49  49  49  THR THR A . n 
A 1 50  ILE 50  50  50  ILE ILE A . n 
A 1 51  ASP 51  51  51  ASP ASP A . n 
A 1 52  LYS 52  52  52  LYS LYS A . n 
A 1 53  THR 53  53  53  THR THR A . n 
A 1 54  TRP 54  54  54  TRP TRP A . n 
A 1 55  ASN 55  55  55  ASN ASN A . n 
A 1 56  ALA 56  56  56  ALA ALA A . n 
A 1 57  GLY 57  57  57  GLY GLY A . n 
A 1 58  VAL 58  58  58  VAL VAL A . n 
A 1 59  LYS 59  59  59  LYS LYS A . n 
A 1 60  VAL 60  60  60  VAL VAL A . n 
A 1 61  GLU 61  61  61  GLU GLU A . n 
A 1 62  THR 62  62  62  THR THR A . n 
A 1 63  ALA 63  63  63  ALA ALA A . n 
A 1 64  THR 64  64  64  THR THR A . n 
A 1 65  VAL 65  65  65  VAL VAL A . n 
A 1 66  ASP 66  66  66  ASP ASP A . n 
A 1 67  ARG 67  67  67  ARG ARG A . n 
A 1 68  ARG 68  68  68  ARG ARG A . n 
A 1 69  ASP 69  69  69  ASP ASP A . n 
A 1 70  VAL 70  70  70  VAL VAL A . n 
A 1 71  THR 71  71  71  THR THR A . n 
A 1 72  TYR 72  72  72  TYR TYR A . n 
A 1 73  LEU 73  73  73  LEU LEU A . n 
A 1 74  TYR 74  74  74  TYR TYR A . n 
A 1 75  ASN 75  75  75  ASN ASN A . n 
A 1 76  ASP 76  76  76  ASP ASP A . n 
A 1 77  GLY 77  77  77  GLY GLY A . n 
A 1 78  THR 78  78  78  THR THR A . n 
A 1 79  SER 79  79  79  SER SER A . n 
A 1 80  PHE 80  80  80  PHE PHE A . n 
A 1 81  ILE 81  81  81  ILE ILE A . n 
A 1 82  VAL 82  82  82  VAL VAL A . n 
A 1 83  MET 83  83  83  MET MET A . n 
A 1 84  ASP 84  84  84  ASP ASP A . n 
A 1 85  ASP 85  85  85  ASP ASP A . n 
A 1 86  LYS 86  86  86  LYS LYS A . n 
A 1 87  THR 87  87  87  THR THR A . n 
A 1 88  PHE 88  88  88  PHE PHE A . n 
A 1 89  GLU 89  89  89  GLU GLU A . n 
A 1 90  GLN 90  90  90  GLN GLN A . n 
A 1 91  TYR 91  91  91  TYR TYR A . n 
A 1 92  GLU 92  92  92  GLU GLU A . n 
A 1 93  LEU 93  93  93  LEU LEU A . n 
A 1 94  SER 94  94  94  SER SER A . n 
A 1 95  PRO 95  95  95  PRO PRO A . n 
A 1 96  ASP 96  96  96  ASP ASP A . n 
A 1 97  ALA 97  97  97  ALA ALA A . n 
A 1 98  PHE 98  98  98  PHE PHE A . n 
A 1 99  GLY 99  99  99  GLY GLY A . n 
A 1 100 ASP 100 100 100 ASP ASP A . n 
A 1 101 ALA 101 101 101 ALA ALA A . n 
A 1 102 GLY 102 102 102 GLY GLY A . n 
A 1 103 ARG 103 103 103 ARG ARG A . n 
A 1 104 PHE 104 104 104 PHE PHE A . n 
A 1 105 LEU 105 105 105 LEU LEU A . n 
A 1 106 LEU 106 106 106 LEU LEU A . n 
A 1 107 GLU 107 107 107 GLU GLU A . n 
A 1 108 ASN 108 108 108 ASN ASN A . n 
A 1 109 MET 109 109 109 MET MET A . n 
A 1 110 ARG 110 110 110 ARG ARG A . n 
A 1 111 VAL 111 111 111 VAL VAL A . n 
A 1 112 GLN 112 112 112 GLN GLN A . n 
A 1 113 VAL 113 113 113 VAL VAL A . n 
A 1 114 SER 114 114 114 SER SER A . n 
A 1 115 PHE 115 115 115 PHE PHE A . n 
A 1 116 HIS 116 116 116 HIS HIS A . n 
A 1 117 GLU 117 117 117 GLU GLU A . n 
A 1 118 GLY 118 118 118 GLY GLY A . n 
A 1 119 GLU 119 119 119 GLU GLU A . n 
A 1 120 ALA 120 120 120 ALA ALA A . n 
A 1 121 LEU 121 121 121 LEU LEU A . n 
A 1 122 PHE 122 122 122 PHE PHE A . n 
A 1 123 GLY 123 123 123 GLY GLY A . n 
A 1 124 GLU 124 124 124 GLU GLU A . n 
A 1 125 LEU 125 125 125 LEU LEU A . n 
A 1 126 PRO 126 126 126 PRO PRO A . n 
A 1 127 VAL 127 127 127 VAL VAL A . n 
A 1 128 SER 128 128 128 SER SER A . n 
A 1 129 VAL 129 129 129 VAL VAL A . n 
A 1 130 ASP 130 130 130 ASP ASP A . n 
A 1 131 LEU 131 131 131 LEU LEU A . n 
A 1 132 ARG 132 132 132 ARG ARG A . n 
A 1 133 VAL 133 133 133 VAL VAL A . n 
A 1 134 GLU 134 134 134 GLU GLU A . n 
A 1 135 HIS 135 135 135 HIS HIS A . n 
A 1 136 THR 136 136 136 THR THR A . n 
A 1 137 ASP 137 137 137 ASP ASP A . n 
A 1 138 PRO 138 138 138 PRO PRO A . n 
A 1 139 GLY 139 139 139 GLY GLY A . n 
A 1 140 LEU 140 140 140 LEU LEU A . n 
A 1 141 GLN 141 141 141 GLN GLN A . n 
A 1 142 GLY 142 142 142 GLY GLY A . n 
A 1 143 ASP 143 143 143 ASP ASP A . n 
A 1 144 ARG 144 144 144 ARG ARG A . n 
A 1 145 SER 145 145 145 SER SER A . n 
A 1 146 THR 146 146 ?   ?   ?   A . n 
A 1 147 GLY 147 147 147 GLY GLY A . n 
A 1 148 GLY 148 148 148 GLY GLY A . n 
A 1 149 THR 149 149 149 THR THR A . n 
A 1 150 LYS 150 150 150 LYS LYS A . n 
A 1 151 PRO 151 151 151 PRO PRO A . n 
A 1 152 ALA 152 152 152 ALA ALA A . n 
A 1 153 THR 153 153 153 THR THR A . n 
A 1 154 LEU 154 154 154 LEU LEU A . n 
A 1 155 GLU 155 155 155 GLU GLU A . n 
A 1 156 THR 156 156 156 THR THR A . n 
A 1 157 GLY 157 157 157 GLY GLY A . n 
A 1 158 ALA 158 158 158 ALA ALA A . n 
A 1 159 GLU 159 159 159 GLU GLU A . n 
A 1 160 ILE 160 160 160 ILE ILE A . n 
A 1 161 GLN 161 161 161 GLN GLN A . n 
A 1 162 VAL 162 162 162 VAL VAL A . n 
A 1 163 PRO 163 163 163 PRO PRO A . n 
A 1 164 LEU 164 164 164 LEU LEU A . n 
A 1 165 PHE 165 165 165 PHE PHE A . n 
A 1 166 ILE 166 166 166 ILE ILE A . n 
A 1 167 GLU 167 167 167 GLU GLU A . n 
A 1 168 THR 168 168 168 THR THR A . n 
A 1 169 GLY 169 169 169 GLY GLY A . n 
A 1 170 ASN 170 170 170 ASN ASN A . n 
A 1 171 VAL 171 171 171 VAL VAL A . n 
A 1 172 LEU 172 172 172 LEU LEU A . n 
A 1 173 LYS 173 173 173 LYS LYS A . n 
A 1 174 VAL 174 174 174 VAL VAL A . n 
A 1 175 ASP 175 175 175 ASP ASP A . n 
A 1 176 THR 176 176 176 THR THR A . n 
A 1 177 ARG 177 177 177 ARG ARG A . n 
A 1 178 ASP 178 178 178 ASP ASP A . n 
A 1 179 GLY 179 179 179 GLY GLY A . n 
A 1 180 SER 180 180 180 SER SER A . n 
A 1 181 TYR 181 181 181 TYR TYR A . n 
A 1 182 LEU 182 182 182 LEU LEU A . n 
A 1 183 SER 183 183 183 SER SER A . n 
A 1 184 ARG 184 184 184 ARG ARG A . n 
A 1 185 VAL 185 185 185 VAL VAL A . n 
A 1 186 ASN 186 186 186 ASN ASN A . n 
A 1 187 ASN 187 187 187 ASN ASN A . n 
# 
loop_
_pdbx_nonpoly_scheme.asym_id 
_pdbx_nonpoly_scheme.entity_id 
_pdbx_nonpoly_scheme.mon_id 
_pdbx_nonpoly_scheme.ndb_seq_num 
_pdbx_nonpoly_scheme.pdb_seq_num 
_pdbx_nonpoly_scheme.auth_seq_num 
_pdbx_nonpoly_scheme.pdb_mon_id 
_pdbx_nonpoly_scheme.auth_mon_id 
_pdbx_nonpoly_scheme.pdb_strand_id 
_pdbx_nonpoly_scheme.pdb_ins_code 
B 2 ACT 1  201 201 ACT ACT A . 
C 2 ACT 1  202 2   ACT ACT A . 
D 2 ACT 1  203 3   ACT ACT A . 
E 3 EDO 1  204 5   EDO EDO A . 
F 4 NA  1  205 1   NA  NA  A . 
G 5 HOH 1  301 26  HOH HOH A . 
G 5 HOH 2  302 3   HOH HOH A . 
G 5 HOH 3  303 6   HOH HOH A . 
G 5 HOH 4  304 21  HOH HOH A . 
G 5 HOH 5  305 28  HOH HOH A . 
G 5 HOH 6  306 33  HOH HOH A . 
G 5 HOH 7  307 44  HOH HOH A . 
G 5 HOH 8  308 27  HOH HOH A . 
G 5 HOH 9  309 39  HOH HOH A . 
G 5 HOH 10 310 16  HOH HOH A . 
G 5 HOH 11 311 10  HOH HOH A . 
G 5 HOH 12 312 45  HOH HOH A . 
G 5 HOH 13 313 49  HOH HOH A . 
G 5 HOH 14 314 1   HOH HOH A . 
G 5 HOH 15 315 57  HOH HOH A . 
G 5 HOH 16 316 56  HOH HOH A . 
G 5 HOH 17 317 50  HOH HOH A . 
G 5 HOH 18 318 18  HOH HOH A . 
G 5 HOH 19 319 12  HOH HOH A . 
G 5 HOH 20 320 2   HOH HOH A . 
G 5 HOH 21 321 34  HOH HOH A . 
G 5 HOH 22 322 40  HOH HOH A . 
G 5 HOH 23 323 25  HOH HOH A . 
G 5 HOH 24 324 48  HOH HOH A . 
G 5 HOH 25 325 20  HOH HOH A . 
G 5 HOH 26 326 17  HOH HOH A . 
G 5 HOH 27 327 54  HOH HOH A . 
G 5 HOH 28 328 32  HOH HOH A . 
G 5 HOH 29 329 22  HOH HOH A . 
G 5 HOH 30 330 15  HOH HOH A . 
G 5 HOH 31 331 4   HOH HOH A . 
G 5 HOH 32 332 55  HOH HOH A . 
G 5 HOH 33 333 5   HOH HOH A . 
G 5 HOH 34 334 11  HOH HOH A . 
G 5 HOH 35 335 19  HOH HOH A . 
G 5 HOH 36 336 9   HOH HOH A . 
G 5 HOH 37 337 46  HOH HOH A . 
G 5 HOH 38 338 58  HOH HOH A . 
G 5 HOH 39 339 29  HOH HOH A . 
G 5 HOH 40 340 47  HOH HOH A . 
G 5 HOH 41 341 41  HOH HOH A . 
G 5 HOH 42 342 8   HOH HOH A . 
G 5 HOH 43 343 51  HOH HOH A . 
G 5 HOH 44 344 37  HOH HOH A . 
G 5 HOH 45 345 52  HOH HOH A . 
G 5 HOH 46 346 53  HOH HOH A . 
G 5 HOH 47 347 7   HOH HOH A . 
G 5 HOH 48 348 13  HOH HOH A . 
G 5 HOH 49 349 42  HOH HOH A . 
G 5 HOH 50 350 30  HOH HOH A . 
G 5 HOH 51 351 36  HOH HOH A . 
G 5 HOH 52 352 14  HOH HOH A . 
G 5 HOH 53 353 31  HOH HOH A . 
G 5 HOH 54 354 35  HOH HOH A . 
G 5 HOH 55 355 24  HOH HOH A . 
G 5 HOH 56 356 59  HOH HOH A . 
# 
loop_
_software.citation_id 
_software.classification 
_software.compiler_name 
_software.compiler_version 
_software.contact_author 
_software.contact_author_email 
_software.date 
_software.description 
_software.dependencies 
_software.hardware 
_software.language 
_software.location 
_software.mods 
_software.name 
_software.os 
_software.os_version 
_software.type 
_software.version 
_software.pdbx_ordinal 
? refinement       ? ? ? ? ? ? ? ? ? ? ? PHENIX ? ? ? . 1 
? 'data reduction' ? ? ? ? ? ? ? ? ? ? ? XDS    ? ? ? . 2 
? 'data scaling'   ? ? ? ? ? ? ? ? ? ? ? XDS    ? ? ? . 3 
? phasing          ? ? ? ? ? ? ? ? ? ? ? PHASER ? ? ? . 4 
# 
_cell.angle_alpha                  90.000 
_cell.angle_alpha_esd              ? 
_cell.angle_beta                   93.090 
_cell.angle_beta_esd               ? 
_cell.angle_gamma                  90.000 
_cell.angle_gamma_esd              ? 
_cell.entry_id                     6S8Z 
_cell.details                      ? 
_cell.formula_units_Z              ? 
_cell.length_a                     51.201 
_cell.length_a_esd                 ? 
_cell.length_b                     38.163 
_cell.length_b_esd                 ? 
_cell.length_c                     55.356 
_cell.length_c_esd                 ? 
_cell.volume                       108007.464 
_cell.volume_esd                   ? 
_cell.Z_PDB                        2 
_cell.reciprocal_angle_alpha       ? 
_cell.reciprocal_angle_beta        ? 
_cell.reciprocal_angle_gamma       ? 
_cell.reciprocal_angle_alpha_esd   ? 
_cell.reciprocal_angle_beta_esd    ? 
_cell.reciprocal_angle_gamma_esd   ? 
_cell.reciprocal_length_a          ? 
_cell.reciprocal_length_b          ? 
_cell.reciprocal_length_c          ? 
_cell.reciprocal_length_a_esd      ? 
_cell.reciprocal_length_b_esd      ? 
_cell.reciprocal_length_c_esd      ? 
_cell.pdbx_unique_axis             ? 
# 
_symmetry.entry_id                         6S8Z 
_symmetry.cell_setting                     ? 
_symmetry.Int_Tables_number                4 
_symmetry.space_group_name_Hall            'P 2yb' 
_symmetry.space_group_name_H-M             'P 1 21 1' 
_symmetry.pdbx_full_space_group_name_H-M   ? 
# 
_exptl.absorpt_coefficient_mu     ? 
_exptl.absorpt_correction_T_max   ? 
_exptl.absorpt_correction_T_min   ? 
_exptl.absorpt_correction_type    ? 
_exptl.absorpt_process_details    ? 
_exptl.entry_id                   6S8Z 
_exptl.crystals_number            1 
_exptl.details                    ? 
_exptl.method                     'X-RAY DIFFRACTION' 
_exptl.method_details             ? 
# 
_exptl_crystal.colour                      ? 
_exptl_crystal.density_diffrn              ? 
_exptl_crystal.density_Matthews            2.61 
_exptl_crystal.density_method              ? 
_exptl_crystal.density_percent_sol         52.93 
_exptl_crystal.description                 ? 
_exptl_crystal.F_000                       ? 
_exptl_crystal.id                          1 
_exptl_crystal.preparation                 ? 
_exptl_crystal.size_max                    ? 
_exptl_crystal.size_mid                    ? 
_exptl_crystal.size_min                    ? 
_exptl_crystal.size_rad                    ? 
_exptl_crystal.colour_lustre               ? 
_exptl_crystal.colour_modifier             ? 
_exptl_crystal.colour_primary              ? 
_exptl_crystal.density_meas                ? 
_exptl_crystal.density_meas_esd            ? 
_exptl_crystal.density_meas_gt             ? 
_exptl_crystal.density_meas_lt             ? 
_exptl_crystal.density_meas_temp           ? 
_exptl_crystal.density_meas_temp_esd       ? 
_exptl_crystal.density_meas_temp_gt        ? 
_exptl_crystal.density_meas_temp_lt        ? 
_exptl_crystal.pdbx_crystal_image_url      ? 
_exptl_crystal.pdbx_crystal_image_format   ? 
_exptl_crystal.pdbx_mosaicity              ? 
_exptl_crystal.pdbx_mosaicity_esd          ? 
# 
_exptl_crystal_grow.apparatus       ? 
_exptl_crystal_grow.atmosphere      ? 
_exptl_crystal_grow.crystal_id      1 
_exptl_crystal_grow.details         ? 
_exptl_crystal_grow.method          'VAPOR DIFFUSION, SITTING DROP' 
_exptl_crystal_grow.method_ref      ? 
_exptl_crystal_grow.pH              7.5 
_exptl_crystal_grow.pressure        ? 
_exptl_crystal_grow.pressure_esd    ? 
_exptl_crystal_grow.seeding         ? 
_exptl_crystal_grow.seeding_ref     ? 
_exptl_crystal_grow.temp            293 
_exptl_crystal_grow.temp_details    ? 
_exptl_crystal_grow.temp_esd        ? 
_exptl_crystal_grow.time            ? 
_exptl_crystal_grow.pdbx_details    
;0.1 M Sodium acetate
0.1 M HEPES pH 7.5
22 %(w/v) PEG 4000
;
_exptl_crystal_grow.pdbx_pH_range   ? 
# 
_diffrn.ambient_environment              ? 
_diffrn.ambient_temp                     100 
_diffrn.ambient_temp_details             ? 
_diffrn.ambient_temp_esd                 ? 
_diffrn.crystal_id                       1 
_diffrn.crystal_support                  ? 
_diffrn.crystal_treatment                ? 
_diffrn.details                          ? 
_diffrn.id                               1 
_diffrn.ambient_pressure                 ? 
_diffrn.ambient_pressure_esd             ? 
_diffrn.ambient_pressure_gt              ? 
_diffrn.ambient_pressure_lt              ? 
_diffrn.ambient_temp_gt                  ? 
_diffrn.ambient_temp_lt                  ? 
_diffrn.pdbx_serial_crystal_experiment   N 
# 
_diffrn_detector.details                      ? 
_diffrn_detector.detector                     PIXEL 
_diffrn_detector.diffrn_id                    1 
_diffrn_detector.type                         'DECTRIS EIGER X 4M' 
_diffrn_detector.area_resol_mean              ? 
_diffrn_detector.dtime                        ? 
_diffrn_detector.pdbx_frames_total            ? 
_diffrn_detector.pdbx_collection_time_total   ? 
_diffrn_detector.pdbx_collection_date         2018-07-05 
_diffrn_detector.pdbx_frequency               ? 
# 
_diffrn_radiation.collimation                      ? 
_diffrn_radiation.diffrn_id                        1 
_diffrn_radiation.filter_edge                      ? 
_diffrn_radiation.inhomogeneity                    ? 
_diffrn_radiation.monochromator                    ? 
_diffrn_radiation.polarisn_norm                    ? 
_diffrn_radiation.polarisn_ratio                   ? 
_diffrn_radiation.probe                            ? 
_diffrn_radiation.type                             ? 
_diffrn_radiation.xray_symbol                      ? 
_diffrn_radiation.wavelength_id                    1 
_diffrn_radiation.pdbx_monochromatic_or_laue_m_l   M 
_diffrn_radiation.pdbx_wavelength_list             ? 
_diffrn_radiation.pdbx_wavelength                  ? 
_diffrn_radiation.pdbx_diffrn_protocol             'SINGLE WAVELENGTH' 
_diffrn_radiation.pdbx_analyzer                    ? 
_diffrn_radiation.pdbx_scattering_type             x-ray 
# 
_diffrn_radiation_wavelength.id           1 
_diffrn_radiation_wavelength.wavelength   0.968 
_diffrn_radiation_wavelength.wt           1.0 
# 
_diffrn_source.current                     ? 
_diffrn_source.details                     ? 
_diffrn_source.diffrn_id                   1 
_diffrn_source.power                       ? 
_diffrn_source.size                        ? 
_diffrn_source.source                      SYNCHROTRON 
_diffrn_source.target                      ? 
_diffrn_source.type                        'ESRF BEAMLINE ID30B' 
_diffrn_source.voltage                     ? 
_diffrn_source.take-off_angle              ? 
_diffrn_source.pdbx_wavelength_list        0.968 
_diffrn_source.pdbx_wavelength             ? 
_diffrn_source.pdbx_synchrotron_beamline   ID30B 
_diffrn_source.pdbx_synchrotron_site       ESRF 
# 
_reflns.B_iso_Wilson_estimate            ? 
_reflns.entry_id                         6S8Z 
_reflns.data_reduction_details           ? 
_reflns.data_reduction_method            ? 
_reflns.d_resolution_high                2.2 
_reflns.d_resolution_low                 38.58 
_reflns.details                          ? 
_reflns.limit_h_max                      ? 
_reflns.limit_h_min                      ? 
_reflns.limit_k_max                      ? 
_reflns.limit_k_min                      ? 
_reflns.limit_l_max                      ? 
_reflns.limit_l_min                      ? 
_reflns.number_all                       ? 
_reflns.number_obs                       10932 
_reflns.observed_criterion               ? 
_reflns.observed_criterion_F_max         ? 
_reflns.observed_criterion_F_min         ? 
_reflns.observed_criterion_I_max         ? 
_reflns.observed_criterion_I_min         ? 
_reflns.observed_criterion_sigma_F       ? 
_reflns.observed_criterion_sigma_I       ? 
_reflns.percent_possible_obs             98.6 
_reflns.R_free_details                   ? 
_reflns.Rmerge_F_all                     ? 
_reflns.Rmerge_F_obs                     ? 
_reflns.Friedel_coverage                 ? 
_reflns.number_gt                        ? 
_reflns.threshold_expression             ? 
_reflns.pdbx_redundancy                  4.9 
_reflns.pdbx_Rmerge_I_obs                0.129 
_reflns.pdbx_Rmerge_I_all                ? 
_reflns.pdbx_Rsym_value                  ? 
_reflns.pdbx_netI_over_av_sigmaI         ? 
_reflns.pdbx_netI_over_sigmaI            7.98 
_reflns.pdbx_res_netI_over_av_sigmaI_2   ? 
_reflns.pdbx_res_netI_over_sigmaI_2      ? 
_reflns.pdbx_chi_squared                 ? 
_reflns.pdbx_scaling_rejects             ? 
_reflns.pdbx_d_res_high_opt              ? 
_reflns.pdbx_d_res_low_opt               ? 
_reflns.pdbx_d_res_opt_method            ? 
_reflns.phase_calculation_details        ? 
_reflns.pdbx_Rrim_I_all                  0.145 
_reflns.pdbx_Rpim_I_all                  0.065 
_reflns.pdbx_d_opt                       ? 
_reflns.pdbx_number_measured_all         ? 
_reflns.pdbx_diffrn_id                   1 
_reflns.pdbx_ordinal                     1 
_reflns.pdbx_CC_half                     0.996 
_reflns.pdbx_R_split                     ? 
# 
_reflns_shell.d_res_high                  2.2 
_reflns_shell.d_res_low                   2.279 
_reflns_shell.meanI_over_sigI_all         ? 
_reflns_shell.meanI_over_sigI_obs         0.63 
_reflns_shell.number_measured_all         ? 
_reflns_shell.number_measured_obs         ? 
_reflns_shell.number_possible             ? 
_reflns_shell.number_unique_all           ? 
_reflns_shell.number_unique_obs           1081 
_reflns_shell.percent_possible_all        98.90 
_reflns_shell.percent_possible_obs        ? 
_reflns_shell.Rmerge_F_all                ? 
_reflns_shell.Rmerge_F_obs                ? 
_reflns_shell.Rmerge_I_all                ? 
_reflns_shell.Rmerge_I_obs                2.355 
_reflns_shell.meanI_over_sigI_gt          ? 
_reflns_shell.meanI_over_uI_all           ? 
_reflns_shell.meanI_over_uI_gt            ? 
_reflns_shell.number_measured_gt          ? 
_reflns_shell.number_unique_gt            ? 
_reflns_shell.percent_possible_gt         ? 
_reflns_shell.Rmerge_F_gt                 ? 
_reflns_shell.Rmerge_I_gt                 ? 
_reflns_shell.pdbx_redundancy             5.1 
_reflns_shell.pdbx_Rsym_value             ? 
_reflns_shell.pdbx_chi_squared            ? 
_reflns_shell.pdbx_netI_over_sigmaI_all   ? 
_reflns_shell.pdbx_netI_over_sigmaI_obs   ? 
_reflns_shell.pdbx_Rrim_I_all             2.631 
_reflns_shell.pdbx_Rpim_I_all             1.158 
_reflns_shell.pdbx_rejects                ? 
_reflns_shell.pdbx_ordinal                1 
_reflns_shell.pdbx_diffrn_id              1 
_reflns_shell.pdbx_CC_half                0.613 
_reflns_shell.pdbx_R_split                ? 
# 
_refine.aniso_B[1][1]                            ? 
_refine.aniso_B[1][2]                            ? 
_refine.aniso_B[1][3]                            ? 
_refine.aniso_B[2][2]                            ? 
_refine.aniso_B[2][3]                            ? 
_refine.aniso_B[3][3]                            ? 
_refine.B_iso_max                                ? 
_refine.B_iso_mean                               30.68 
_refine.B_iso_min                                ? 
_refine.correlation_coeff_Fo_to_Fc               ? 
_refine.correlation_coeff_Fo_to_Fc_free          ? 
_refine.details                                  ? 
_refine.diff_density_max                         ? 
_refine.diff_density_max_esd                     ? 
_refine.diff_density_min                         ? 
_refine.diff_density_min_esd                     ? 
_refine.diff_density_rms                         ? 
_refine.diff_density_rms_esd                     ? 
_refine.entry_id                                 6S8Z 
_refine.pdbx_refine_id                           'X-RAY DIFFRACTION' 
_refine.ls_abs_structure_details                 ? 
_refine.ls_abs_structure_Flack                   ? 
_refine.ls_abs_structure_Flack_esd               ? 
_refine.ls_abs_structure_Rogers                  ? 
_refine.ls_abs_structure_Rogers_esd              ? 
_refine.ls_d_res_high                            2.2 
_refine.ls_d_res_low                             38.58 
_refine.ls_extinction_coef                       ? 
_refine.ls_extinction_coef_esd                   ? 
_refine.ls_extinction_expression                 ? 
_refine.ls_extinction_method                     ? 
_refine.ls_goodness_of_fit_all                   ? 
_refine.ls_goodness_of_fit_all_esd               ? 
_refine.ls_goodness_of_fit_obs                   ? 
_refine.ls_goodness_of_fit_obs_esd               ? 
_refine.ls_hydrogen_treatment                    ? 
_refine.ls_matrix_type                           ? 
_refine.ls_number_constraints                    ? 
_refine.ls_number_parameters                     ? 
_refine.ls_number_reflns_all                     ? 
_refine.ls_number_reflns_obs                     10928 
_refine.ls_number_reflns_R_free                  ? 
_refine.ls_number_reflns_R_work                  ? 
_refine.ls_number_restraints                     ? 
_refine.ls_percent_reflns_obs                    98.6 
_refine.ls_percent_reflns_R_free                 ? 
_refine.ls_R_factor_all                          ? 
_refine.ls_R_factor_obs                          ? 
_refine.ls_R_factor_R_free                       0.265 
_refine.ls_R_factor_R_free_error                 ? 
_refine.ls_R_factor_R_free_error_details         ? 
_refine.ls_R_factor_R_work                       0.206 
_refine.ls_R_Fsqd_factor_obs                     ? 
_refine.ls_R_I_factor_obs                        ? 
_refine.ls_redundancy_reflns_all                 ? 
_refine.ls_redundancy_reflns_obs                 ? 
_refine.ls_restrained_S_all                      ? 
_refine.ls_restrained_S_obs                      ? 
_refine.ls_shift_over_esd_max                    ? 
_refine.ls_shift_over_esd_mean                   ? 
_refine.ls_structure_factor_coef                 ? 
_refine.ls_weighting_details                     ? 
_refine.ls_weighting_scheme                      ? 
_refine.ls_wR_factor_all                         ? 
_refine.ls_wR_factor_obs                         ? 
_refine.ls_wR_factor_R_free                      ? 
_refine.ls_wR_factor_R_work                      ? 
_refine.occupancy_max                            ? 
_refine.occupancy_min                            ? 
_refine.solvent_model_details                    ? 
_refine.solvent_model_param_bsol                 ? 
_refine.solvent_model_param_ksol                 ? 
_refine.ls_R_factor_gt                           ? 
_refine.ls_goodness_of_fit_gt                    ? 
_refine.ls_goodness_of_fit_ref                   ? 
_refine.ls_shift_over_su_max                     ? 
_refine.ls_shift_over_su_max_lt                  ? 
_refine.ls_shift_over_su_mean                    ? 
_refine.ls_shift_over_su_mean_lt                 ? 
_refine.pdbx_ls_sigma_I                          ? 
_refine.pdbx_ls_sigma_F                          ? 
_refine.pdbx_ls_sigma_Fsqd                       ? 
_refine.pdbx_data_cutoff_high_absF               ? 
_refine.pdbx_data_cutoff_high_rms_absF           ? 
_refine.pdbx_data_cutoff_low_absF                ? 
_refine.pdbx_isotropic_thermal_model             ? 
_refine.pdbx_ls_cross_valid_method               'FREE R-VALUE' 
_refine.pdbx_method_to_determine_struct          'MOLECULAR REPLACEMENT' 
_refine.pdbx_starting_model                      3OYY 
_refine.pdbx_stereochemistry_target_values       ? 
_refine.pdbx_R_Free_selection_details            546 
_refine.pdbx_stereochem_target_val_spec_case     ? 
_refine.pdbx_overall_ESU_R                       ? 
_refine.pdbx_overall_ESU_R_Free                  ? 
_refine.pdbx_solvent_vdw_probe_radii             ? 
_refine.pdbx_solvent_ion_probe_radii             ? 
_refine.pdbx_solvent_shrinkage_radii             ? 
_refine.pdbx_real_space_R                        ? 
_refine.pdbx_density_correlation                 ? 
_refine.pdbx_pd_number_of_powder_patterns        ? 
_refine.pdbx_pd_number_of_points                 ? 
_refine.pdbx_pd_meas_number_of_points            ? 
_refine.pdbx_pd_proc_ls_prof_R_factor            ? 
_refine.pdbx_pd_proc_ls_prof_wR_factor           ? 
_refine.pdbx_pd_Marquardt_correlation_coeff      ? 
_refine.pdbx_pd_Fsqrd_R_factor                   ? 
_refine.pdbx_pd_ls_matrix_band_width             ? 
_refine.pdbx_overall_phase_error                 ? 
_refine.pdbx_overall_SU_R_free_Cruickshank_DPI   ? 
_refine.pdbx_overall_SU_R_free_Blow_DPI          ? 
_refine.pdbx_overall_SU_R_Blow_DPI               ? 
_refine.pdbx_TLS_residual_ADP_flag               ? 
_refine.pdbx_diffrn_id                           1 
_refine.overall_SU_B                             ? 
_refine.overall_SU_ML                            ? 
_refine.overall_SU_R_Cruickshank_DPI             ? 
_refine.overall_SU_R_free                        ? 
_refine.overall_FOM_free_R_set                   ? 
_refine.overall_FOM_work_R_set                   ? 
_refine.pdbx_average_fsc_overall                 ? 
_refine.pdbx_average_fsc_work                    ? 
_refine.pdbx_average_fsc_free                    ? 
# 
_refine_hist.pdbx_refine_id                   'X-RAY DIFFRACTION' 
_refine_hist.cycle_id                         LAST 
_refine_hist.details                          ? 
_refine_hist.d_res_high                       2.2 
_refine_hist.d_res_low                        38.58 
_refine_hist.number_atoms_solvent             56 
_refine_hist.number_atoms_total               1512 
_refine_hist.number_reflns_all                ? 
_refine_hist.number_reflns_obs                ? 
_refine_hist.number_reflns_R_free             ? 
_refine_hist.number_reflns_R_work             ? 
_refine_hist.R_factor_all                     ? 
_refine_hist.R_factor_obs                     ? 
_refine_hist.R_factor_R_free                  ? 
_refine_hist.R_factor_R_work                  ? 
_refine_hist.pdbx_number_residues_total       ? 
_refine_hist.pdbx_B_iso_mean_ligand           ? 
_refine_hist.pdbx_B_iso_mean_solvent          ? 
_refine_hist.pdbx_number_atoms_protein        1439 
_refine_hist.pdbx_number_atoms_nucleic_acid   0 
_refine_hist.pdbx_number_atoms_ligand         17 
_refine_hist.pdbx_number_atoms_lipid          ? 
_refine_hist.pdbx_number_atoms_carb           ? 
_refine_hist.pdbx_pseudo_atom_details         ? 
# 
loop_
_refine_ls_restr.pdbx_refine_id 
_refine_ls_restr.criterion 
_refine_ls_restr.dev_ideal 
_refine_ls_restr.dev_ideal_target 
_refine_ls_restr.number 
_refine_ls_restr.rejects 
_refine_ls_restr.type 
_refine_ls_restr.weight 
_refine_ls_restr.pdbx_restraint_function 
'X-RAY DIFFRACTION' ? 0.0130  ? 1475 ? f_bond_d           ? ? 
'X-RAY DIFFRACTION' ? 1.7210  ? 1989 ? f_angle_d          ? ? 
'X-RAY DIFFRACTION' ? 0.0971  ? 225  ? f_chiral_restr     ? ? 
'X-RAY DIFFRACTION' ? 0.0053  ? 263  ? f_plane_restr      ? ? 
'X-RAY DIFFRACTION' ? 13.2530 ? 875  ? f_dihedral_angle_d ? ? 
# 
_struct.entry_id                     6S8Z 
_struct.title                        'Elongation Factor P from Corynebacterium glutamicum' 
_struct.pdbx_model_details           ? 
_struct.pdbx_formula_weight          ? 
_struct.pdbx_formula_weight_method   ? 
_struct.pdbx_model_type_details      ? 
_struct.pdbx_CASP_flag               N 
# 
_struct_keywords.entry_id        6S8Z 
_struct_keywords.text            'Elongation Factor P, TRANSLATION' 
_struct_keywords.pdbx_keywords   TRANSLATION 
# 
loop_
_struct_asym.id 
_struct_asym.pdbx_blank_PDB_chainid_flag 
_struct_asym.pdbx_modified 
_struct_asym.entity_id 
_struct_asym.details 
A N N 1 ? 
B N N 2 ? 
C N N 2 ? 
D N N 2 ? 
E N N 3 ? 
F N N 4 ? 
G N N 5 ? 
# 
_struct_ref.id                         1 
_struct_ref.db_name                    UNP 
_struct_ref.db_code                    A0A1B4WLR4_CORGT 
_struct_ref.pdbx_db_accession          A0A1B4WLR4 
_struct_ref.pdbx_db_isoform            ? 
_struct_ref.entity_id                  1 
_struct_ref.pdbx_seq_one_letter_code   
;MATTADFKNGLVLKNEGKLQQIIEFQHVKPGKGPAFVRTKLKDVVTGKTIDKTWNAGVKVETATVDRRDVTYLYNDGTSF
IVMDDKTFEQYELSPDAFGDAGRFLLENMRVQVSFHEGEALFGELPVSVDLRVEHTDPGLQGDRSTGGTKPATLETGAEI
QVPLFIETGNVLKVDTRDGSYLSRVNN
;
_struct_ref.pdbx_align_begin           1 
# 
_struct_ref_seq.align_id                      1 
_struct_ref_seq.ref_id                        1 
_struct_ref_seq.pdbx_PDB_id_code              6S8Z 
_struct_ref_seq.pdbx_strand_id                A 
_struct_ref_seq.seq_align_beg                 1 
_struct_ref_seq.pdbx_seq_align_beg_ins_code   ? 
_struct_ref_seq.seq_align_end                 187 
_struct_ref_seq.pdbx_seq_align_end_ins_code   ? 
_struct_ref_seq.pdbx_db_accession             A0A1B4WLR4 
_struct_ref_seq.db_align_beg                  1 
_struct_ref_seq.pdbx_db_align_beg_ins_code    ? 
_struct_ref_seq.db_align_end                  187 
_struct_ref_seq.pdbx_db_align_end_ins_code    ? 
_struct_ref_seq.pdbx_auth_seq_align_beg       1 
_struct_ref_seq.pdbx_auth_seq_align_end       187 
# 
_pdbx_struct_assembly.id                   1 
_pdbx_struct_assembly.details              software_defined_assembly 
_pdbx_struct_assembly.method_details       PISA 
_pdbx_struct_assembly.oligomeric_details   monomeric 
_pdbx_struct_assembly.oligomeric_count     1 
# 
loop_
_pdbx_struct_assembly_prop.biol_id 
_pdbx_struct_assembly_prop.type 
_pdbx_struct_assembly_prop.value 
_pdbx_struct_assembly_prop.details 
1 'ABSA (A^2)' 800   ? 
1 MORE         -6    ? 
1 'SSA (A^2)'  11220 ? 
# 
_pdbx_struct_assembly_gen.assembly_id       1 
_pdbx_struct_assembly_gen.oper_expression   1 
_pdbx_struct_assembly_gen.asym_id_list      A,B,C,D,E,F,G 
# 
_pdbx_struct_assembly_auth_evidence.id                     1 
_pdbx_struct_assembly_auth_evidence.assembly_id            1 
_pdbx_struct_assembly_auth_evidence.experimental_support   'mass spectrometry' 
_pdbx_struct_assembly_auth_evidence.details                ? 
# 
_pdbx_struct_oper_list.id                   1 
_pdbx_struct_oper_list.type                 'identity operation' 
_pdbx_struct_oper_list.name                 1_555 
_pdbx_struct_oper_list.symmetry_operation   x,y,z 
_pdbx_struct_oper_list.matrix[1][1]         1.0000000000 
_pdbx_struct_oper_list.matrix[1][2]         0.0000000000 
_pdbx_struct_oper_list.matrix[1][3]         0.0000000000 
_pdbx_struct_oper_list.vector[1]            0.0000000000 
_pdbx_struct_oper_list.matrix[2][1]         0.0000000000 
_pdbx_struct_oper_list.matrix[2][2]         1.0000000000 
_pdbx_struct_oper_list.matrix[2][3]         0.0000000000 
_pdbx_struct_oper_list.vector[2]            0.0000000000 
_pdbx_struct_oper_list.matrix[3][1]         0.0000000000 
_pdbx_struct_oper_list.matrix[3][2]         0.0000000000 
_pdbx_struct_oper_list.matrix[3][3]         1.0000000000 
_pdbx_struct_oper_list.vector[3]            0.0000000000 
# 
loop_
_struct_conf.conf_type_id 
_struct_conf.id 
_struct_conf.pdbx_PDB_helix_id 
_struct_conf.beg_label_comp_id 
_struct_conf.beg_label_asym_id 
_struct_conf.beg_label_seq_id 
_struct_conf.pdbx_beg_PDB_ins_code 
_struct_conf.end_label_comp_id 
_struct_conf.end_label_asym_id 
_struct_conf.end_label_seq_id 
_struct_conf.pdbx_end_PDB_ins_code 
_struct_conf.beg_auth_comp_id 
_struct_conf.beg_auth_asym_id 
_struct_conf.beg_auth_seq_id 
_struct_conf.end_auth_comp_id 
_struct_conf.end_auth_asym_id 
_struct_conf.end_auth_seq_id 
_struct_conf.pdbx_PDB_helix_class 
_struct_conf.details 
_struct_conf.pdbx_PDB_helix_length 
HELX_P HELX_P1 AA1 THR A 3  ? PHE A 7   ? THR A 3  PHE A 7   5 ? 5 
HELX_P HELX_P2 AA2 PHE A 98 ? LEU A 105 ? PHE A 98 LEU A 105 5 ? 8 
# 
_struct_conf_type.id          HELX_P 
_struct_conf_type.criteria    ? 
_struct_conf_type.reference   ? 
# 
loop_
_struct_sheet.id 
_struct_sheet.type 
_struct_sheet.number_strands 
_struct_sheet.details 
AA1 ? 5 ? 
AA2 ? 5 ? 
AA3 ? 5 ? 
# 
loop_
_struct_sheet_order.sheet_id 
_struct_sheet_order.range_id_1 
_struct_sheet_order.range_id_2 
_struct_sheet_order.offset 
_struct_sheet_order.sense 
AA1 1 2 ? anti-parallel 
AA1 2 3 ? anti-parallel 
AA1 3 4 ? anti-parallel 
AA1 4 5 ? anti-parallel 
AA2 1 2 ? anti-parallel 
AA2 2 3 ? anti-parallel 
AA2 3 4 ? anti-parallel 
AA2 4 5 ? anti-parallel 
AA3 1 2 ? anti-parallel 
AA3 2 3 ? anti-parallel 
AA3 3 4 ? anti-parallel 
AA3 4 5 ? anti-parallel 
# 
loop_
_struct_sheet_range.sheet_id 
_struct_sheet_range.id 
_struct_sheet_range.beg_label_comp_id 
_struct_sheet_range.beg_label_asym_id 
_struct_sheet_range.beg_label_seq_id 
_struct_sheet_range.pdbx_beg_PDB_ins_code 
_struct_sheet_range.end_label_comp_id 
_struct_sheet_range.end_label_asym_id 
_struct_sheet_range.end_label_seq_id 
_struct_sheet_range.pdbx_end_PDB_ins_code 
_struct_sheet_range.beg_auth_comp_id 
_struct_sheet_range.beg_auth_asym_id 
_struct_sheet_range.beg_auth_seq_id 
_struct_sheet_range.end_auth_comp_id 
_struct_sheet_range.end_auth_asym_id 
_struct_sheet_range.end_auth_seq_id 
AA1 1 THR A 49  ? ASN A 55  ? THR A 49  ASN A 55  
AA1 2 PHE A 36  ? ASP A 43  ? PHE A 36  ASP A 43  
AA1 3 LYS A 18  ? VAL A 28  ? LYS A 18  VAL A 28  
AA1 4 VAL A 12  ? ASN A 15  ? VAL A 12  ASN A 15  
AA1 5 GLU A 61  ? THR A 62  ? GLU A 61  THR A 62  
AA2 1 GLN A 90  ? LEU A 93  ? GLN A 90  LEU A 93  
AA2 2 PHE A 80  ? ASP A 84  ? PHE A 80  ASP A 84  
AA2 3 ASP A 66  ? ASN A 75  ? ASP A 66  ASN A 75  
AA2 4 ARG A 110 ? HIS A 116 ? ARG A 110 HIS A 116 
AA2 5 GLU A 119 ? GLU A 124 ? GLU A 119 GLU A 124 
AA3 1 GLU A 159 ? PRO A 163 ? GLU A 159 PRO A 163 
AA3 2 THR A 149 ? LEU A 154 ? THR A 149 LEU A 154 
AA3 3 SER A 128 ? THR A 136 ? SER A 128 THR A 136 
AA3 4 VAL A 171 ? ASP A 175 ? VAL A 171 ASP A 175 
AA3 5 SER A 180 ? VAL A 185 ? SER A 180 VAL A 185 
# 
loop_
_pdbx_struct_sheet_hbond.sheet_id 
_pdbx_struct_sheet_hbond.range_id_1 
_pdbx_struct_sheet_hbond.range_id_2 
_pdbx_struct_sheet_hbond.range_1_label_atom_id 
_pdbx_struct_sheet_hbond.range_1_label_comp_id 
_pdbx_struct_sheet_hbond.range_1_label_asym_id 
_pdbx_struct_sheet_hbond.range_1_label_seq_id 
_pdbx_struct_sheet_hbond.range_1_PDB_ins_code 
_pdbx_struct_sheet_hbond.range_1_auth_atom_id 
_pdbx_struct_sheet_hbond.range_1_auth_comp_id 
_pdbx_struct_sheet_hbond.range_1_auth_asym_id 
_pdbx_struct_sheet_hbond.range_1_auth_seq_id 
_pdbx_struct_sheet_hbond.range_2_label_atom_id 
_pdbx_struct_sheet_hbond.range_2_label_comp_id 
_pdbx_struct_sheet_hbond.range_2_label_asym_id 
_pdbx_struct_sheet_hbond.range_2_label_seq_id 
_pdbx_struct_sheet_hbond.range_2_PDB_ins_code 
_pdbx_struct_sheet_hbond.range_2_auth_atom_id 
_pdbx_struct_sheet_hbond.range_2_auth_comp_id 
_pdbx_struct_sheet_hbond.range_2_auth_asym_id 
_pdbx_struct_sheet_hbond.range_2_auth_seq_id 
AA1 1 2 O ILE A 50  ? O ILE A 50  N LEU A 41  ? N LEU A 41  
AA1 2 3 O PHE A 36  ? O PHE A 36  N VAL A 28  ? N VAL A 28  
AA1 3 4 O GLN A 20  ? O GLN A 20  N LEU A 13  ? N LEU A 13  
AA1 4 5 N LYS A 14  ? N LYS A 14  O GLU A 61  ? O GLU A 61  
AA2 1 2 O TYR A 91  ? O TYR A 91  N VAL A 82  ? N VAL A 82  
AA2 2 3 O ILE A 81  ? O ILE A 81  N TYR A 74  ? N TYR A 74  
AA2 3 4 N VAL A 70  ? N VAL A 70  O VAL A 111 ? O VAL A 111 
AA2 4 5 N SER A 114 ? N SER A 114 O LEU A 121 ? O LEU A 121 
AA3 1 2 O ILE A 160 ? O ILE A 160 N ALA A 152 ? N ALA A 152 
AA3 2 3 O THR A 153 ? O THR A 153 N HIS A 135 ? N HIS A 135 
AA3 3 4 N VAL A 129 ? N VAL A 129 O VAL A 174 ? O VAL A 174 
AA3 4 5 N LYS A 173 ? N LYS A 173 O SER A 183 ? O SER A 183 
# 
loop_
_struct_site.id 
_struct_site.pdbx_evidence_code 
_struct_site.pdbx_auth_asym_id 
_struct_site.pdbx_auth_comp_id 
_struct_site.pdbx_auth_seq_id 
_struct_site.pdbx_auth_ins_code 
_struct_site.pdbx_num_residues 
_struct_site.details 
AC1 Software A ACT 201 ? 2 'binding site for residue ACT A 201' 
AC2 Software A ACT 202 ? 4 'binding site for residue ACT A 202' 
AC3 Software A ACT 203 ? 3 'binding site for residue ACT A 203' 
AC4 Software A EDO 204 ? 5 'binding site for residue EDO A 204' 
AC5 Software A NA  205 ? 1 'binding site for residue NA A 205'  
# 
loop_
_struct_site_gen.id 
_struct_site_gen.site_id 
_struct_site_gen.pdbx_num_res 
_struct_site_gen.label_comp_id 
_struct_site_gen.label_asym_id 
_struct_site_gen.label_seq_id 
_struct_site_gen.pdbx_auth_ins_code 
_struct_site_gen.auth_comp_id 
_struct_site_gen.auth_asym_id 
_struct_site_gen.auth_seq_id 
_struct_site_gen.label_atom_id 
_struct_site_gen.label_alt_id 
_struct_site_gen.symmetry 
_struct_site_gen.details 
1  AC1 2 LEU A 182 ? LEU A 182 . ? 1_555 ? 
2  AC1 2 SER A 183 ? SER A 183 . ? 1_555 ? 
3  AC2 4 ASN A 75  ? ASN A 75  . ? 1_555 ? 
4  AC2 4 GLY A 77  ? GLY A 77  . ? 1_555 ? 
5  AC2 4 THR A 78  ? THR A 78  . ? 1_555 ? 
6  AC2 4 PRO A 95  ? PRO A 95  . ? 1_555 ? 
7  AC3 3 LYS A 18  ? LYS A 18  . ? 1_555 ? 
8  AC3 3 LEU A 19  ? LEU A 19  . ? 1_555 ? 
9  AC3 3 ASP A 43  ? ASP A 43  . ? 1_555 ? 
10 AC4 5 GLN A 141 ? GLN A 141 . ? 1_555 ? 
11 AC4 5 PHE A 165 ? PHE A 165 . ? 1_555 ? 
12 AC4 5 GLU A 167 ? GLU A 167 . ? 1_555 ? 
13 AC4 5 ARG A 184 ? ARG A 184 . ? 1_555 ? 
14 AC4 5 HOH G .   ? HOH A 337 . ? 1_555 ? 
15 AC5 1 PHE A 80  ? PHE A 80  . ? 1_555 ? 
# 
loop_
_pdbx_validate_torsion.id 
_pdbx_validate_torsion.PDB_model_num 
_pdbx_validate_torsion.auth_comp_id 
_pdbx_validate_torsion.auth_asym_id 
_pdbx_validate_torsion.auth_seq_id 
_pdbx_validate_torsion.PDB_ins_code 
_pdbx_validate_torsion.label_alt_id 
_pdbx_validate_torsion.phi 
_pdbx_validate_torsion.psi 
1 1 LEU A 73  ? ? -94.01  -61.12 
2 1 THR A 78  ? ? -125.43 -54.52 
3 1 ARG A 103 ? ? -29.23  -37.60 
4 1 ASP A 178 ? ? -151.09 16.86  
5 1 LEU A 182 ? ? -102.67 -62.58 
# 
loop_
_space_group_symop.id 
_space_group_symop.operation_xyz 
1 x,y,z       
2 -x,y+1/2,-z 
# 
_pdbx_entry_details.entry_id                 6S8Z 
_pdbx_entry_details.has_ligand_of_interest   N 
_pdbx_entry_details.compound_details         ? 
_pdbx_entry_details.source_details           ? 
_pdbx_entry_details.nonpolymer_details       ? 
_pdbx_entry_details.sequence_details         ? 
# 
loop_
_pdbx_unobs_or_zero_occ_residues.id 
_pdbx_unobs_or_zero_occ_residues.PDB_model_num 
_pdbx_unobs_or_zero_occ_residues.polymer_flag 
_pdbx_unobs_or_zero_occ_residues.occupancy_flag 
_pdbx_unobs_or_zero_occ_residues.auth_asym_id 
_pdbx_unobs_or_zero_occ_residues.auth_comp_id 
_pdbx_unobs_or_zero_occ_residues.auth_seq_id 
_pdbx_unobs_or_zero_occ_residues.PDB_ins_code 
_pdbx_unobs_or_zero_occ_residues.label_asym_id 
_pdbx_unobs_or_zero_occ_residues.label_comp_id 
_pdbx_unobs_or_zero_occ_residues.label_seq_id 
1 1 Y 1 A MET 1   ? A MET 1   
2 1 Y 1 A THR 146 ? A THR 146 
# 
loop_
_chem_comp_atom.comp_id 
_chem_comp_atom.atom_id 
_chem_comp_atom.type_symbol 
_chem_comp_atom.pdbx_aromatic_flag 
_chem_comp_atom.pdbx_stereo_config 
_chem_comp_atom.pdbx_ordinal 
ACT C    C  N N 1   
ACT O    O  N N 2   
ACT OXT  O  N N 3   
ACT CH3  C  N N 4   
ACT H1   H  N N 5   
ACT H2   H  N N 6   
ACT H3   H  N N 7   
ALA N    N  N N 8   
ALA CA   C  N S 9   
ALA C    C  N N 10  
ALA O    O  N N 11  
ALA CB   C  N N 12  
ALA OXT  O  N N 13  
ALA H    H  N N 14  
ALA H2   H  N N 15  
ALA HA   H  N N 16  
ALA HB1  H  N N 17  
ALA HB2  H  N N 18  
ALA HB3  H  N N 19  
ALA HXT  H  N N 20  
ARG N    N  N N 21  
ARG CA   C  N S 22  
ARG C    C  N N 23  
ARG O    O  N N 24  
ARG CB   C  N N 25  
ARG CG   C  N N 26  
ARG CD   C  N N 27  
ARG NE   N  N N 28  
ARG CZ   C  N N 29  
ARG NH1  N  N N 30  
ARG NH2  N  N N 31  
ARG OXT  O  N N 32  
ARG H    H  N N 33  
ARG H2   H  N N 34  
ARG HA   H  N N 35  
ARG HB2  H  N N 36  
ARG HB3  H  N N 37  
ARG HG2  H  N N 38  
ARG HG3  H  N N 39  
ARG HD2  H  N N 40  
ARG HD3  H  N N 41  
ARG HE   H  N N 42  
ARG HH11 H  N N 43  
ARG HH12 H  N N 44  
ARG HH21 H  N N 45  
ARG HH22 H  N N 46  
ARG HXT  H  N N 47  
ASN N    N  N N 48  
ASN CA   C  N S 49  
ASN C    C  N N 50  
ASN O    O  N N 51  
ASN CB   C  N N 52  
ASN CG   C  N N 53  
ASN OD1  O  N N 54  
ASN ND2  N  N N 55  
ASN OXT  O  N N 56  
ASN H    H  N N 57  
ASN H2   H  N N 58  
ASN HA   H  N N 59  
ASN HB2  H  N N 60  
ASN HB3  H  N N 61  
ASN HD21 H  N N 62  
ASN HD22 H  N N 63  
ASN HXT  H  N N 64  
ASP N    N  N N 65  
ASP CA   C  N S 66  
ASP C    C  N N 67  
ASP O    O  N N 68  
ASP CB   C  N N 69  
ASP CG   C  N N 70  
ASP OD1  O  N N 71  
ASP OD2  O  N N 72  
ASP OXT  O  N N 73  
ASP H    H  N N 74  
ASP H2   H  N N 75  
ASP HA   H  N N 76  
ASP HB2  H  N N 77  
ASP HB3  H  N N 78  
ASP HD2  H  N N 79  
ASP HXT  H  N N 80  
EDO C1   C  N N 81  
EDO O1   O  N N 82  
EDO C2   C  N N 83  
EDO O2   O  N N 84  
EDO H11  H  N N 85  
EDO H12  H  N N 86  
EDO HO1  H  N N 87  
EDO H21  H  N N 88  
EDO H22  H  N N 89  
EDO HO2  H  N N 90  
GLN N    N  N N 91  
GLN CA   C  N S 92  
GLN C    C  N N 93  
GLN O    O  N N 94  
GLN CB   C  N N 95  
GLN CG   C  N N 96  
GLN CD   C  N N 97  
GLN OE1  O  N N 98  
GLN NE2  N  N N 99  
GLN OXT  O  N N 100 
GLN H    H  N N 101 
GLN H2   H  N N 102 
GLN HA   H  N N 103 
GLN HB2  H  N N 104 
GLN HB3  H  N N 105 
GLN HG2  H  N N 106 
GLN HG3  H  N N 107 
GLN HE21 H  N N 108 
GLN HE22 H  N N 109 
GLN HXT  H  N N 110 
GLU N    N  N N 111 
GLU CA   C  N S 112 
GLU C    C  N N 113 
GLU O    O  N N 114 
GLU CB   C  N N 115 
GLU CG   C  N N 116 
GLU CD   C  N N 117 
GLU OE1  O  N N 118 
GLU OE2  O  N N 119 
GLU OXT  O  N N 120 
GLU H    H  N N 121 
GLU H2   H  N N 122 
GLU HA   H  N N 123 
GLU HB2  H  N N 124 
GLU HB3  H  N N 125 
GLU HG2  H  N N 126 
GLU HG3  H  N N 127 
GLU HE2  H  N N 128 
GLU HXT  H  N N 129 
GLY N    N  N N 130 
GLY CA   C  N N 131 
GLY C    C  N N 132 
GLY O    O  N N 133 
GLY OXT  O  N N 134 
GLY H    H  N N 135 
GLY H2   H  N N 136 
GLY HA2  H  N N 137 
GLY HA3  H  N N 138 
GLY HXT  H  N N 139 
HIS N    N  N N 140 
HIS CA   C  N S 141 
HIS C    C  N N 142 
HIS O    O  N N 143 
HIS CB   C  N N 144 
HIS CG   C  Y N 145 
HIS ND1  N  Y N 146 
HIS CD2  C  Y N 147 
HIS CE1  C  Y N 148 
HIS NE2  N  Y N 149 
HIS OXT  O  N N 150 
HIS H    H  N N 151 
HIS H2   H  N N 152 
HIS HA   H  N N 153 
HIS HB2  H  N N 154 
HIS HB3  H  N N 155 
HIS HD1  H  N N 156 
HIS HD2  H  N N 157 
HIS HE1  H  N N 158 
HIS HE2  H  N N 159 
HIS HXT  H  N N 160 
HOH O    O  N N 161 
HOH H1   H  N N 162 
HOH H2   H  N N 163 
ILE N    N  N N 164 
ILE CA   C  N S 165 
ILE C    C  N N 166 
ILE O    O  N N 167 
ILE CB   C  N S 168 
ILE CG1  C  N N 169 
ILE CG2  C  N N 170 
ILE CD1  C  N N 171 
ILE OXT  O  N N 172 
ILE H    H  N N 173 
ILE H2   H  N N 174 
ILE HA   H  N N 175 
ILE HB   H  N N 176 
ILE HG12 H  N N 177 
ILE HG13 H  N N 178 
ILE HG21 H  N N 179 
ILE HG22 H  N N 180 
ILE HG23 H  N N 181 
ILE HD11 H  N N 182 
ILE HD12 H  N N 183 
ILE HD13 H  N N 184 
ILE HXT  H  N N 185 
LEU N    N  N N 186 
LEU CA   C  N S 187 
LEU C    C  N N 188 
LEU O    O  N N 189 
LEU CB   C  N N 190 
LEU CG   C  N N 191 
LEU CD1  C  N N 192 
LEU CD2  C  N N 193 
LEU OXT  O  N N 194 
LEU H    H  N N 195 
LEU H2   H  N N 196 
LEU HA   H  N N 197 
LEU HB2  H  N N 198 
LEU HB3  H  N N 199 
LEU HG   H  N N 200 
LEU HD11 H  N N 201 
LEU HD12 H  N N 202 
LEU HD13 H  N N 203 
LEU HD21 H  N N 204 
LEU HD22 H  N N 205 
LEU HD23 H  N N 206 
LEU HXT  H  N N 207 
LYS N    N  N N 208 
LYS CA   C  N S 209 
LYS C    C  N N 210 
LYS O    O  N N 211 
LYS CB   C  N N 212 
LYS CG   C  N N 213 
LYS CD   C  N N 214 
LYS CE   C  N N 215 
LYS NZ   N  N N 216 
LYS OXT  O  N N 217 
LYS H    H  N N 218 
LYS H2   H  N N 219 
LYS HA   H  N N 220 
LYS HB2  H  N N 221 
LYS HB3  H  N N 222 
LYS HG2  H  N N 223 
LYS HG3  H  N N 224 
LYS HD2  H  N N 225 
LYS HD3  H  N N 226 
LYS HE2  H  N N 227 
LYS HE3  H  N N 228 
LYS HZ1  H  N N 229 
LYS HZ2  H  N N 230 
LYS HZ3  H  N N 231 
LYS HXT  H  N N 232 
MET N    N  N N 233 
MET CA   C  N S 234 
MET C    C  N N 235 
MET O    O  N N 236 
MET CB   C  N N 237 
MET CG   C  N N 238 
MET SD   S  N N 239 
MET CE   C  N N 240 
MET OXT  O  N N 241 
MET H    H  N N 242 
MET H2   H  N N 243 
MET HA   H  N N 244 
MET HB2  H  N N 245 
MET HB3  H  N N 246 
MET HG2  H  N N 247 
MET HG3  H  N N 248 
MET HE1  H  N N 249 
MET HE2  H  N N 250 
MET HE3  H  N N 251 
MET HXT  H  N N 252 
NA  NA   NA N N 253 
PHE N    N  N N 254 
PHE CA   C  N S 255 
PHE C    C  N N 256 
PHE O    O  N N 257 
PHE CB   C  N N 258 
PHE CG   C  Y N 259 
PHE CD1  C  Y N 260 
PHE CD2  C  Y N 261 
PHE CE1  C  Y N 262 
PHE CE2  C  Y N 263 
PHE CZ   C  Y N 264 
PHE OXT  O  N N 265 
PHE H    H  N N 266 
PHE H2   H  N N 267 
PHE HA   H  N N 268 
PHE HB2  H  N N 269 
PHE HB3  H  N N 270 
PHE HD1  H  N N 271 
PHE HD2  H  N N 272 
PHE HE1  H  N N 273 
PHE HE2  H  N N 274 
PHE HZ   H  N N 275 
PHE HXT  H  N N 276 
PRO N    N  N N 277 
PRO CA   C  N S 278 
PRO C    C  N N 279 
PRO O    O  N N 280 
PRO CB   C  N N 281 
PRO CG   C  N N 282 
PRO CD   C  N N 283 
PRO OXT  O  N N 284 
PRO H    H  N N 285 
PRO HA   H  N N 286 
PRO HB2  H  N N 287 
PRO HB3  H  N N 288 
PRO HG2  H  N N 289 
PRO HG3  H  N N 290 
PRO HD2  H  N N 291 
PRO HD3  H  N N 292 
PRO HXT  H  N N 293 
SER N    N  N N 294 
SER CA   C  N S 295 
SER C    C  N N 296 
SER O    O  N N 297 
SER CB   C  N N 298 
SER OG   O  N N 299 
SER OXT  O  N N 300 
SER H    H  N N 301 
SER H2   H  N N 302 
SER HA   H  N N 303 
SER HB2  H  N N 304 
SER HB3  H  N N 305 
SER HG   H  N N 306 
SER HXT  H  N N 307 
THR N    N  N N 308 
THR CA   C  N S 309 
THR C    C  N N 310 
THR O    O  N N 311 
THR CB   C  N R 312 
THR OG1  O  N N 313 
THR CG2  C  N N 314 
THR OXT  O  N N 315 
THR H    H  N N 316 
THR H2   H  N N 317 
THR HA   H  N N 318 
THR HB   H  N N 319 
THR HG1  H  N N 320 
THR HG21 H  N N 321 
THR HG22 H  N N 322 
THR HG23 H  N N 323 
THR HXT  H  N N 324 
TRP N    N  N N 325 
TRP CA   C  N S 326 
TRP C    C  N N 327 
TRP O    O  N N 328 
TRP CB   C  N N 329 
TRP CG   C  Y N 330 
TRP CD1  C  Y N 331 
TRP CD2  C  Y N 332 
TRP NE1  N  Y N 333 
TRP CE2  C  Y N 334 
TRP CE3  C  Y N 335 
TRP CZ2  C  Y N 336 
TRP CZ3  C  Y N 337 
TRP CH2  C  Y N 338 
TRP OXT  O  N N 339 
TRP H    H  N N 340 
TRP H2   H  N N 341 
TRP HA   H  N N 342 
TRP HB2  H  N N 343 
TRP HB3  H  N N 344 
TRP HD1  H  N N 345 
TRP HE1  H  N N 346 
TRP HE3  H  N N 347 
TRP HZ2  H  N N 348 
TRP HZ3  H  N N 349 
TRP HH2  H  N N 350 
TRP HXT  H  N N 351 
TYR N    N  N N 352 
TYR CA   C  N S 353 
TYR C    C  N N 354 
TYR O    O  N N 355 
TYR CB   C  N N 356 
TYR CG   C  Y N 357 
TYR CD1  C  Y N 358 
TYR CD2  C  Y N 359 
TYR CE1  C  Y N 360 
TYR CE2  C  Y N 361 
TYR CZ   C  Y N 362 
TYR OH   O  N N 363 
TYR OXT  O  N N 364 
TYR H    H  N N 365 
TYR H2   H  N N 366 
TYR HA   H  N N 367 
TYR HB2  H  N N 368 
TYR HB3  H  N N 369 
TYR HD1  H  N N 370 
TYR HD2  H  N N 371 
TYR HE1  H  N N 372 
TYR HE2  H  N N 373 
TYR HH   H  N N 374 
TYR HXT  H  N N 375 
VAL N    N  N N 376 
VAL CA   C  N S 377 
VAL C    C  N N 378 
VAL O    O  N N 379 
VAL CB   C  N N 380 
VAL CG1  C  N N 381 
VAL CG2  C  N N 382 
VAL OXT  O  N N 383 
VAL H    H  N N 384 
VAL H2   H  N N 385 
VAL HA   H  N N 386 
VAL HB   H  N N 387 
VAL HG11 H  N N 388 
VAL HG12 H  N N 389 
VAL HG13 H  N N 390 
VAL HG21 H  N N 391 
VAL HG22 H  N N 392 
VAL HG23 H  N N 393 
VAL HXT  H  N N 394 
# 
loop_
_chem_comp_bond.comp_id 
_chem_comp_bond.atom_id_1 
_chem_comp_bond.atom_id_2 
_chem_comp_bond.value_order 
_chem_comp_bond.pdbx_aromatic_flag 
_chem_comp_bond.pdbx_stereo_config 
_chem_comp_bond.pdbx_ordinal 
ACT C   O    doub N N 1   
ACT C   OXT  sing N N 2   
ACT C   CH3  sing N N 3   
ACT CH3 H1   sing N N 4   
ACT CH3 H2   sing N N 5   
ACT CH3 H3   sing N N 6   
ALA N   CA   sing N N 7   
ALA N   H    sing N N 8   
ALA N   H2   sing N N 9   
ALA CA  C    sing N N 10  
ALA CA  CB   sing N N 11  
ALA CA  HA   sing N N 12  
ALA C   O    doub N N 13  
ALA C   OXT  sing N N 14  
ALA CB  HB1  sing N N 15  
ALA CB  HB2  sing N N 16  
ALA CB  HB3  sing N N 17  
ALA OXT HXT  sing N N 18  
ARG N   CA   sing N N 19  
ARG N   H    sing N N 20  
ARG N   H2   sing N N 21  
ARG CA  C    sing N N 22  
ARG CA  CB   sing N N 23  
ARG CA  HA   sing N N 24  
ARG C   O    doub N N 25  
ARG C   OXT  sing N N 26  
ARG CB  CG   sing N N 27  
ARG CB  HB2  sing N N 28  
ARG CB  HB3  sing N N 29  
ARG CG  CD   sing N N 30  
ARG CG  HG2  sing N N 31  
ARG CG  HG3  sing N N 32  
ARG CD  NE   sing N N 33  
ARG CD  HD2  sing N N 34  
ARG CD  HD3  sing N N 35  
ARG NE  CZ   sing N N 36  
ARG NE  HE   sing N N 37  
ARG CZ  NH1  sing N N 38  
ARG CZ  NH2  doub N N 39  
ARG NH1 HH11 sing N N 40  
ARG NH1 HH12 sing N N 41  
ARG NH2 HH21 sing N N 42  
ARG NH2 HH22 sing N N 43  
ARG OXT HXT  sing N N 44  
ASN N   CA   sing N N 45  
ASN N   H    sing N N 46  
ASN N   H2   sing N N 47  
ASN CA  C    sing N N 48  
ASN CA  CB   sing N N 49  
ASN CA  HA   sing N N 50  
ASN C   O    doub N N 51  
ASN C   OXT  sing N N 52  
ASN CB  CG   sing N N 53  
ASN CB  HB2  sing N N 54  
ASN CB  HB3  sing N N 55  
ASN CG  OD1  doub N N 56  
ASN CG  ND2  sing N N 57  
ASN ND2 HD21 sing N N 58  
ASN ND2 HD22 sing N N 59  
ASN OXT HXT  sing N N 60  
ASP N   CA   sing N N 61  
ASP N   H    sing N N 62  
ASP N   H2   sing N N 63  
ASP CA  C    sing N N 64  
ASP CA  CB   sing N N 65  
ASP CA  HA   sing N N 66  
ASP C   O    doub N N 67  
ASP C   OXT  sing N N 68  
ASP CB  CG   sing N N 69  
ASP CB  HB2  sing N N 70  
ASP CB  HB3  sing N N 71  
ASP CG  OD1  doub N N 72  
ASP CG  OD2  sing N N 73  
ASP OD2 HD2  sing N N 74  
ASP OXT HXT  sing N N 75  
EDO C1  O1   sing N N 76  
EDO C1  C2   sing N N 77  
EDO C1  H11  sing N N 78  
EDO C1  H12  sing N N 79  
EDO O1  HO1  sing N N 80  
EDO C2  O2   sing N N 81  
EDO C2  H21  sing N N 82  
EDO C2  H22  sing N N 83  
EDO O2  HO2  sing N N 84  
GLN N   CA   sing N N 85  
GLN N   H    sing N N 86  
GLN N   H2   sing N N 87  
GLN CA  C    sing N N 88  
GLN CA  CB   sing N N 89  
GLN CA  HA   sing N N 90  
GLN C   O    doub N N 91  
GLN C   OXT  sing N N 92  
GLN CB  CG   sing N N 93  
GLN CB  HB2  sing N N 94  
GLN CB  HB3  sing N N 95  
GLN CG  CD   sing N N 96  
GLN CG  HG2  sing N N 97  
GLN CG  HG3  sing N N 98  
GLN CD  OE1  doub N N 99  
GLN CD  NE2  sing N N 100 
GLN NE2 HE21 sing N N 101 
GLN NE2 HE22 sing N N 102 
GLN OXT HXT  sing N N 103 
GLU N   CA   sing N N 104 
GLU N   H    sing N N 105 
GLU N   H2   sing N N 106 
GLU CA  C    sing N N 107 
GLU CA  CB   sing N N 108 
GLU CA  HA   sing N N 109 
GLU C   O    doub N N 110 
GLU C   OXT  sing N N 111 
GLU CB  CG   sing N N 112 
GLU CB  HB2  sing N N 113 
GLU CB  HB3  sing N N 114 
GLU CG  CD   sing N N 115 
GLU CG  HG2  sing N N 116 
GLU CG  HG3  sing N N 117 
GLU CD  OE1  doub N N 118 
GLU CD  OE2  sing N N 119 
GLU OE2 HE2  sing N N 120 
GLU OXT HXT  sing N N 121 
GLY N   CA   sing N N 122 
GLY N   H    sing N N 123 
GLY N   H2   sing N N 124 
GLY CA  C    sing N N 125 
GLY CA  HA2  sing N N 126 
GLY CA  HA3  sing N N 127 
GLY C   O    doub N N 128 
GLY C   OXT  sing N N 129 
GLY OXT HXT  sing N N 130 
HIS N   CA   sing N N 131 
HIS N   H    sing N N 132 
HIS N   H2   sing N N 133 
HIS CA  C    sing N N 134 
HIS CA  CB   sing N N 135 
HIS CA  HA   sing N N 136 
HIS C   O    doub N N 137 
HIS C   OXT  sing N N 138 
HIS CB  CG   sing N N 139 
HIS CB  HB2  sing N N 140 
HIS CB  HB3  sing N N 141 
HIS CG  ND1  sing Y N 142 
HIS CG  CD2  doub Y N 143 
HIS ND1 CE1  doub Y N 144 
HIS ND1 HD1  sing N N 145 
HIS CD2 NE2  sing Y N 146 
HIS CD2 HD2  sing N N 147 
HIS CE1 NE2  sing Y N 148 
HIS CE1 HE1  sing N N 149 
HIS NE2 HE2  sing N N 150 
HIS OXT HXT  sing N N 151 
HOH O   H1   sing N N 152 
HOH O   H2   sing N N 153 
ILE N   CA   sing N N 154 
ILE N   H    sing N N 155 
ILE N   H2   sing N N 156 
ILE CA  C    sing N N 157 
ILE CA  CB   sing N N 158 
ILE CA  HA   sing N N 159 
ILE C   O    doub N N 160 
ILE C   OXT  sing N N 161 
ILE CB  CG1  sing N N 162 
ILE CB  CG2  sing N N 163 
ILE CB  HB   sing N N 164 
ILE CG1 CD1  sing N N 165 
ILE CG1 HG12 sing N N 166 
ILE CG1 HG13 sing N N 167 
ILE CG2 HG21 sing N N 168 
ILE CG2 HG22 sing N N 169 
ILE CG2 HG23 sing N N 170 
ILE CD1 HD11 sing N N 171 
ILE CD1 HD12 sing N N 172 
ILE CD1 HD13 sing N N 173 
ILE OXT HXT  sing N N 174 
LEU N   CA   sing N N 175 
LEU N   H    sing N N 176 
LEU N   H2   sing N N 177 
LEU CA  C    sing N N 178 
LEU CA  CB   sing N N 179 
LEU CA  HA   sing N N 180 
LEU C   O    doub N N 181 
LEU C   OXT  sing N N 182 
LEU CB  CG   sing N N 183 
LEU CB  HB2  sing N N 184 
LEU CB  HB3  sing N N 185 
LEU CG  CD1  sing N N 186 
LEU CG  CD2  sing N N 187 
LEU CG  HG   sing N N 188 
LEU CD1 HD11 sing N N 189 
LEU CD1 HD12 sing N N 190 
LEU CD1 HD13 sing N N 191 
LEU CD2 HD21 sing N N 192 
LEU CD2 HD22 sing N N 193 
LEU CD2 HD23 sing N N 194 
LEU OXT HXT  sing N N 195 
LYS N   CA   sing N N 196 
LYS N   H    sing N N 197 
LYS N   H2   sing N N 198 
LYS CA  C    sing N N 199 
LYS CA  CB   sing N N 200 
LYS CA  HA   sing N N 201 
LYS C   O    doub N N 202 
LYS C   OXT  sing N N 203 
LYS CB  CG   sing N N 204 
LYS CB  HB2  sing N N 205 
LYS CB  HB3  sing N N 206 
LYS CG  CD   sing N N 207 
LYS CG  HG2  sing N N 208 
LYS CG  HG3  sing N N 209 
LYS CD  CE   sing N N 210 
LYS CD  HD2  sing N N 211 
LYS CD  HD3  sing N N 212 
LYS CE  NZ   sing N N 213 
LYS CE  HE2  sing N N 214 
LYS CE  HE3  sing N N 215 
LYS NZ  HZ1  sing N N 216 
LYS NZ  HZ2  sing N N 217 
LYS NZ  HZ3  sing N N 218 
LYS OXT HXT  sing N N 219 
MET N   CA   sing N N 220 
MET N   H    sing N N 221 
MET N   H2   sing N N 222 
MET CA  C    sing N N 223 
MET CA  CB   sing N N 224 
MET CA  HA   sing N N 225 
MET C   O    doub N N 226 
MET C   OXT  sing N N 227 
MET CB  CG   sing N N 228 
MET CB  HB2  sing N N 229 
MET CB  HB3  sing N N 230 
MET CG  SD   sing N N 231 
MET CG  HG2  sing N N 232 
MET CG  HG3  sing N N 233 
MET SD  CE   sing N N 234 
MET CE  HE1  sing N N 235 
MET CE  HE2  sing N N 236 
MET CE  HE3  sing N N 237 
MET OXT HXT  sing N N 238 
PHE N   CA   sing N N 239 
PHE N   H    sing N N 240 
PHE N   H2   sing N N 241 
PHE CA  C    sing N N 242 
PHE CA  CB   sing N N 243 
PHE CA  HA   sing N N 244 
PHE C   O    doub N N 245 
PHE C   OXT  sing N N 246 
PHE CB  CG   sing N N 247 
PHE CB  HB2  sing N N 248 
PHE CB  HB3  sing N N 249 
PHE CG  CD1  doub Y N 250 
PHE CG  CD2  sing Y N 251 
PHE CD1 CE1  sing Y N 252 
PHE CD1 HD1  sing N N 253 
PHE CD2 CE2  doub Y N 254 
PHE CD2 HD2  sing N N 255 
PHE CE1 CZ   doub Y N 256 
PHE CE1 HE1  sing N N 257 
PHE CE2 CZ   sing Y N 258 
PHE CE2 HE2  sing N N 259 
PHE CZ  HZ   sing N N 260 
PHE OXT HXT  sing N N 261 
PRO N   CA   sing N N 262 
PRO N   CD   sing N N 263 
PRO N   H    sing N N 264 
PRO CA  C    sing N N 265 
PRO CA  CB   sing N N 266 
PRO CA  HA   sing N N 267 
PRO C   O    doub N N 268 
PRO C   OXT  sing N N 269 
PRO CB  CG   sing N N 270 
PRO CB  HB2  sing N N 271 
PRO CB  HB3  sing N N 272 
PRO CG  CD   sing N N 273 
PRO CG  HG2  sing N N 274 
PRO CG  HG3  sing N N 275 
PRO CD  HD2  sing N N 276 
PRO CD  HD3  sing N N 277 
PRO OXT HXT  sing N N 278 
SER N   CA   sing N N 279 
SER N   H    sing N N 280 
SER N   H2   sing N N 281 
SER CA  C    sing N N 282 
SER CA  CB   sing N N 283 
SER CA  HA   sing N N 284 
SER C   O    doub N N 285 
SER C   OXT  sing N N 286 
SER CB  OG   sing N N 287 
SER CB  HB2  sing N N 288 
SER CB  HB3  sing N N 289 
SER OG  HG   sing N N 290 
SER OXT HXT  sing N N 291 
THR N   CA   sing N N 292 
THR N   H    sing N N 293 
THR N   H2   sing N N 294 
THR CA  C    sing N N 295 
THR CA  CB   sing N N 296 
THR CA  HA   sing N N 297 
THR C   O    doub N N 298 
THR C   OXT  sing N N 299 
THR CB  OG1  sing N N 300 
THR CB  CG2  sing N N 301 
THR CB  HB   sing N N 302 
THR OG1 HG1  sing N N 303 
THR CG2 HG21 sing N N 304 
THR CG2 HG22 sing N N 305 
THR CG2 HG23 sing N N 306 
THR OXT HXT  sing N N 307 
TRP N   CA   sing N N 308 
TRP N   H    sing N N 309 
TRP N   H2   sing N N 310 
TRP CA  C    sing N N 311 
TRP CA  CB   sing N N 312 
TRP CA  HA   sing N N 313 
TRP C   O    doub N N 314 
TRP C   OXT  sing N N 315 
TRP CB  CG   sing N N 316 
TRP CB  HB2  sing N N 317 
TRP CB  HB3  sing N N 318 
TRP CG  CD1  doub Y N 319 
TRP CG  CD2  sing Y N 320 
TRP CD1 NE1  sing Y N 321 
TRP CD1 HD1  sing N N 322 
TRP CD2 CE2  doub Y N 323 
TRP CD2 CE3  sing Y N 324 
TRP NE1 CE2  sing Y N 325 
TRP NE1 HE1  sing N N 326 
TRP CE2 CZ2  sing Y N 327 
TRP CE3 CZ3  doub Y N 328 
TRP CE3 HE3  sing N N 329 
TRP CZ2 CH2  doub Y N 330 
TRP CZ2 HZ2  sing N N 331 
TRP CZ3 CH2  sing Y N 332 
TRP CZ3 HZ3  sing N N 333 
TRP CH2 HH2  sing N N 334 
TRP OXT HXT  sing N N 335 
TYR N   CA   sing N N 336 
TYR N   H    sing N N 337 
TYR N   H2   sing N N 338 
TYR CA  C    sing N N 339 
TYR CA  CB   sing N N 340 
TYR CA  HA   sing N N 341 
TYR C   O    doub N N 342 
TYR C   OXT  sing N N 343 
TYR CB  CG   sing N N 344 
TYR CB  HB2  sing N N 345 
TYR CB  HB3  sing N N 346 
TYR CG  CD1  doub Y N 347 
TYR CG  CD2  sing Y N 348 
TYR CD1 CE1  sing Y N 349 
TYR CD1 HD1  sing N N 350 
TYR CD2 CE2  doub Y N 351 
TYR CD2 HD2  sing N N 352 
TYR CE1 CZ   doub Y N 353 
TYR CE1 HE1  sing N N 354 
TYR CE2 CZ   sing Y N 355 
TYR CE2 HE2  sing N N 356 
TYR CZ  OH   sing N N 357 
TYR OH  HH   sing N N 358 
TYR OXT HXT  sing N N 359 
VAL N   CA   sing N N 360 
VAL N   H    sing N N 361 
VAL N   H2   sing N N 362 
VAL CA  C    sing N N 363 
VAL CA  CB   sing N N 364 
VAL CA  HA   sing N N 365 
VAL C   O    doub N N 366 
VAL C   OXT  sing N N 367 
VAL CB  CG1  sing N N 368 
VAL CB  CG2  sing N N 369 
VAL CB  HB   sing N N 370 
VAL CG1 HG11 sing N N 371 
VAL CG1 HG12 sing N N 372 
VAL CG1 HG13 sing N N 373 
VAL CG2 HG21 sing N N 374 
VAL CG2 HG22 sing N N 375 
VAL CG2 HG23 sing N N 376 
VAL OXT HXT  sing N N 377 
# 
_pdbx_audit_support.funding_organization   'German Research Foundation' 
_pdbx_audit_support.country                Germany 
_pdbx_audit_support.grant_number           GRK2062 
_pdbx_audit_support.ordinal                1 
# 
_pdbx_initial_refinement_model.id               1 
_pdbx_initial_refinement_model.entity_id_list   ? 
_pdbx_initial_refinement_model.type             'experimental model' 
_pdbx_initial_refinement_model.source_name      PDB 
_pdbx_initial_refinement_model.accession_code   3OYY 
_pdbx_initial_refinement_model.details          ? 
# 
_space_group.crystal_system   monoclinic 
_space_group.name_H-M_alt     'P 1 21 1' 
_space_group.IT_number        4 
_space_group.name_Hall        'P 2yb' 
_space_group.id               1 
# 
_atom_sites.entry_id                    6S8Z 
_atom_sites.Cartn_transf_matrix[1][1]   ? 
_atom_sites.Cartn_transf_matrix[1][2]   ? 
_atom_sites.Cartn_transf_matrix[1][3]   ? 
_atom_sites.Cartn_transf_matrix[2][1]   ? 
_atom_sites.Cartn_transf_matrix[2][2]   ? 
_atom_sites.Cartn_transf_matrix[2][3]   ? 
_atom_sites.Cartn_transf_matrix[3][1]   ? 
_atom_sites.Cartn_transf_matrix[3][2]   ? 
_atom_sites.Cartn_transf_matrix[3][3]   ? 
_atom_sites.Cartn_transf_vector[1]      ? 
_atom_sites.Cartn_transf_vector[2]      ? 
_atom_sites.Cartn_transf_vector[3]      ? 
_atom_sites.fract_transf_matrix[1][1]   -0.00499178 
_atom_sites.fract_transf_matrix[1][2]   0.00771601 
_atom_sites.fract_transf_matrix[1][3]   0.01726604 
_atom_sites.fract_transf_matrix[2][1]   -0.00721283 
_atom_sites.fract_transf_matrix[2][2]   0.02215611 
_atom_sites.fract_transf_matrix[2][3]   -0.01198663 
_atom_sites.fract_transf_matrix[3][1]   -0.01699251 
_atom_sites.fract_transf_matrix[3][2]   -0.00611400 
_atom_sites.fract_transf_matrix[3][3]   -0.00107606 
_atom_sites.fract_transf_vector[1]      0.283498 
_atom_sites.fract_transf_vector[2]      -0.175452 
_atom_sites.fract_transf_vector[3]      0.369199 
_atom_sites.solution_primary            ? 
_atom_sites.solution_secondary          ? 
_atom_sites.solution_hydrogens          ? 
_atom_sites.special_details             ? 
# 
loop_
_atom_type.symbol 
C  
H  
N  
NA 
O  
S  
# 
loop_
_atom_site.group_PDB 
_atom_site.id 
_atom_site.type_symbol 
_atom_site.label_atom_id 
_atom_site.label_alt_id 
_atom_site.label_comp_id 
_atom_site.label_asym_id 
_atom_site.label_entity_id 
_atom_site.label_seq_id 
_atom_site.pdbx_PDB_ins_code 
_atom_site.Cartn_x 
_atom_site.Cartn_y 
_atom_site.Cartn_z 
_atom_site.occupancy 
_atom_site.B_iso_or_equiv 
_atom_site.pdbx_formal_charge 
_atom_site.auth_seq_id 
_atom_site.auth_comp_id 
_atom_site.auth_asym_id 
_atom_site.auth_atom_id 
_atom_site.pdbx_PDB_model_num 
ATOM   1    N  N   . ALA A 1 2   ? 9.41815   22.99472  6.14261   1.000 44.14000 ? 2   ALA A N   1 
ATOM   2    C  CA  . ALA A 1 2   ? 9.78062   24.36892  6.61521   1.000 43.56000 ? 2   ALA A CA  1 
ATOM   3    C  C   . ALA A 1 2   ? 8.62142   24.95197  7.43517   1.000 42.01000 ? 2   ALA A C   1 
ATOM   4    O  O   . ALA A 1 2   ? 8.79555   25.05587  8.66791   1.000 43.56000 ? 2   ALA A O   1 
ATOM   5    C  CB  . ALA A 1 2   ? 10.14444  25.23478  5.43254   1.000 45.00000 ? 2   ALA A CB  1 
ATOM   6    N  N   . THR A 1 3   ? 7.48515   25.28983  6.79786   1.000 38.49000 ? 3   THR A N   1 
ATOM   7    C  CA  . THR A 1 3   ? 6.22833   25.71822  7.48249   1.000 36.27000 ? 3   THR A CA  1 
ATOM   8    C  C   . THR A 1 3   ? 5.01510   24.96822  6.91150   1.000 34.48000 ? 3   THR A C   1 
ATOM   9    O  O   . THR A 1 3   ? 5.17804   24.14013  6.01731   1.000 33.27000 ? 3   THR A O   1 
ATOM   10   C  CB  . THR A 1 3   ? 5.99746   27.23850  7.39949   1.000 35.54000 ? 3   THR A CB  1 
ATOM   11   O  OG1 . THR A 1 3   ? 5.23574   27.51793  6.22330   1.000 34.65000 ? 3   THR A OG1 1 
ATOM   12   C  CG2 . THR A 1 3   ? 7.27545   28.05127  7.39829   1.000 35.41000 ? 3   THR A CG2 1 
ATOM   13   N  N   . THR A 1 4   ? 3.82710   25.30624  7.40954   1.000 34.20000 ? 4   THR A N   1 
ATOM   14   C  CA  . THR A 1 4   ? 2.51881   24.72074  7.01836   1.000 33.69000 ? 4   THR A CA  1 
ATOM   15   C  C   . THR A 1 4   ? 2.18306   25.08058  5.56834   1.000 32.95000 ? 4   THR A C   1 
ATOM   16   O  O   . THR A 1 4   ? 1.44769   24.30515  4.94260   1.000 32.96000 ? 4   THR A O   1 
ATOM   17   C  CB  . THR A 1 4   ? 1.41098   25.18565  7.96721   1.000 33.64000 ? 4   THR A CB  1 
ATOM   18   O  OG1 . THR A 1 4   ? 1.39168   26.61236  7.96651   1.000 33.31000 ? 4   THR A OG1 1 
ATOM   19   C  CG2 . THR A 1 4   ? 1.60032   24.67438  9.37844   1.000 33.73000 ? 4   THR A CG2 1 
ATOM   20   N  N   . ALA A 1 5   ? 2.70006   26.20415  5.05840   1.000 32.34000 ? 5   ALA A N   1 
ATOM   21   C  CA  . ALA A 1 5   ? 2.45705   26.67654  3.67317   1.000 32.07000 ? 5   ALA A CA  1 
ATOM   22   C  C   . ALA A 1 5   ? 3.04327   25.65475  2.69308   1.000 31.77000 ? 5   ALA A C   1 
ATOM   23   O  O   . ALA A 1 5   ? 2.51453   25.52595  1.58616   1.000 31.57000 ? 5   ALA A O   1 
ATOM   24   C  CB  . ALA A 1 5   ? 3.03790   28.05374  3.47121   1.000 31.72000 ? 5   ALA A CB  1 
ATOM   25   N  N   . ASP A 1 6   ? 4.07338   24.92499  3.13115   1.000 31.96000 ? 6   ASP A N   1 
ATOM   26   C  CA  . ASP A 1 6   ? 4.76494   23.86480  2.35332   1.000 31.88000 ? 6   ASP A CA  1 
ATOM   27   C  C   . ASP A 1 6   ? 3.93877   22.57113  2.30643   1.000 32.06000 ? 6   ASP A C   1 
ATOM   28   O  O   . ASP A 1 6   ? 4.35523   21.67118  1.56625   1.000 32.42000 ? 6   ASP A O   1 
ATOM   29   C  CB  . ASP A 1 6   ? 6.14556   23.57793  2.94442   1.000 31.98000 ? 6   ASP A CB  1 
ATOM   30   C  CG  . ASP A 1 6   ? 7.09582   24.76590  2.87647   1.000 32.05000 ? 6   ASP A CG  1 
ATOM   31   O  OD1 . ASP A 1 6   ? 7.53057   25.09648  1.76566   1.000 31.84000 ? 6   ASP A OD1 1 
ATOM   32   O  OD2 . ASP A 1 6   ? 7.38655   25.35417  3.93754   1.000 32.11000 ? 6   ASP A OD2 1 
ATOM   33   N  N   . PHE A 1 7   ? 2.82979   22.46271  3.05097   1.000 32.12000 ? 7   PHE A N   1 
ATOM   34   C  CA  . PHE A 1 7   ? 1.98077   21.23822  3.10634   1.000 32.20000 ? 7   PHE A CA  1 
ATOM   35   C  C   . PHE A 1 7   ? 1.41593   20.91688  1.71335   1.000 32.73000 ? 7   PHE A C   1 
ATOM   36   O  O   . PHE A 1 7   ? 0.86414   21.81584  1.04882   1.000 33.15000 ? 7   PHE A O   1 
ATOM   37   C  CB  . PHE A 1 7   ? 0.82479   21.36294  4.10900   1.000 31.73000 ? 7   PHE A CB  1 
ATOM   38   C  CG  . PHE A 1 7   ? 1.17132   21.25715  5.57616   1.000 31.31000 ? 7   PHE A CG  1 
ATOM   39   C  CD1 . PHE A 1 7   ? 2.43417   20.88700  6.01204   1.000 31.34000 ? 7   PHE A CD1 1 
ATOM   40   C  CD2 . PHE A 1 7   ? 0.20527   21.52411  6.53725   1.000 31.35000 ? 7   PHE A CD2 1 
ATOM   41   C  CE1 . PHE A 1 7   ? 2.71944   20.80528  7.36818   1.000 31.27000 ? 7   PHE A CE1 1 
ATOM   42   C  CE2 . PHE A 1 7   ? 0.48736   21.43649  7.89315   1.000 30.90000 ? 7   PHE A CE2 1 
ATOM   43   C  CZ  . PHE A 1 7   ? 1.74459   21.07116  8.30634   1.000 31.05000 ? 7   PHE A CZ  1 
ATOM   44   N  N   . LYS A 1 8   ? 1.57984   19.66093  1.28469   1.000 32.81000 ? 8   LYS A N   1 
ATOM   45   C  CA  . LYS A 1 8   ? 0.84016   19.03607  0.15726   1.000 32.56000 ? 8   LYS A CA  1 
ATOM   46   C  C   . LYS A 1 8   ? 0.60348   17.56300  0.51267   1.000 32.02000 ? 8   LYS A C   1 
ATOM   47   O  O   . LYS A 1 8   ? 1.24981   17.08849  1.45891   1.000 31.99000 ? 8   LYS A O   1 
ATOM   48   C  CB  . LYS A 1 8   ? 1.61970   19.23467  -1.14267  1.000 32.90000 ? 8   LYS A CB  1 
ATOM   49   C  CG  . LYS A 1 8   ? 3.10857   18.93108  -1.05641  1.000 33.33000 ? 8   LYS A CG  1 
ATOM   50   C  CD  . LYS A 1 8   ? 3.84431   19.16662  -2.36226  1.000 33.51000 ? 8   LYS A CD  1 
ATOM   51   C  CE  . LYS A 1 8   ? 5.17503   18.44434  -2.44321  1.000 33.41000 ? 8   LYS A CE  1 
ATOM   52   N  NZ  . LYS A 1 8   ? 5.92328   18.81708  -3.66694  1.000 33.32000 ? 8   LYS A NZ  1 
ATOM   53   N  N   . ASN A 1 9   ? -0.30698  16.87823  -0.18334  1.000 31.72000 ? 9   ASN A N   1 
ATOM   54   C  CA  . ASN A 1 9   ? -0.58336  15.42800  0.03052   1.000 31.69000 ? 9   ASN A CA  1 
ATOM   55   C  C   . ASN A 1 9   ? 0.66304   14.61974  -0.34881  1.000 31.55000 ? 9   ASN A C   1 
ATOM   56   O  O   . ASN A 1 9   ? 1.33328   14.99762  -1.32808  1.000 31.29000 ? 9   ASN A O   1 
ATOM   57   C  CB  . ASN A 1 9   ? -1.82180  14.95015  -0.73054  1.000 31.45000 ? 9   ASN A CB  1 
ATOM   58   C  CG  . ASN A 1 9   ? -3.10284  15.55465  -0.19328  1.000 31.47000 ? 9   ASN A CG  1 
ATOM   59   O  OD1 . ASN A 1 9   ? -3.19108  15.91000  0.98008   1.000 32.01000 ? 9   ASN A OD1 1 
ATOM   60   N  ND2 . ASN A 1 9   ? -4.10478  15.67515  -1.04433  1.000 31.31000 ? 9   ASN A ND2 1 
ATOM   61   N  N   . GLY A 1 10  ? 0.97492   13.57725  0.43087   1.000 31.46000 ? 10  GLY A N   1 
ATOM   62   C  CA  . GLY A 1 10  ? 2.15068   12.70561  0.23268   1.000 31.33000 ? 10  GLY A CA  1 
ATOM   63   C  C   . GLY A 1 10  ? 3.40581   13.23689  0.91411   1.000 31.45000 ? 10  GLY A C   1 
ATOM   64   O  O   . GLY A 1 10  ? 4.39254   12.49170  0.96501   1.000 31.91000 ? 10  GLY A O   1 
ATOM   65   N  N   . LEU A 1 11  ? 3.39765   14.48113  1.40448   1.000 31.62000 ? 11  LEU A N   1 
ATOM   66   C  CA  . LEU A 1 11  ? 4.52902   15.08210  2.16462   1.000 31.62000 ? 11  LEU A CA  1 
ATOM   67   C  C   . LEU A 1 11  ? 4.63551   14.39462  3.53173   1.000 31.69000 ? 11  LEU A C   1 
ATOM   68   O  O   . LEU A 1 11  ? 3.59527   14.16936  4.17413   1.000 32.15000 ? 11  LEU A O   1 
ATOM   69   C  CB  . LEU A 1 11  ? 4.27850   16.58320  2.31594   1.000 31.74000 ? 11  LEU A CB  1 
ATOM   70   C  CG  . LEU A 1 11  ? 5.40108   17.39431  2.96264   1.000 32.04000 ? 11  LEU A CG  1 
ATOM   71   C  CD1 . LEU A 1 11  ? 6.69677   17.27793  2.17771   1.000 31.84000 ? 11  LEU A CD1 1 
ATOM   72   C  CD2 . LEU A 1 11  ? 4.99134   18.85847  3.09778   1.000 31.91000 ? 11  LEU A CD2 1 
ATOM   73   N  N   . VAL A 1 12  ? 5.84633   14.04698  3.95526   1.000 31.42000 ? 12  VAL A N   1 
ATOM   74   C  CA  . VAL A 1 12  ? 6.07844   13.29203  5.21825   1.000 31.34000 ? 12  VAL A CA  1 
ATOM   75   C  C   . VAL A 1 12  ? 6.76990   14.21908  6.21406   1.000 31.49000 ? 12  VAL A C   1 
ATOM   76   O  O   . VAL A 1 12  ? 7.80112   14.81773  5.84535   1.000 31.46000 ? 12  VAL A O   1 
ATOM   77   C  CB  . VAL A 1 12  ? 6.90135   12.02156  4.95642   1.000 31.64000 ? 12  VAL A CB  1 
ATOM   78   C  CG1 . VAL A 1 12  ? 7.24410   11.27808  6.23962   1.000 31.76000 ? 12  VAL A CG1 1 
ATOM   79   C  CG2 . VAL A 1 12  ? 6.18097   11.11286  3.97695   1.000 31.68000 ? 12  VAL A CG2 1 
ATOM   80   N  N   . LEU A 1 13  ? 6.21167   14.31450  7.42588   1.000 31.60000 ? 13  LEU A N   1 
ATOM   81   C  CA  . LEU A 1 13  ? 6.68263   15.21067  8.51477   1.000 31.43000 ? 13  LEU A CA  1 
ATOM   82   C  C   . LEU A 1 13  ? 7.34180   14.37979  9.61871   1.000 31.79000 ? 13  LEU A C   1 
ATOM   83   O  O   . LEU A 1 13  ? 6.85358   13.25765  9.88443   1.000 31.49000 ? 13  LEU A O   1 
ATOM   84   C  CB  . LEU A 1 13  ? 5.48678   15.98620  9.07206   1.000 31.08000 ? 13  LEU A CB  1 
ATOM   85   C  CG  . LEU A 1 13  ? 4.63922   16.73042  8.03936   1.000 31.08000 ? 13  LEU A CG  1 
ATOM   86   C  CD1 . LEU A 1 13  ? 3.42896   17.36857  8.69677   1.000 30.90000 ? 13  LEU A CD1 1 
ATOM   87   C  CD2 . LEU A 1 13  ? 5.46195   17.78354  7.30486   1.000 31.51000 ? 13  LEU A CD2 1 
ATOM   88   N  N   . LYS A 1 14  ? 8.41497   14.91070  10.21659  1.000 32.43000 ? 14  LYS A N   1 
ATOM   89   C  CA  . LYS A 1 14  ? 8.96544   14.46163  11.52332  1.000 33.21000 ? 14  LYS A CA  1 
ATOM   90   C  C   . LYS A 1 14  ? 8.20404   15.22796  12.60225  1.000 33.20000 ? 14  LYS A C   1 
ATOM   91   O  O   . LYS A 1 14  ? 8.36530   16.46202  12.64395  1.000 34.18000 ? 14  LYS A O   1 
ATOM   92   C  CB  . LYS A 1 14  ? 10.46723  14.74290  11.64669  1.000 33.70000 ? 14  LYS A CB  1 
ATOM   93   C  CG  . LYS A 1 14  ? 11.33695  14.23042  10.50834  1.000 34.50000 ? 14  LYS A CG  1 
ATOM   94   C  CD  . LYS A 1 14  ? 12.75803  14.80340  10.51776  1.000 35.34000 ? 14  LYS A CD  1 
ATOM   95   C  CE  . LYS A 1 14  ? 13.61736  14.30534  11.66392  1.000 35.58000 ? 14  LYS A CE  1 
ATOM   96   N  NZ  . LYS A 1 14  ? 13.96821  12.87382  11.49997  1.000 35.55000 ? 14  LYS A NZ  1 
ATOM   97   N  N   . ASN A 1 15  ? 7.38805   14.53830  13.40118  1.000 33.00000 ? 15  ASN A N   1 
ATOM   98   C  CA  . ASN A 1 15  ? 6.44196   15.16496  14.35712  1.000 32.90000 ? 15  ASN A CA  1 
ATOM   99   C  C   . ASN A 1 15  ? 6.26742   14.27403  15.58504  1.000 33.31000 ? 15  ASN A C   1 
ATOM   100  O  O   . ASN A 1 15  ? 5.83020   13.11888  15.41805  1.000 33.43000 ? 15  ASN A O   1 
ATOM   101  C  CB  . ASN A 1 15  ? 5.08777   15.41628  13.70190  1.000 33.11000 ? 15  ASN A CB  1 
ATOM   102  C  CG  . ASN A 1 15  ? 4.04939   15.92310  14.67770  1.000 32.97000 ? 15  ASN A CG  1 
ATOM   103  O  OD1 . ASN A 1 15  ? 4.13082   17.05943  15.13985  1.000 32.88000 ? 15  ASN A OD1 1 
ATOM   104  N  ND2 . ASN A 1 15  ? 3.07001   15.08997  14.98840  1.000 32.75000 ? 15  ASN A ND2 1 
ATOM   105  N  N   . GLU A 1 16  ? 6.60410   14.80573  16.76310  1.000 33.84000 ? 16  GLU A N   1 
ATOM   106  C  CA  . GLU A 1 16  ? 6.39779   14.16365  18.08755  1.000 33.94000 ? 16  GLU A CA  1 
ATOM   107  C  C   . GLU A 1 16  ? 6.91711   12.71758  18.03578  1.000 33.59000 ? 16  GLU A C   1 
ATOM   108  O  O   . GLU A 1 16  ? 6.22693   11.82693  18.54488  1.000 33.72000 ? 16  GLU A O   1 
ATOM   109  C  CB  . GLU A 1 16  ? 4.91580   14.25917  18.46948  1.000 34.35000 ? 16  GLU A CB  1 
ATOM   110  C  CG  . GLU A 1 16  ? 4.32605   15.66116  18.32039  1.000 34.62000 ? 16  GLU A CG  1 
ATOM   111  C  CD  . GLU A 1 16  ? 2.81997   15.79625  18.53857  1.000 34.97000 ? 16  GLU A CD  1 
ATOM   112  O  OE1 . GLU A 1 16  ? 2.38617   15.74769  19.71321  1.000 35.08000 ? 16  GLU A OE1 1 
ATOM   113  O  OE2 . GLU A 1 16  ? 2.07429   15.96824  17.53449  1.000 34.84000 ? 16  GLU A OE2 1 
ATOM   114  N  N   . GLY A 1 17  ? 8.09167   12.49739  17.43354  1.000 33.29000 ? 17  GLY A N   1 
ATOM   115  C  CA  . GLY A 1 17  ? 8.81473   11.20838  17.47513  1.000 32.88000 ? 17  GLY A CA  1 
ATOM   116  C  C   . GLY A 1 17  ? 8.42245   10.25219  16.35911  1.000 32.34000 ? 17  GLY A C   1 
ATOM   117  O  O   . GLY A 1 17  ? 9.04824   9.18330   16.28246  1.000 32.26000 ? 17  GLY A O   1 
ATOM   118  N  N   . LYS A 1 18  ? 7.46116   10.62676  15.50729  1.000 32.18000 ? 18  LYS A N   1 
ATOM   119  C  CA  . LYS A 1 18  ? 6.91261   9.77869   14.41189  1.000 32.13000 ? 18  LYS A CA  1 
ATOM   120  C  C   . LYS A 1 18  ? 7.16741   10.40471  13.03512  1.000 31.45000 ? 18  LYS A C   1 
ATOM   121  O  O   . LYS A 1 18  ? 7.39700   11.63184  12.96170  1.000 31.57000 ? 18  LYS A O   1 
ATOM   122  C  CB  . LYS A 1 18  ? 5.39472   9.62647   14.53238  1.000 32.81000 ? 18  LYS A CB  1 
ATOM   123  C  CG  . LYS A 1 18  ? 4.87826   9.16377   15.88536  1.000 33.28000 ? 18  LYS A CG  1 
ATOM   124  C  CD  . LYS A 1 18  ? 3.40795   8.78126   15.84009  1.000 33.74000 ? 18  LYS A CD  1 
ATOM   125  C  CE  . LYS A 1 18  ? 2.52206   9.65639   16.70320  1.000 33.84000 ? 18  LYS A CE  1 
ATOM   126  N  NZ  . LYS A 1 18  ? 2.87652   9.55206   18.13770  1.000 34.08000 ? 18  LYS A NZ  1 
ATOM   127  N  N   . LEU A 1 19  ? 7.08283   9.58215   11.98313  1.000 30.52000 ? 19  LEU A N   1 
ATOM   128  C  CA  . LEU A 1 19  ? 7.10780   10.00381  10.55494  1.000 29.65000 ? 19  LEU A CA  1 
ATOM   129  C  C   . LEU A 1 19  ? 5.70079   9.83472   9.97854   1.000 28.89000 ? 19  LEU A C   1 
ATOM   130  O  O   . LEU A 1 19  ? 5.21284   8.68873   9.90490   1.000 28.76000 ? 19  LEU A O   1 
ATOM   131  C  CB  . LEU A 1 19  ? 8.13969   9.16959   9.79327   1.000 29.63000 ? 19  LEU A CB  1 
ATOM   132  C  CG  . LEU A 1 19  ? 9.59620   9.42293   10.18518  1.000 29.70000 ? 19  LEU A CG  1 
ATOM   133  C  CD1 . LEU A 1 19  ? 10.50394  8.32766   9.65620   1.000 29.50000 ? 19  LEU A CD1 1 
ATOM   134  C  CD2 . LEU A 1 19  ? 10.06333  10.78786  9.69668   1.000 29.78000 ? 19  LEU A CD2 1 
ATOM   135  N  N   . GLN A 1 20  ? 5.05319   10.94436  9.62993   1.000 28.08000 ? 20  GLN A N   1 
ATOM   136  C  CA  . GLN A 1 20  ? 3.60361   10.96498  9.32051   1.000 27.73000 ? 20  GLN A CA  1 
ATOM   137  C  C   . GLN A 1 20  ? 3.39057   11.61618  7.95921   1.000 27.11000 ? 20  GLN A C   1 
ATOM   138  O  O   . GLN A 1 20  ? 3.87281   12.74456  7.75233   1.000 27.01000 ? 20  GLN A O   1 
ATOM   139  C  CB  . GLN A 1 20  ? 2.83629   11.65046  10.44812  1.000 27.84000 ? 20  GLN A CB  1 
ATOM   140  C  CG  . GLN A 1 20  ? 2.89060   10.86829  11.74811  1.000 28.00000 ? 20  GLN A CG  1 
ATOM   141  C  CD  . GLN A 1 20  ? 2.23236   11.59408  12.89115  1.000 28.25000 ? 20  GLN A CD  1 
ATOM   142  O  OE1 . GLN A 1 20  ? 2.14392   12.81657  12.90651  1.000 28.37000 ? 20  GLN A OE1 1 
ATOM   143  N  NE2 . GLN A 1 20  ? 1.78161   10.83361  13.87279  1.000 28.73000 ? 20  GLN A NE2 1 
ATOM   144  N  N   . GLN A 1 21  ? 2.72344   10.88410  7.06868   1.000 26.63000 ? 21  GLN A N   1 
ATOM   145  C  CA  . GLN A 1 21  ? 2.31945   11.34766  5.72027   1.000 26.34000 ? 21  GLN A CA  1 
ATOM   146  C  C   . GLN A 1 21  ? 1.01714   12.14055  5.84252   1.000 25.83000 ? 21  GLN A C   1 
ATOM   147  O  O   . GLN A 1 21  ? 0.07869   11.64767  6.48206   1.000 25.13000 ? 21  GLN A O   1 
ATOM   148  C  CB  . GLN A 1 21  ? 2.14552   10.15286  4.78161   1.000 26.55000 ? 21  GLN A CB  1 
ATOM   149  C  CG  . GLN A 1 21  ? 1.75149   10.53394  3.35783   1.000 26.64000 ? 21  GLN A CG  1 
ATOM   150  C  CD  . GLN A 1 21  ? 1.74632   9.34054   2.43607   1.000 26.64000 ? 21  GLN A CD  1 
ATOM   151  O  OE1 . GLN A 1 21  ? 2.49586   8.38418   2.62412   1.000 26.86000 ? 21  GLN A OE1 1 
ATOM   152  N  NE2 . GLN A 1 21  ? 0.90158   9.39033   1.42095   1.000 26.88000 ? 21  GLN A NE2 1 
ATOM   153  N  N   . ILE A 1 22  ? 0.98022   13.32434  5.23070   1.000 25.70000 ? 22  ILE A N   1 
ATOM   154  C  CA  . ILE A 1 22  ? -0.26562  14.10619  4.99468   1.000 25.37000 ? 22  ILE A CA  1 
ATOM   155  C  C   . ILE A 1 22  ? -1.08411  13.35744  3.93270   1.000 25.11000 ? 22  ILE A C   1 
ATOM   156  O  O   . ILE A 1 22  ? -0.64934  13.34652  2.76119   1.000 24.96000 ? 22  ILE A O   1 
ATOM   157  C  CB  . ILE A 1 22  ? 0.06575   15.55493  4.57668   1.000 25.40000 ? 22  ILE A CB  1 
ATOM   158  C  CG1 . ILE A 1 22  ? 0.89026   16.27980  5.64554   1.000 25.39000 ? 22  ILE A CG1 1 
ATOM   159  C  CG2 . ILE A 1 22  ? -1.20131  16.33137  4.21881   1.000 25.41000 ? 22  ILE A CG2 1 
ATOM   160  C  CD1 . ILE A 1 22  ? 1.43651   17.63330  5.19980   1.000 25.33000 ? 22  ILE A CD1 1 
ATOM   161  N  N   . ILE A 1 23  ? -2.19703  12.73527  4.34646   1.000 24.83000 ? 23  ILE A N   1 
ATOM   162  C  CA  . ILE A 1 23  ? -3.20512  12.06435  3.46592   1.000 24.74000 ? 23  ILE A CA  1 
ATOM   163  C  C   . ILE A 1 23  ? -4.17659  13.12574  2.94100   1.000 24.58000 ? 23  ILE A C   1 
ATOM   164  O  O   . ILE A 1 23  ? -4.57974  13.04314  1.77395   1.000 24.38000 ? 23  ILE A O   1 
ATOM   165  C  CB  . ILE A 1 23  ? -3.94934  10.94476  4.22923   1.000 24.62000 ? 23  ILE A CB  1 
ATOM   166  C  CG1 . ILE A 1 23  ? -2.98386  9.87537   4.74296   1.000 24.66000 ? 23  ILE A CG1 1 
ATOM   167  C  CG2 . ILE A 1 23  ? -5.05679  10.33742  3.37953   1.000 24.63000 ? 23  ILE A CG2 1 
ATOM   168  C  CD1 . ILE A 1 23  ? -2.02984  9.34151   3.68926   1.000 24.59000 ? 23  ILE A CD1 1 
ATOM   169  N  N   . GLU A 1 24  ? -4.54696  14.06854  3.80261   1.000 24.77000 ? 24  GLU A N   1 
ATOM   170  C  CA  . GLU A 1 24  ? -5.47089  15.18542  3.48937   1.000 24.99000 ? 24  GLU A CA  1 
ATOM   171  C  C   . GLU A 1 24  ? -5.07498  16.40162  4.33183   1.000 24.80000 ? 24  GLU A C   1 
ATOM   172  O  O   . GLU A 1 24  ? -4.71939  16.21827  5.50810   1.000 24.65000 ? 24  GLU A O   1 
ATOM   173  C  CB  . GLU A 1 24  ? -6.89651  14.72355  3.77767   1.000 25.29000 ? 24  GLU A CB  1 
ATOM   174  C  CG  . GLU A 1 24  ? -7.96988  15.52882  3.07240   1.000 25.54000 ? 24  GLU A CG  1 
ATOM   175  C  CD  . GLU A 1 24  ? -9.35011  14.90586  3.20615   1.000 25.84000 ? 24  GLU A CD  1 
ATOM   176  O  OE1 . GLU A 1 24  ? -9.47248  13.91260  3.97307   1.000 25.92000 ? 24  GLU A OE1 1 
ATOM   177  O  OE2 . GLU A 1 24  ? -10.29668 15.39934  2.53903   1.000 25.93000 ? 24  GLU A OE2 1 
ATOM   178  N  N   . PHE A 1 25  ? -5.11335  17.59861  3.75185   1.000 24.87000 ? 25  PHE A N   1 
ATOM   179  C  CA  . PHE A 1 25  ? -4.87029  18.87246  4.47805   1.000 25.04000 ? 25  PHE A CA  1 
ATOM   180  C  C   . PHE A 1 25  ? -5.87094  19.93079  4.01094   1.000 25.23000 ? 25  PHE A C   1 
ATOM   181  O  O   . PHE A 1 25  ? -6.44033  19.80566  2.91998   1.000 25.14000 ? 25  PHE A O   1 
ATOM   182  C  CB  . PHE A 1 25  ? -3.42590  19.35155  4.29990   1.000 24.94000 ? 25  PHE A CB  1 
ATOM   183  C  CG  . PHE A 1 25  ? -3.14509  20.09841  3.01936   1.000 24.79000 ? 25  PHE A CG  1 
ATOM   184  C  CD1 . PHE A 1 25  ? -2.99413  19.41975  1.81836   1.000 24.65000 ? 25  PHE A CD1 1 
ATOM   185  C  CD2 . PHE A 1 25  ? -3.01985  21.48194  3.01581   1.000 24.71000 ? 25  PHE A CD2 1 
ATOM   186  C  CE1 . PHE A 1 25  ? -2.73775  20.11220  0.64432   1.000 24.50000 ? 25  PHE A CE1 1 
ATOM   187  C  CE2 . PHE A 1 25  ? -2.76418  22.17078  1.83990   1.000 24.39000 ? 25  PHE A CE2 1 
ATOM   188  C  CZ  . PHE A 1 25  ? -2.62231  21.48436  0.65845   1.000 24.39000 ? 25  PHE A CZ  1 
ATOM   189  N  N   . GLN A 1 26  ? -6.07109  20.95374  4.83958   1.000 25.74000 ? 26  GLN A N   1 
ATOM   190  C  CA  . GLN A 1 26  ? -6.92204  22.12665  4.51822   1.000 25.82000 ? 26  GLN A CA  1 
ATOM   191  C  C   . GLN A 1 26  ? -6.44540  23.32310  5.34118   1.000 25.53000 ? 26  GLN A C   1 
ATOM   192  O  O   . GLN A 1 26  ? -6.46661  23.23484  6.58112   1.000 25.28000 ? 26  GLN A O   1 
ATOM   193  C  CB  . GLN A 1 26  ? -8.38978  21.79476  4.78358   1.000 26.04000 ? 26  GLN A CB  1 
ATOM   194  C  CG  . GLN A 1 26  ? -9.34447  22.76184  4.10924   1.000 26.37000 ? 26  GLN A CG  1 
ATOM   195  C  CD  . GLN A 1 26  ? -10.78440 22.37037  4.32424   1.000 26.68000 ? 26  GLN A CD  1 
ATOM   196  O  OE1 . GLN A 1 26  ? -11.11298 21.65564  5.26883   1.000 27.10000 ? 26  GLN A OE1 1 
ATOM   197  N  NE2 . GLN A 1 26  ? -11.65763 22.83653  3.44446   1.000 26.50000 ? 26  GLN A NE2 1 
ATOM   198  N  N   . HIS A 1 27  ? -5.98976  24.37686  4.66700   1.000 25.66000 ? 27  HIS A N   1 
ATOM   199  C  CA  . HIS A 1 27  ? -5.82955  25.72993  5.25939   1.000 26.04000 ? 27  HIS A CA  1 
ATOM   200  C  C   . HIS A 1 27  ? -7.24474  26.25646  5.51684   1.000 26.04000 ? 27  HIS A C   1 
ATOM   201  O  O   . HIS A 1 27  ? -8.09624  26.11857  4.61576   1.000 26.00000 ? 27  HIS A O   1 
ATOM   202  C  CB  . HIS A 1 27  ? -4.95807  26.64130  4.37563   1.000 26.21000 ? 27  HIS A CB  1 
ATOM   203  C  CG  . HIS A 1 27  ? -3.52105  26.21896  4.29109   1.000 26.78000 ? 27  HIS A CG  1 
ATOM   204  N  ND1 . HIS A 1 27  ? -2.97853  25.62377  3.15741   1.000 26.84000 ? 27  HIS A ND1 1 
ATOM   205  C  CD2 . HIS A 1 27  ? -2.50639  26.29797  5.18627   1.000 27.16000 ? 27  HIS A CD2 1 
ATOM   206  C  CE1 . HIS A 1 27  ? -1.70066  25.35293  3.36341   1.000 27.15000 ? 27  HIS A CE1 1 
ATOM   207  N  NE2 . HIS A 1 27  ? -1.38150  25.76031  4.59984   1.000 27.27000 ? 27  HIS A NE2 1 
ATOM   208  N  N   . VAL A 1 28  ? -7.50469  26.74458  6.73071   1.000 25.83000 ? 28  VAL A N   1 
ATOM   209  C  CA  . VAL A 1 28  ? -8.84646  27.21993  7.16195   1.000 25.98000 ? 28  VAL A CA  1 
ATOM   210  C  C   . VAL A 1 28  ? -8.72624  28.68931  7.57371   1.000 26.60000 ? 28  VAL A C   1 
ATOM   211  O  O   . VAL A 1 28  ? -7.83247  29.00834  8.37538   1.000 25.73000 ? 28  VAL A O   1 
ATOM   212  C  CB  . VAL A 1 28  ? -9.41504  26.34597  8.29548   1.000 25.51000 ? 28  VAL A CB  1 
ATOM   213  C  CG1 . VAL A 1 28  ? -10.74284 26.88766  8.80161   1.000 25.23000 ? 28  VAL A CG1 1 
ATOM   214  C  CG2 . VAL A 1 28  ? -9.54904  24.89377  7.86915   1.000 25.25000 ? 28  VAL A CG2 1 
ATOM   215  N  N   . LYS A 1 29  ? -9.58984  29.53513  7.00732   1.000 28.06000 ? 29  LYS A N   1 
ATOM   216  C  CA  . LYS A 1 29  ? -9.80180  30.94979  7.41069   1.000 29.51000 ? 29  LYS A CA  1 
ATOM   217  C  C   . LYS A 1 29  ? -11.17649 31.02425  8.06729   1.000 29.29000 ? 29  LYS A C   1 
ATOM   218  O  O   . LYS A 1 29  ? -12.19153 31.12271  7.38014   1.000 29.20000 ? 29  LYS A O   1 
ATOM   219  C  CB  . LYS A 1 29  ? -9.70342  31.89733  6.20644   1.000 30.91000 ? 29  LYS A CB  1 
ATOM   220  C  CG  . LYS A 1 29  ? -8.34601  31.94060  5.50679   1.000 32.40000 ? 29  LYS A CG  1 
ATOM   221  C  CD  . LYS A 1 29  ? -7.46230  33.14598  5.86958   1.000 33.65000 ? 29  LYS A CD  1 
ATOM   222  C  CE  . LYS A 1 29  ? -6.05496  33.06764  5.29108   1.000 34.30000 ? 29  LYS A CE  1 
ATOM   223  N  NZ  . LYS A 1 29  ? -5.03249  33.60330  6.22556   1.000 34.55000 ? 29  LYS A NZ  1 
ATOM   224  N  N   . PRO A 1 30  ? -11.25579 30.94883  9.41182   1.000 29.21000 ? 30  PRO A N   1 
ATOM   225  C  CA  . PRO A 1 30  ? -12.54076 30.87925  10.10890  1.000 29.34000 ? 30  PRO A CA  1 
ATOM   226  C  C   . PRO A 1 30  ? -13.40960 32.14185  10.01438  1.000 29.10000 ? 30  PRO A C   1 
ATOM   227  O  O   . PRO A 1 30  ? -14.54865 32.09021  10.44038  1.000 28.53000 ? 30  PRO A O   1 
ATOM   228  C  CB  . PRO A 1 30  ? -12.16767 30.68287  11.58719  1.000 29.28000 ? 30  PRO A CB  1 
ATOM   229  C  CG  . PRO A 1 30  ? -10.72101 30.23860  11.55905  1.000 29.40000 ? 30  PRO A CG  1 
ATOM   230  C  CD  . PRO A 1 30  ? -10.11822 30.90800  10.34162  1.000 29.29000 ? 30  PRO A CD  1 
ATOM   231  N  N   . GLY A 1 31  ? -12.84807 33.24747  9.52534   1.000 29.38000 ? 31  GLY A N   1 
ATOM   232  C  CA  . GLY A 1 31  ? -13.59816 34.50747  9.35238   1.000 30.23000 ? 31  GLY A CA  1 
ATOM   233  C  C   . GLY A 1 31  ? -13.83044 35.22176  10.67692  1.000 30.43000 ? 31  GLY A C   1 
ATOM   234  O  O   . GLY A 1 31  ? -14.28126 36.38995  10.63727  1.000 30.76000 ? 31  GLY A O   1 
ATOM   235  N  N   . LYS A 1 32  ? -13.56475 34.54836  11.80374  1.000 30.19000 ? 32  LYS A N   1 
ATOM   236  C  CA  . LYS A 1 32  ? -13.30120 35.19809  13.11281  1.000 30.11000 ? 32  LYS A CA  1 
ATOM   237  C  C   . LYS A 1 32  ? -12.06339 34.55453  13.74917  1.000 29.71000 ? 32  LYS A C   1 
ATOM   238  O  O   . LYS A 1 32  ? -12.11976 33.36281  14.06362  1.000 30.09000 ? 32  LYS A O   1 
ATOM   239  C  CB  . LYS A 1 32  ? -14.53770 35.10386  14.00839  1.000 30.51000 ? 32  LYS A CB  1 
ATOM   240  C  CG  . LYS A 1 32  ? -14.58442 36.14430  15.12241  1.000 30.80000 ? 32  LYS A CG  1 
ATOM   241  C  CD  . LYS A 1 32  ? -15.90067 36.22052  15.87171  1.000 30.91000 ? 32  LYS A CD  1 
ATOM   242  C  CE  . LYS A 1 32  ? -16.65238 37.52695  15.69591  1.000 31.19000 ? 32  LYS A CE  1 
ATOM   243  N  NZ  . LYS A 1 32  ? -15.84201 38.71651  16.06266  1.000 31.32000 ? 32  LYS A NZ  1 
ATOM   244  N  N   . GLY A 1 33  ? -10.97085 35.30956  13.87743  1.000 29.34000 ? 33  GLY A N   1 
ATOM   245  C  CA  . GLY A 1 33  ? -9.71837  34.86621  14.52310  1.000 28.81000 ? 33  GLY A CA  1 
ATOM   246  C  C   . GLY A 1 33  ? -8.66900  34.38300  13.52531  1.000 28.35000 ? 33  GLY A C   1 
ATOM   247  O  O   . GLY A 1 33  ? -8.86462  34.44705  12.31645  1.000 27.90000 ? 33  GLY A O   1 
ATOM   248  N  N   . PRO A 1 34  ? -7.51628  33.87711  14.01703  1.000 28.30000 ? 34  PRO A N   1 
ATOM   249  C  CA  . PRO A 1 34  ? -6.42194  33.42516  13.15708  1.000 28.40000 ? 34  PRO A CA  1 
ATOM   250  C  C   . PRO A 1 34  ? -6.77764  32.23034  12.26436  1.000 28.29000 ? 34  PRO A C   1 
ATOM   251  O  O   . PRO A 1 34  ? -7.64863  31.44773  12.62727  1.000 28.58000 ? 34  PRO A O   1 
ATOM   252  C  CB  . PRO A 1 34  ? -5.32776  32.97217  14.13811  1.000 28.28000 ? 34  PRO A CB  1 
ATOM   253  C  CG  . PRO A 1 34  ? -5.67708  33.68476  15.42063  1.000 28.58000 ? 34  PRO A CG  1 
ATOM   254  C  CD  . PRO A 1 34  ? -7.19073  33.72473  15.44131  1.000 28.49000 ? 34  PRO A CD  1 
ATOM   255  N  N   . ALA A 1 35  ? -6.08392  32.11338  11.13669  1.000 27.71000 ? 35  ALA A N   1 
ATOM   256  C  CA  . ALA A 1 35  ? -6.11807  30.92817  10.25626  1.000 27.90000 ? 35  ALA A CA  1 
ATOM   257  C  C   . ALA A 1 35  ? -5.40405  29.75707  10.94752  1.000 28.06000 ? 35  ALA A C   1 
ATOM   258  O  O   . ALA A 1 35  ? -4.57085  29.97910  11.84463  1.000 27.52000 ? 35  ALA A O   1 
ATOM   259  C  CB  . ALA A 1 35  ? -5.49201  31.25992  8.92536   1.000 27.76000 ? 35  ALA A CB  1 
ATOM   260  N  N   . PHE A 1 36  ? -5.73290  28.53879  10.53742  1.000 28.45000 ? 36  PHE A N   1 
ATOM   261  C  CA  . PHE A 1 36  ? -5.10096  27.29772  11.03945  1.000 28.99000 ? 36  PHE A CA  1 
ATOM   262  C  C   . PHE A 1 36  ? -5.17095  26.23974  9.93482   1.000 29.66000 ? 36  PHE A C   1 
ATOM   263  O  O   . PHE A 1 36  ? -5.84922  26.45695  8.90382   1.000 28.64000 ? 36  PHE A O   1 
ATOM   264  C  CB  . PHE A 1 36  ? -5.77121  26.85619  12.34704  1.000 29.12000 ? 36  PHE A CB  1 
ATOM   265  C  CG  . PHE A 1 36  ? -7.16716  26.29553  12.19004  1.000 29.00000 ? 36  PHE A CG  1 
ATOM   266  C  CD1 . PHE A 1 36  ? -7.36315  24.93917  11.96286  1.000 28.49000 ? 36  PHE A CD1 1 
ATOM   267  C  CD2 . PHE A 1 36  ? -8.28260  27.12605  12.24098  1.000 28.74000 ? 36  PHE A CD2 1 
ATOM   268  C  CE1 . PHE A 1 36  ? -8.63717  24.42969  11.79214  1.000 28.28000 ? 36  PHE A CE1 1 
ATOM   269  C  CE2 . PHE A 1 36  ? -9.55668  26.60622  12.07958  1.000 28.39000 ? 36  PHE A CE2 1 
ATOM   270  C  CZ  . PHE A 1 36  ? -9.73110  25.26158  11.86544  1.000 28.19000 ? 36  PHE A CZ  1 
ATOM   271  N  N   . VAL A 1 37  ? -4.45209  25.12754  10.13089  1.000 31.02000 ? 37  VAL A N   1 
ATOM   272  C  CA  . VAL A 1 37  ? -4.41687  24.00394  9.14988   1.000 31.53000 ? 37  VAL A CA  1 
ATOM   273  C  C   . VAL A 1 37  ? -4.86426  22.73366  9.86484   1.000 31.31000 ? 37  VAL A C   1 
ATOM   274  O  O   . VAL A 1 37  ? -4.46477  22.54486  11.01772  1.000 32.03000 ? 37  VAL A O   1 
ATOM   275  C  CB  . VAL A 1 37  ? -3.02894  23.83986  8.50766   1.000 32.39000 ? 37  VAL A CB  1 
ATOM   276  C  CG1 . VAL A 1 37  ? -3.14461  23.18634  7.13757   1.000 32.72000 ? 37  VAL A CG1 1 
ATOM   277  C  CG2 . VAL A 1 37  ? -2.28702  25.16640  8.40368   1.000 32.92000 ? 37  VAL A CG2 1 
ATOM   278  N  N   . ARG A 1 38  ? -5.71713  21.95602  9.20736   1.000 31.25000 ? 38  ARG A N   1 
ATOM   279  C  CA  . ARG A 1 38  ? -6.10909  20.57865  9.58827   1.000 31.35000 ? 38  ARG A CA  1 
ATOM   280  C  C   . ARG A 1 38  ? -5.34606  19.62500  8.67362   1.000 31.78000 ? 38  ARG A C   1 
ATOM   281  O  O   . ARG A 1 38  ? -5.38838  19.85547  7.44405   1.000 31.70000 ? 38  ARG A O   1 
ATOM   282  C  CB  . ARG A 1 38  ? -7.60464  20.35479  9.35958   1.000 31.34000 ? 38  ARG A CB  1 
ATOM   283  C  CG  . ARG A 1 38  ? -8.48580  20.62032  10.56861  1.000 31.73000 ? 38  ARG A CG  1 
ATOM   284  C  CD  . ARG A 1 38  ? -9.88332  20.04585  10.38049  1.000 31.88000 ? 38  ARG A CD  1 
ATOM   285  N  NE  . ARG A 1 38  ? -10.58066 20.69817  9.27990   1.000 31.46000 ? 38  ARG A NE  1 
ATOM   286  C  CZ  . ARG A 1 38  ? -11.27555 21.82300  9.39005   1.000 31.78000 ? 38  ARG A CZ  1 
ATOM   287  N  NH1 . ARG A 1 38  ? -11.39266 22.41752  10.56818  1.000 32.01000 ? 38  ARG A NH1 1 
ATOM   288  N  NH2 . ARG A 1 38  ? -11.86590 22.34315  8.32615   1.000 31.55000 ? 38  ARG A NH2 1 
ATOM   289  N  N   . THR A 1 39  ? -4.68752  18.60804  9.23068   1.000 31.74000 ? 39  THR A N   1 
ATOM   290  C  CA  . THR A 1 39  ? -4.03412  17.52280  8.45796   1.000 32.07000 ? 39  THR A CA  1 
ATOM   291  C  C   . THR A 1 39  ? -4.47491  16.15302  8.97847   1.000 32.62000 ? 39  THR A C   1 
ATOM   292  O  O   . THR A 1 39  ? -4.25299  15.87785  10.18130  1.000 32.73000 ? 39  THR A O   1 
ATOM   293  C  CB  . THR A 1 39  ? -2.51138  17.62771  8.54659   1.000 32.24000 ? 39  THR A CB  1 
ATOM   294  O  OG1 . THR A 1 39  ? -2.15562  17.61112  9.93263   1.000 32.45000 ? 39  THR A OG1 1 
ATOM   295  C  CG2 . THR A 1 39  ? -1.97801  18.86896  7.86614   1.000 32.38000 ? 39  THR A CG2 1 
ATOM   296  N  N   . LYS A 1 40  ? -5.04701  15.32313  8.10134   1.000 32.99000 ? 40  LYS A N   1 
ATOM   297  C  CA  . LYS A 1 40  ? -5.15389  13.85573  8.30825   1.000 33.26000 ? 40  LYS A CA  1 
ATOM   298  C  C   . LYS A 1 40  ? -3.75361  13.26150  8.11609   1.000 32.65000 ? 40  LYS A C   1 
ATOM   299  O  O   . LYS A 1 40  ? -3.22573  13.36781  6.99376   1.000 32.16000 ? 40  LYS A O   1 
ATOM   300  C  CB  . LYS A 1 40  ? -6.17349  13.24986  7.34065   1.000 34.63000 ? 40  LYS A CB  1 
ATOM   301  C  CG  . LYS A 1 40  ? -6.84291  11.96924  7.83783   1.000 35.90000 ? 40  LYS A CG  1 
ATOM   302  C  CD  . LYS A 1 40  ? -8.36328  11.95467  7.65243   1.000 36.49000 ? 40  LYS A CD  1 
ATOM   303  C  CE  . LYS A 1 40  ? -8.79847  11.37421  6.32330   1.000 37.20000 ? 40  LYS A CE  1 
ATOM   304  N  NZ  . LYS A 1 40  ? -8.23259  10.01882  6.11381   1.000 37.81000 ? 40  LYS A NZ  1 
ATOM   305  N  N   . LEU A 1 41  ? -3.15740  12.71306  9.18100   1.000 31.98000 ? 41  LEU A N   1 
ATOM   306  C  CA  . LEU A 1 41  ? -1.76612  12.18944  9.18379   1.000 31.64000 ? 41  LEU A CA  1 
ATOM   307  C  C   . LEU A 1 41  ? -1.76403  10.66806  9.32154   1.000 32.02000 ? 41  LEU A C   1 
ATOM   308  O  O   . LEU A 1 41  ? -2.43968  10.15848  10.22679  1.000 32.53000 ? 41  LEU A O   1 
ATOM   309  C  CB  . LEU A 1 41  ? -1.01076  12.78455  10.36702  1.000 31.64000 ? 41  LEU A CB  1 
ATOM   310  C  CG  . LEU A 1 41  ? -0.75386  14.28605  10.32088  1.000 31.47000 ? 41  LEU A CG  1 
ATOM   311  C  CD1 . LEU A 1 41  ? 0.05403   14.69045  11.53970  1.000 31.50000 ? 41  LEU A CD1 1 
ATOM   312  C  CD2 . LEU A 1 41  ? -0.04173  14.69499  9.04152   1.000 31.26000 ? 41  LEU A CD2 1 
ATOM   313  N  N   . LYS A 1 42  ? -0.97860  9.97930   8.49831   1.000 31.82000 ? 42  LYS A N   1 
ATOM   314  C  CA  . LYS A 1 42  ? -0.80130  8.50860   8.57402   1.000 31.90000 ? 42  LYS A CA  1 
ATOM   315  C  C   . LYS A 1 42  ? 0.64430   8.19643   8.97213   1.000 31.20000 ? 42  LYS A C   1 
ATOM   316  O  O   . LYS A 1 42  ? 1.55530   8.53467   8.19879   1.000 30.53000 ? 42  LYS A O   1 
ATOM   317  C  CB  . LYS A 1 42  ? -1.15363  7.86599   7.23099   1.000 32.69000 ? 42  LYS A CB  1 
ATOM   318  C  CG  . LYS A 1 42  ? -0.96898  6.35607   7.19480   1.000 33.33000 ? 42  LYS A CG  1 
ATOM   319  C  CD  . LYS A 1 42  ? -1.13454  5.75499   5.82708   1.000 34.07000 ? 42  LYS A CD  1 
ATOM   320  C  CE  . LYS A 1 42  ? -0.92018  4.25689   5.84296   1.000 34.57000 ? 42  LYS A CE  1 
ATOM   321  N  NZ  . LYS A 1 42  ? -0.89113  3.69194   4.47518   1.000 35.03000 ? 42  LYS A NZ  1 
ATOM   322  N  N   . ASP A 1 43  ? 0.84054   7.58222   10.13648  1.000 30.88000 ? 43  ASP A N   1 
ATOM   323  C  CA  . ASP A 1 43  ? 2.15551   7.03038   10.54618  1.000 30.93000 ? 43  ASP A CA  1 
ATOM   324  C  C   . ASP A 1 43  ? 2.59050   6.04687   9.45022   1.000 31.24000 ? 43  ASP A C   1 
ATOM   325  O  O   . ASP A 1 43  ? 1.91760   5.00548   9.29867   1.000 31.75000 ? 43  ASP A O   1 
ATOM   326  C  CB  . ASP A 1 43  ? 2.05377   6.41105   11.93940  1.000 30.67000 ? 43  ASP A CB  1 
ATOM   327  C  CG  . ASP A 1 43  ? 3.39524   6.07876   12.56628  1.000 30.93000 ? 43  ASP A CG  1 
ATOM   328  O  OD1 . ASP A 1 43  ? 4.31140   5.68680   11.80856  1.000 30.88000 ? 43  ASP A OD1 1 
ATOM   329  O  OD2 . ASP A 1 43  ? 3.50569   6.19752   13.81234  1.000 30.95000 ? 43  ASP A OD2 1 
ATOM   330  N  N   . VAL A 1 44  ? 3.63326   6.38826   8.67992   1.000 31.13000 ? 44  VAL A N   1 
ATOM   331  C  CA  . VAL A 1 44  ? 4.06797   5.64434   7.45425   1.000 30.93000 ? 44  VAL A CA  1 
ATOM   332  C  C   . VAL A 1 44  ? 4.50220   4.23115   7.85329   1.000 30.91000 ? 44  VAL A C   1 
ATOM   333  O  O   . VAL A 1 44  ? 4.42790   3.32745   6.99927   1.000 30.30000 ? 44  VAL A O   1 
ATOM   334  C  CB  . VAL A 1 44  ? 5.21354   6.33955   6.68150   1.000 30.80000 ? 44  VAL A CB  1 
ATOM   335  C  CG1 . VAL A 1 44  ? 4.78435   7.64539   6.03947   1.000 30.54000 ? 44  VAL A CG1 1 
ATOM   336  C  CG2 . VAL A 1 44  ? 6.45369   6.53755   7.54290   1.000 30.72000 ? 44  VAL A CG2 1 
ATOM   337  N  N   . VAL A 1 45  ? 4.99193   4.06528   9.08170   1.000 31.24000 ? 45  VAL A N   1 
ATOM   338  C  CA  . VAL A 1 45  ? 5.48428   2.75080   9.58231   1.000 31.39000 ? 45  VAL A CA  1 
ATOM   339  C  C   . VAL A 1 45  ? 4.27494   1.97566   10.10142  1.000 31.48000 ? 45  VAL A C   1 
ATOM   340  O  O   . VAL A 1 45  ? 4.03967   0.85830   9.60731   1.000 31.89000 ? 45  VAL A O   1 
ATOM   341  C  CB  . VAL A 1 45  ? 6.58106   2.89495   10.65997  1.000 31.42000 ? 45  VAL A CB  1 
ATOM   342  C  CG1 . VAL A 1 45  ? 7.10905   1.52959   11.08881  1.000 31.35000 ? 45  VAL A CG1 1 
ATOM   343  C  CG2 . VAL A 1 45  ? 7.72485   3.79419   10.20203  1.000 31.02000 ? 45  VAL A CG2 1 
ATOM   344  N  N   . THR A 1 46  ? 3.53220   2.54739   11.04989  1.000 31.62000 ? 46  THR A N   1 
ATOM   345  C  CA  . THR A 1 46  ? 2.46418   1.81819   11.78311  1.000 32.01000 ? 46  THR A CA  1 
ATOM   346  C  C   . THR A 1 46  ? 1.19925   1.76994   10.91612  1.000 32.04000 ? 46  THR A C   1 
ATOM   347  O  O   . THR A 1 46  ? 0.45088   0.78173   11.01541  1.000 31.91000 ? 46  THR A O   1 
ATOM   348  C  CB  . THR A 1 46  ? 2.23546   2.42202   13.17458  1.000 31.93000 ? 46  THR A CB  1 
ATOM   349  O  OG1 . THR A 1 46  ? 1.67566   3.72026   12.99057  1.000 32.06000 ? 46  THR A OG1 1 
ATOM   350  C  CG2 . THR A 1 46  ? 3.50153   2.51576   14.00037  1.000 31.88000 ? 46  THR A CG2 1 
ATOM   351  N  N   . GLY A 1 47  ? 0.97490   2.79334   10.09003  1.000 32.17000 ? 47  GLY A N   1 
ATOM   352  C  CA  . GLY A 1 47  ? -0.24778  2.92630   9.27461   1.000 32.53000 ? 47  GLY A CA  1 
ATOM   353  C  C   . GLY A 1 47  ? -1.37364  3.64096   10.01392  1.000 32.69000 ? 47  GLY A C   1 
ATOM   354  O  O   . GLY A 1 47  ? -2.39526  3.92991   9.35712   1.000 32.78000 ? 47  GLY A O   1 
ATOM   355  N  N   . LYS A 1 48  ? -1.21121  3.92785   11.31651  1.000 32.63000 ? 48  LYS A N   1 
ATOM   356  C  CA  . LYS A 1 48  ? -2.25859  4.57971   12.14828  1.000 32.47000 ? 48  LYS A CA  1 
ATOM   357  C  C   . LYS A 1 48  ? -2.42754  6.00743   11.64707  1.000 31.99000 ? 48  LYS A C   1 
ATOM   358  O  O   . LYS A 1 48  ? -1.41139  6.69706   11.45341  1.000 31.10000 ? 48  LYS A O   1 
ATOM   359  C  CB  . LYS A 1 48  ? -1.91408  4.59373   13.63918  1.000 32.92000 ? 48  LYS A CB  1 
ATOM   360  C  CG  . LYS A 1 48  ? -1.31896  3.30028   14.16274  1.000 33.73000 ? 48  LYS A CG  1 
ATOM   361  C  CD  . LYS A 1 48  ? -1.76884  2.90420   15.54852  1.000 34.19000 ? 48  LYS A CD  1 
ATOM   362  C  CE  . LYS A 1 48  ? -1.03335  1.67791   16.04616  1.000 34.49000 ? 48  LYS A CE  1 
ATOM   363  N  NZ  . LYS A 1 48  ? 0.35806   2.01104   16.44110  1.000 34.80000 ? 48  LYS A NZ  1 
ATOM   364  N  N   . THR A 1 49  ? -3.67196  6.42191   11.44162  1.000 32.01000 ? 49  THR A N   1 
ATOM   365  C  CA  . THR A 1 49  ? -3.98974  7.78011   10.94519  1.000 31.98000 ? 49  THR A CA  1 
ATOM   366  C  C   . THR A 1 49  ? -4.67435  8.56088   12.07456  1.000 31.95000 ? 49  THR A C   1 
ATOM   367  O  O   . THR A 1 49  ? -5.39008  7.94802   12.90483  1.000 31.45000 ? 49  THR A O   1 
ATOM   368  C  CB  . THR A 1 49  ? -4.75302  7.73243   9.61783   1.000 31.89000 ? 49  THR A CB  1 
ATOM   369  O  OG1 . THR A 1 49  ? -6.13078  7.90623   9.92651   1.000 32.14000 ? 49  THR A OG1 1 
ATOM   370  C  CG2 . THR A 1 49  ? -4.52087  6.45548   8.83601   1.000 31.89000 ? 49  THR A CG2 1 
ATOM   371  N  N   . ILE A 1 50  ? -4.37817  9.86026   12.13615  1.000 31.51000 ? 50  ILE A N   1 
ATOM   372  C  CA  . ILE A 1 50  ? -4.87218  10.80188  13.17489  1.000 31.11000 ? 50  ILE A CA  1 
ATOM   373  C  C   . ILE A 1 50  ? -5.24553  12.10709  12.47841  1.000 30.79000 ? 50  ILE A C   1 
ATOM   374  O  O   . ILE A 1 50  ? -4.74169  12.36410  11.36711  1.000 30.54000 ? 50  ILE A O   1 
ATOM   375  C  CB  . ILE A 1 50  ? -3.80594  11.03785  14.26359  1.000 31.20000 ? 50  ILE A CB  1 
ATOM   376  C  CG1 . ILE A 1 50  ? -2.57513  11.75788  13.70184  1.000 31.37000 ? 50  ILE A CG1 1 
ATOM   377  C  CG2 . ILE A 1 50  ? -3.42964  9.74270   14.95719  1.000 30.85000 ? 50  ILE A CG2 1 
ATOM   378  C  CD1 . ILE A 1 50  ? -1.85661  12.61729  14.70498  1.000 31.46000 ? 50  ILE A CD1 1 
ATOM   379  N  N   . ASP A 1 51  ? -6.07256  12.91173  13.13210  1.000 30.75000 ? 51  ASP A N   1 
ATOM   380  C  CA  . ASP A 1 51  ? -6.34828  14.30353  12.70525  1.000 31.13000 ? 51  ASP A CA  1 
ATOM   381  C  C   . ASP A 1 51  ? -5.51245  15.20988  13.60653  1.000 30.57000 ? 51  ASP A C   1 
ATOM   382  O  O   . ASP A 1 51  ? -5.51886  14.99264  14.82432  1.000 30.72000 ? 51  ASP A O   1 
ATOM   383  C  CB  . ASP A 1 51  ? -7.85570  14.56643  12.70579  1.000 31.48000 ? 51  ASP A CB  1 
ATOM   384  C  CG  . ASP A 1 51  ? -8.62688  13.46526  11.99134  1.000 31.92000 ? 51  ASP A CG  1 
ATOM   385  O  OD1 . ASP A 1 51  ? -8.31536  13.20089  10.81025  1.000 32.13000 ? 51  ASP A OD1 1 
ATOM   386  O  OD2 . ASP A 1 51  ? -9.50836  12.84603  12.63414  1.000 32.70000 ? 51  ASP A OD2 1 
ATOM   387  N  N   . LYS A 1 52  ? -4.77006  16.14631  13.02167  1.000 30.42000 ? 52  LYS A N   1 
ATOM   388  C  CA  . LYS A 1 52  ? -3.99357  17.16542  13.78234  1.000 30.50000 ? 52  LYS A CA  1 
ATOM   389  C  C   . LYS A 1 52  ? -4.27598  18.56288  13.21041  1.000 29.57000 ? 52  LYS A C   1 
ATOM   390  O  O   . LYS A 1 52  ? -4.50174  18.69155  11.99266  1.000 29.40000 ? 52  LYS A O   1 
ATOM   391  C  CB  . LYS A 1 52  ? -2.49936  16.83182  13.75307  1.000 30.96000 ? 52  LYS A CB  1 
ATOM   392  C  CG  . LYS A 1 52  ? -1.58424  17.81693  14.46804  1.000 31.54000 ? 52  LYS A CG  1 
ATOM   393  C  CD  . LYS A 1 52  ? -0.14232  17.33898  14.53789  1.000 32.17000 ? 52  LYS A CD  1 
ATOM   394  C  CE  . LYS A 1 52  ? 0.80916   18.36530  15.11696  1.000 32.67000 ? 52  LYS A CE  1 
ATOM   395  N  NZ  . LYS A 1 52  ? 0.50213   18.65817  16.53602  1.000 33.18000 ? 52  LYS A NZ  1 
ATOM   396  N  N   . THR A 1 53  ? -4.25394  19.57481  14.07295  1.000 28.93000 ? 53  THR A N   1 
ATOM   397  C  CA  . THR A 1 53  ? -4.39157  20.99668  13.68200  1.000 28.49000 ? 53  THR A CA  1 
ATOM   398  C  C   . THR A 1 53  ? -3.08098  21.70991  13.96688  1.000 28.67000 ? 53  THR A C   1 
ATOM   399  O  O   . THR A 1 53  ? -2.36680  21.28331  14.89745  1.000 28.98000 ? 53  THR A O   1 
ATOM   400  C  CB  . THR A 1 53  ? -5.52552  21.70416  14.42166  1.000 28.05000 ? 53  THR A CB  1 
ATOM   401  O  OG1 . THR A 1 53  ? -5.11034  21.82263  15.78330  1.000 27.56000 ? 53  THR A OG1 1 
ATOM   402  C  CG2 . THR A 1 53  ? -6.84375  20.97533  14.27867  1.000 28.10000 ? 53  THR A CG2 1 
ATOM   403  N  N   . TRP A 1 54  ? -2.82072  22.75922  13.19217  1.000 28.35000 ? 54  TRP A N   1 
ATOM   404  C  CA  . TRP A 1 54  ? -1.56132  23.53796  13.20703  1.000 28.41000 ? 54  TRP A CA  1 
ATOM   405  C  C   . TRP A 1 54  ? -1.88238  25.02859  13.18689  1.000 28.49000 ? 54  TRP A C   1 
ATOM   406  O  O   . TRP A 1 54  ? -2.74130  25.45933  12.36636  1.000 27.71000 ? 54  TRP A O   1 
ATOM   407  C  CB  . TRP A 1 54  ? -0.71318  23.18010  11.98491  1.000 28.53000 ? 54  TRP A CB  1 
ATOM   408  C  CG  . TRP A 1 54  ? -0.43178  21.72382  11.79730  1.000 28.16000 ? 54  TRP A CG  1 
ATOM   409  C  CD1 . TRP A 1 54  ? -1.26289  20.76778  11.28881  1.000 27.82000 ? 54  TRP A CD1 1 
ATOM   410  C  CD2 . TRP A 1 54  ? 0.82201   21.07777  12.06093  1.000 28.02000 ? 54  TRP A CD2 1 
ATOM   411  N  NE1 . TRP A 1 54  ? -0.61030  19.56808  11.22969  1.000 27.77000 ? 54  TRP A NE1 1 
ATOM   412  C  CE2 . TRP A 1 54  ? 0.66313   19.72464  11.71683  1.000 27.98000 ? 54  TRP A CE2 1 
ATOM   413  C  CE3 . TRP A 1 54  ? 2.04948   21.51136  12.57409  1.000 28.38000 ? 54  TRP A CE3 1 
ATOM   414  C  CZ2 . TRP A 1 54  ? 1.69885   18.80298  11.86238  1.000 28.26000 ? 54  TRP A CZ2 1 
ATOM   415  C  CZ3 . TRP A 1 54  ? 3.07048   20.59774  12.72151  1.000 28.44000 ? 54  TRP A CZ3 1 
ATOM   416  C  CH2 . TRP A 1 54  ? 2.89313   19.25836  12.37238  1.000 28.33000 ? 54  TRP A CH2 1 
ATOM   417  N  N   . ASN A 1 55  ? -1.17947  25.79734  14.01000  1.000 29.19000 ? 55  ASN A N   1 
ATOM   418  C  CA  . ASN A 1 55  ? -1.14310  27.26553  13.83603  1.000 29.96000 ? 55  ASN A CA  1 
ATOM   419  C  C   . ASN A 1 55  ? -0.57237  27.54902  12.44269  1.000 29.82000 ? 55  ASN A C   1 
ATOM   420  O  O   . ASN A 1 55  ? 0.55569   27.08890  12.17253  1.000 29.95000 ? 55  ASN A O   1 
ATOM   421  C  CB  . ASN A 1 55  ? -0.33590  27.96731  14.92293  1.000 30.68000 ? 55  ASN A CB  1 
ATOM   422  C  CG  . ASN A 1 55  ? -0.54805  29.46507  14.85700  1.000 31.30000 ? 55  ASN A CG  1 
ATOM   423  O  OD1 . ASN A 1 55  ? -1.39708  29.94187  14.08942  1.000 31.88000 ? 55  ASN A OD1 1 
ATOM   424  N  ND2 . ASN A 1 55  ? 0.20117   30.20404  15.65621  1.000 31.07000 ? 55  ASN A ND2 1 
ATOM   425  N  N   . ALA A 1 56  ? -1.32757  28.23696  11.58265  1.000 29.81000 ? 56  ALA A N   1 
ATOM   426  C  CA  . ALA A 1 56  ? -0.89521  28.58223  10.20748  1.000 29.93000 ? 56  ALA A CA  1 
ATOM   427  C  C   . ALA A 1 56  ? 0.44397   29.31595  10.29442  1.000 29.69000 ? 56  ALA A C   1 
ATOM   428  O  O   . ALA A 1 56  ? 0.52684   30.27181  11.08668  1.000 29.52000 ? 56  ALA A O   1 
ATOM   429  C  CB  . ALA A 1 56  ? -1.93620  29.41137  9.49405   1.000 30.06000 ? 56  ALA A CB  1 
ATOM   430  N  N   . GLY A 1 57  ? 1.45709   28.82046  9.56900   1.000 29.78000 ? 57  GLY A N   1 
ATOM   431  C  CA  . GLY A 1 57  ? 2.79174   29.43944  9.43784   1.000 29.41000 ? 57  GLY A CA  1 
ATOM   432  C  C   . GLY A 1 57  ? 3.79725   28.87874  10.43054  1.000 29.25000 ? 57  GLY A C   1 
ATOM   433  O  O   . GLY A 1 57  ? 4.98804   29.24604  10.33607  1.000 29.21000 ? 57  GLY A O   1 
ATOM   434  N  N   . VAL A 1 58  ? 3.36898   28.01579  11.35352  1.000 29.49000 ? 58  VAL A N   1 
ATOM   435  C  CA  . VAL A 1 58  ? 4.29321   27.38308  12.34070  1.000 29.45000 ? 58  VAL A CA  1 
ATOM   436  C  C   . VAL A 1 58  ? 5.34864   26.56875  11.58197  1.000 29.55000 ? 58  VAL A C   1 
ATOM   437  O  O   . VAL A 1 58  ? 5.02749   25.99183  10.51646  1.000 28.34000 ? 58  VAL A O   1 
ATOM   438  C  CB  . VAL A 1 58  ? 3.55125   26.52260  13.37832  1.000 29.79000 ? 58  VAL A CB  1 
ATOM   439  C  CG1 . VAL A 1 58  ? 3.04961   25.21106  12.79706  1.000 29.69000 ? 58  VAL A CG1 1 
ATOM   440  C  CG2 . VAL A 1 58  ? 4.42582   26.25710  14.59323  1.000 30.09000 ? 58  VAL A CG2 1 
ATOM   441  N  N   . LYS A 1 59  ? 6.57774   26.55211  12.10574  1.000 30.20000 ? 59  LYS A N   1 
ATOM   442  C  CA  . LYS A 1 59  ? 7.67570   25.69649  11.59922  1.000 30.81000 ? 59  LYS A CA  1 
ATOM   443  C  C   . LYS A 1 59  ? 7.19498   24.24389  11.57315  1.000 31.25000 ? 59  LYS A C   1 
ATOM   444  O  O   . LYS A 1 59  ? 6.54973   23.81681  12.53827  1.000 31.75000 ? 59  LYS A O   1 
ATOM   445  C  CB  . LYS A 1 59  ? 8.91786   25.79530  12.48812  1.000 31.15000 ? 59  LYS A CB  1 
ATOM   446  C  CG  . LYS A 1 59  ? 10.02496  24.81182  12.12668  1.000 31.42000 ? 59  LYS A CG  1 
ATOM   447  C  CD  . LYS A 1 59  ? 11.23251  24.85854  13.03411  1.000 31.60000 ? 59  LYS A CD  1 
ATOM   448  C  CE  . LYS A 1 59  ? 12.21258  23.75106  12.71011  1.000 31.81000 ? 59  LYS A CE  1 
ATOM   449  N  NZ  . LYS A 1 59  ? 13.31990  23.69670  13.68994  1.000 32.13000 ? 59  LYS A NZ  1 
ATOM   450  N  N   . VAL A 1 60  ? 7.52225   23.51821  10.51141  1.000 31.73000 ? 60  VAL A N   1 
ATOM   451  C  CA  . VAL A 1 60  ? 7.38926   22.03658  10.42137  1.000 31.99000 ? 60  VAL A CA  1 
ATOM   452  C  C   . VAL A 1 60  ? 8.74620   21.47362  9.99612   1.000 32.30000 ? 60  VAL A C   1 
ATOM   453  O  O   . VAL A 1 60  ? 9.54988   22.22621  9.40398   1.000 32.87000 ? 60  VAL A O   1 
ATOM   454  C  CB  . VAL A 1 60  ? 6.27811   21.65081  9.43040   1.000 32.23000 ? 60  VAL A CB  1 
ATOM   455  C  CG1 . VAL A 1 60  ? 4.99493   22.41143  9.71974   1.000 32.57000 ? 60  VAL A CG1 1 
ATOM   456  C  CG2 . VAL A 1 60  ? 6.70096   21.85441  7.98490   1.000 31.97000 ? 60  VAL A CG2 1 
ATOM   457  N  N   . GLU A 1 61  ? 9.00460   20.20602  10.29350  1.000 32.69000 ? 61  GLU A N   1 
ATOM   458  C  CA  . GLU A 1 61  ? 10.21403  19.49658  9.80211   1.000 32.94000 ? 61  GLU A CA  1 
ATOM   459  C  C   . GLU A 1 61  ? 9.76654   18.29743  8.95445   1.000 32.42000 ? 61  GLU A C   1 
ATOM   460  O  O   . GLU A 1 61  ? 8.97139   17.48378  9.43951   1.000 32.05000 ? 61  GLU A O   1 
ATOM   461  C  CB  . GLU A 1 61  ? 11.13385  19.10640  10.96045  1.000 33.49000 ? 61  GLU A CB  1 
ATOM   462  C  CG  . GLU A 1 61  ? 12.49548  18.62854  10.48199  1.000 34.21000 ? 61  GLU A CG  1 
ATOM   463  C  CD  . GLU A 1 61  ? 13.47543  18.27632  11.58469  1.000 34.49000 ? 61  GLU A CD  1 
ATOM   464  O  OE1 . GLU A 1 61  ? 13.31180  18.80346  12.70344  1.000 34.53000 ? 61  GLU A OE1 1 
ATOM   465  O  OE2 . GLU A 1 61  ? 14.38876  17.47116  11.31972  1.000 34.83000 ? 61  GLU A OE2 1 
ATOM   466  N  N   . THR A 1 62  ? 10.24773  18.24997  7.71151   1.000 32.01000 ? 62  THR A N   1 
ATOM   467  C  CA  . THR A 1 62  ? 9.96950   17.21478  6.68906   1.000 31.71000 ? 62  THR A CA  1 
ATOM   468  C  C   . THR A 1 62  ? 11.07865  16.15904  6.73933   1.000 31.15000 ? 62  THR A C   1 
ATOM   469  O  O   . THR A 1 62  ? 12.17147  16.48116  7.22147   1.000 30.49000 ? 62  THR A O   1 
ATOM   470  C  CB  . THR A 1 62  ? 9.89622   17.84202  5.29118   1.000 31.81000 ? 62  THR A CB  1 
ATOM   471  O  OG1 . THR A 1 62  ? 11.11527  18.54796  5.06240   1.000 32.66000 ? 62  THR A OG1 1 
ATOM   472  C  CG2 . THR A 1 62  ? 8.74842   18.81098  5.11688   1.000 31.84000 ? 62  THR A CG2 1 
ATOM   473  N  N   . ALA A 1 63  ? 10.77977  14.94700  6.27463   1.000 31.01000 ? 63  ALA A N   1 
ATOM   474  C  CA  . ALA A 1 63  ? 11.74796  13.86084  6.01686   1.000 31.07000 ? 63  ALA A CA  1 
ATOM   475  C  C   . ALA A 1 63  ? 11.80702  13.61606  4.50799   1.000 30.87000 ? 63  ALA A C   1 
ATOM   476  O  O   . ALA A 1 63  ? 10.74333  13.49786  3.88686   1.000 30.80000 ? 63  ALA A O   1 
ATOM   477  C  CB  . ALA A 1 63  ? 11.34250  12.61559  6.76816   1.000 31.20000 ? 63  ALA A CB  1 
ATOM   478  N  N   . THR A 1 64  ? 13.00465  13.56084  3.93228   1.000 31.16000 ? 64  THR A N   1 
ATOM   479  C  CA  . THR A 1 64  ? 13.19134  13.11998  2.53070   1.000 31.18000 ? 64  THR A CA  1 
ATOM   480  C  C   . THR A 1 64  ? 13.04393  11.60500  2.53853   1.000 31.20000 ? 64  THR A C   1 
ATOM   481  O  O   . THR A 1 64  ? 13.71617  10.94649  3.34767   1.000 30.77000 ? 64  THR A O   1 
ATOM   482  C  CB  . THR A 1 64  ? 14.51281  13.59589  1.92441   1.000 31.17000 ? 64  THR A CB  1 
ATOM   483  O  OG1 . THR A 1 64  ? 14.58532  15.00470  2.13922   1.000 30.94000 ? 64  THR A OG1 1 
ATOM   484  C  CG2 . THR A 1 64  ? 14.61177  13.28505  0.44651   1.000 31.35000 ? 64  THR A CG2 1 
ATOM   485  N  N   . VAL A 1 65  ? 12.11522  11.10564  1.73277   1.000 31.49000 ? 65  VAL A N   1 
ATOM   486  C  CA  . VAL A 1 65  ? 11.82923  9.65541   1.59390   1.000 31.22000 ? 65  VAL A CA  1 
ATOM   487  C  C   . VAL A 1 65  ? 12.41571  9.22297   0.25367   1.000 31.22000 ? 65  VAL A C   1 
ATOM   488  O  O   . VAL A 1 65  ? 11.97784  9.75436   -0.79377  1.000 31.72000 ? 65  VAL A O   1 
ATOM   489  C  CB  . VAL A 1 65  ? 10.32366  9.36509   1.71620   1.000 31.24000 ? 65  VAL A CB  1 
ATOM   490  C  CG1 . VAL A 1 65  ? 10.01381  7.88573   1.53129   1.000 31.18000 ? 65  VAL A CG1 1 
ATOM   491  C  CG2 . VAL A 1 65  ? 9.77074   9.86356   3.04243   1.000 31.16000 ? 65  VAL A CG2 1 
ATOM   492  N  N   . ASP A 1 66  ? 13.40592  8.33372   0.31163   1.000 30.77000 ? 66  ASP A N   1 
ATOM   493  C  CA  . ASP A 1 66  ? 14.10653  7.77472   -0.86777  1.000 30.36000 ? 66  ASP A CA  1 
ATOM   494  C  C   . ASP A 1 66  ? 13.40375  6.46253   -1.21115  1.000 30.40000 ? 66  ASP A C   1 
ATOM   495  O  O   . ASP A 1 66  ? 13.29464  5.59575   -0.32990  1.000 30.53000 ? 66  ASP A O   1 
ATOM   496  C  CB  . ASP A 1 66  ? 15.60532  7.69499   -0.57919  1.000 30.18000 ? 66  ASP A CB  1 
ATOM   497  C  CG  . ASP A 1 66  ? 16.17112  9.06452   -0.23103  1.000 30.24000 ? 66  ASP A CG  1 
ATOM   498  O  OD1 . ASP A 1 66  ? 16.08615  9.96977   -1.09050  1.000 30.07000 ? 66  ASP A OD1 1 
ATOM   499  O  OD2 . ASP A 1 66  ? 16.63265  9.24003   0.91525   1.000 30.09000 ? 66  ASP A OD2 1 
ATOM   500  N  N   . ARG A 1 67  ? 12.88202  6.36990   -2.43249  1.000 30.53000 ? 67  ARG A N   1 
ATOM   501  C  CA  . ARG A 1 67  ? 12.13654  5.19325   -2.93903  1.000 30.79000 ? 67  ARG A CA  1 
ATOM   502  C  C   . ARG A 1 67  ? 13.07760  4.33516   -3.79509  1.000 30.71000 ? 67  ARG A C   1 
ATOM   503  O  O   . ARG A 1 67  ? 13.69212  4.86986   -4.73517  1.000 30.43000 ? 67  ARG A O   1 
ATOM   504  C  CB  . ARG A 1 67  ? 10.91081  5.66867   -3.71857  1.000 31.05000 ? 67  ARG A CB  1 
ATOM   505  C  CG  . ARG A 1 67  ? 9.89520   4.56979   -3.98222  1.000 31.53000 ? 67  ARG A CG  1 
ATOM   506  C  CD  . ARG A 1 67  ? 8.62339   5.13514   -4.57872  1.000 32.06000 ? 67  ARG A CD  1 
ATOM   507  N  NE  . ARG A 1 67  ? 8.79083   5.50188   -5.97775  1.000 32.35000 ? 67  ARG A NE  1 
ATOM   508  C  CZ  . ARG A 1 67  ? 7.85289   6.06669   -6.73246  1.000 32.61000 ? 67  ARG A CZ  1 
ATOM   509  N  NH1 . ARG A 1 67  ? 6.66423   6.33951   -6.22336  1.000 32.74000 ? 67  ARG A NH1 1 
ATOM   510  N  NH2 . ARG A 1 67  ? 8.10904   6.36110   -7.99502  1.000 32.90000 ? 67  ARG A NH2 1 
ATOM   511  N  N   . ARG A 1 68  ? 13.17069  3.04367   -3.47517  1.000 30.94000 ? 68  ARG A N   1 
ATOM   512  C  CA  . ARG A 1 68  ? 14.10923  2.07795   -4.10021  1.000 31.05000 ? 68  ARG A CA  1 
ATOM   513  C  C   . ARG A 1 68  ? 13.30412  0.98106   -4.79068  1.000 30.60000 ? 68  ARG A C   1 
ATOM   514  O  O   . ARG A 1 68  ? 12.42015  0.41582   -4.12965  1.000 30.87000 ? 68  ARG A O   1 
ATOM   515  C  CB  . ARG A 1 68  ? 15.03891  1.48191   -3.03756  1.000 31.56000 ? 68  ARG A CB  1 
ATOM   516  C  CG  . ARG A 1 68  ? 15.76919  2.52725   -2.20060  1.000 31.93000 ? 68  ARG A CG  1 
ATOM   517  C  CD  . ARG A 1 68  ? 17.22034  2.19258   -1.93049  1.000 32.22000 ? 68  ARG A CD  1 
ATOM   518  N  NE  . ARG A 1 68  ? 17.96950  2.17705   -3.18165  1.000 32.95000 ? 68  ARG A NE  1 
ATOM   519  C  CZ  . ARG A 1 68  ? 19.29725  2.18703   -3.29106  1.000 33.18000 ? 68  ARG A CZ  1 
ATOM   520  N  NH1 . ARG A 1 68  ? 20.07166  2.22490   -2.21805  1.000 33.44000 ? 68  ARG A NH1 1 
ATOM   521  N  NH2 . ARG A 1 68  ? 19.85272  2.16448   -4.48675  1.000 33.25000 ? 68  ARG A NH2 1 
ATOM   522  N  N   . ASP A 1 69  ? 13.58811  0.71837   -6.06794  1.000 30.29000 ? 69  ASP A N   1 
ATOM   523  C  CA  . ASP A 1 69  ? 13.02053  -0.42534  -6.83052  1.000 30.21000 ? 69  ASP A CA  1 
ATOM   524  C  C   . ASP A 1 69  ? 13.65329  -1.71363  -6.29166  1.000 29.86000 ? 69  ASP A C   1 
ATOM   525  O  O   . ASP A 1 69  ? 14.88770  -1.79888  -6.25204  1.000 29.91000 ? 69  ASP A O   1 
ATOM   526  C  CB  . ASP A 1 69  ? 13.21015  -0.26641  -8.34063  1.000 30.42000 ? 69  ASP A CB  1 
ATOM   527  C  CG  . ASP A 1 69  ? 12.11146  0.54269   -9.00394  1.000 30.72000 ? 69  ASP A CG  1 
ATOM   528  O  OD1 . ASP A 1 69  ? 10.92966  0.26850   -8.72310  1.000 30.75000 ? 69  ASP A OD1 1 
ATOM   529  O  OD2 . ASP A 1 69  ? 12.44641  1.45095   -9.78700  1.000 31.25000 ? 69  ASP A OD2 1 
ATOM   530  N  N   . VAL A 1 70  ? 12.81306  -2.66374  -5.88306  1.000 29.49000 ? 70  VAL A N   1 
ATOM   531  C  CA  . VAL A 1 70  ? 13.18628  -3.84175  -5.04976  1.000 29.14000 ? 70  VAL A CA  1 
ATOM   532  C  C   . VAL A 1 70  ? 12.46171  -5.07093  -5.60477  1.000 28.90000 ? 70  VAL A C   1 
ATOM   533  O  O   . VAL A 1 70  ? 11.35787  -4.90809  -6.16321  1.000 29.06000 ? 70  VAL A O   1 
ATOM   534  C  CB  . VAL A 1 70  ? 12.83103  -3.57874  -3.57382  1.000 28.96000 ? 70  VAL A CB  1 
ATOM   535  C  CG1 . VAL A 1 70  ? 12.46872  -4.84606  -2.82369  1.000 28.93000 ? 70  VAL A CG1 1 
ATOM   536  C  CG2 . VAL A 1 70  ? 13.93469  -2.82947  -2.84859  1.000 28.87000 ? 70  VAL A CG2 1 
ATOM   537  N  N   . THR A 1 71  ? 13.05503  -6.25342  -5.44778  1.000 28.28000 ? 71  THR A N   1 
ATOM   538  C  CA  . THR A 1 71  ? 12.38577  -7.54120  -5.75309  1.000 28.01000 ? 71  THR A CA  1 
ATOM   539  C  C   . THR A 1 71  ? 12.13914  -8.29875  -4.44729  1.000 27.27000 ? 71  THR A C   1 
ATOM   540  O  O   . THR A 1 71  ? 13.10060  -8.51288  -3.68594  1.000 27.26000 ? 71  THR A O   1 
ATOM   541  C  CB  . THR A 1 71  ? 13.19776  -8.34653  -6.77060  1.000 28.22000 ? 71  THR A CB  1 
ATOM   542  O  OG1 . THR A 1 71  ? 13.34722  -7.53073  -7.93212  1.000 28.16000 ? 71  THR A OG1 1 
ATOM   543  C  CG2 . THR A 1 71  ? 12.53227  -9.65290  -7.14753  1.000 28.34000 ? 71  THR A CG2 1 
ATOM   544  N  N   . TYR A 1 72  ? 10.88757  -8.67251  -4.19703  1.000 26.76000 ? 72  TYR A N   1 
ATOM   545  C  CA  . TYR A 1 72  ? 10.50606  -9.60099  -3.10198  1.000 26.45000 ? 72  TYR A CA  1 
ATOM   546  C  C   . TYR A 1 72  ? 11.00736  -10.99932 -3.47657  1.000 26.28000 ? 72  TYR A C   1 
ATOM   547  O  O   . TYR A 1 72  ? 10.65384  -11.48220 -4.56518  1.000 26.41000 ? 72  TYR A O   1 
ATOM   548  C  CB  . TYR A 1 72  ? 8.99674   -9.59301  -2.85013  1.000 26.01000 ? 72  TYR A CB  1 
ATOM   549  C  CG  . TYR A 1 72  ? 8.53661   -10.66893 -1.89503  1.000 25.83000 ? 72  TYR A CG  1 
ATOM   550  C  CD1 . TYR A 1 72  ? 8.65951   -10.52409 -0.52301  1.000 25.35000 ? 72  TYR A CD1 1 
ATOM   551  C  CD2 . TYR A 1 72  ? 8.01086   -11.85890 -2.36605  1.000 25.51000 ? 72  TYR A CD2 1 
ATOM   552  C  CE1 . TYR A 1 72  ? 8.24001   -11.51763 0.34787   1.000 25.16000 ? 72  TYR A CE1 1 
ATOM   553  C  CE2 . TYR A 1 72  ? 7.58745   -12.86018 -1.50712  1.000 25.38000 ? 72  TYR A CE2 1 
ATOM   554  C  CZ  . TYR A 1 72  ? 7.69860   -12.69020 -0.14276  1.000 24.91000 ? 72  TYR A CZ  1 
ATOM   555  O  OH  . TYR A 1 72  ? 7.28846   -13.68516 0.68924   1.000 24.40000 ? 72  TYR A OH  1 
ATOM   556  N  N   . LEU A 1 73  ? 11.81612  -11.61674 -2.61898  1.000 25.91000 ? 73  LEU A N   1 
ATOM   557  C  CA  . LEU A 1 73  ? 12.35753  -12.98178 -2.85780  1.000 26.03000 ? 73  LEU A CA  1 
ATOM   558  C  C   . LEU A 1 73  ? 11.44683  -14.01973 -2.18223  1.000 25.91000 ? 73  LEU A C   1 
ATOM   559  O  O   . LEU A 1 73  ? 10.91273  -14.85884 -2.91780  1.000 26.29000 ? 73  LEU A O   1 
ATOM   560  C  CB  . LEU A 1 73  ? 13.81085  -13.06477 -2.37081  1.000 25.79000 ? 73  LEU A CB  1 
ATOM   561  C  CG  . LEU A 1 73  ? 14.76027  -12.01412 -2.95657  1.000 25.80000 ? 73  LEU A CG  1 
ATOM   562  C  CD1 . LEU A 1 73  ? 16.16031  -12.17932 -2.38836  1.000 25.89000 ? 73  LEU A CD1 1 
ATOM   563  C  CD2 . LEU A 1 73  ? 14.78740  -12.07002 -4.47964  1.000 25.65000 ? 73  LEU A CD2 1 
ATOM   564  N  N   . TYR A 1 74  ? 11.27841  -13.97724 -0.85686  1.000 25.48000 ? 74  TYR A N   1 
ATOM   565  C  CA  . TYR A 1 74  ? 10.51484  -14.99875 -0.09298  1.000 25.60000 ? 74  TYR A CA  1 
ATOM   566  C  C   . TYR A 1 74  ? 10.28171  -14.53694 1.35123   1.000 26.13000 ? 74  TYR A C   1 
ATOM   567  O  O   . TYR A 1 74  ? 10.76622  -13.44753 1.73333   1.000 26.51000 ? 74  TYR A O   1 
ATOM   568  C  CB  . TYR A 1 74  ? 11.22216  -16.36005 -0.13181  1.000 25.27000 ? 74  TYR A CB  1 
ATOM   569  C  CG  . TYR A 1 74  ? 12.65866  -16.34066 0.32502   1.000 25.15000 ? 74  TYR A CG  1 
ATOM   570  C  CD1 . TYR A 1 74  ? 13.68139  -16.08371 -0.57400  1.000 24.91000 ? 74  TYR A CD1 1 
ATOM   571  C  CD2 . TYR A 1 74  ? 13.00011  -16.57035 1.65148   1.000 24.87000 ? 74  TYR A CD2 1 
ATOM   572  C  CE1 . TYR A 1 74  ? 15.00634  -16.05234 -0.17218  1.000 25.01000 ? 74  TYR A CE1 1 
ATOM   573  C  CE2 . TYR A 1 74  ? 14.32152  -16.53240 2.07196   1.000 24.77000 ? 74  TYR A CE2 1 
ATOM   574  C  CZ  . TYR A 1 74  ? 15.32691  -16.27717 1.15396   1.000 24.82000 ? 74  TYR A CZ  1 
ATOM   575  O  OH  . TYR A 1 74  ? 16.63200  -16.22518 1.53369   1.000 25.12000 ? 74  TYR A OH  1 
ATOM   576  N  N   . ASN A 1 75  ? 9.49995   -15.34540 2.08266   1.000 26.24000 ? 75  ASN A N   1 
ATOM   577  C  CA  . ASN A 1 75  ? 9.17084   -15.25019 3.52783   1.000 26.29000 ? 75  ASN A CA  1 
ATOM   578  C  C   . ASN A 1 75  ? 9.97089   -16.33859 4.25680   1.000 26.37000 ? 75  ASN A C   1 
ATOM   579  O  O   . ASN A 1 75  ? 9.73539   -17.52720 3.95249   1.000 26.22000 ? 75  ASN A O   1 
ATOM   580  C  CB  . ASN A 1 75  ? 7.66208   -15.41981 3.73744   1.000 26.26000 ? 75  ASN A CB  1 
ATOM   581  C  CG  . ASN A 1 75  ? 7.16047   -14.96528 5.09148   1.000 26.27000 ? 75  ASN A CG  1 
ATOM   582  O  OD1 . ASN A 1 75  ? 7.83133   -15.12644 6.10593   1.000 26.53000 ? 75  ASN A OD1 1 
ATOM   583  N  ND2 . ASN A 1 75  ? 5.96023   -14.41306 5.12061   1.000 26.42000 ? 75  ASN A ND2 1 
ATOM   584  N  N   . ASP A 1 76  ? 10.87892  -15.95651 5.16425   1.000 26.22000 ? 76  ASP A N   1 
ATOM   585  C  CA  . ASP A 1 76  ? 11.77908  -16.89883 5.88660   1.000 26.35000 ? 76  ASP A CA  1 
ATOM   586  C  C   . ASP A 1 76  ? 11.09835  -17.39773 7.16440   1.000 26.37000 ? 76  ASP A C   1 
ATOM   587  O  O   . ASP A 1 76  ? 11.81488  -17.90513 8.02947   1.000 25.99000 ? 76  ASP A O   1 
ATOM   588  C  CB  . ASP A 1 76  ? 13.12148  -16.24939 6.23333   1.000 26.43000 ? 76  ASP A CB  1 
ATOM   589  C  CG  . ASP A 1 76  ? 13.05153  -15.21539 7.34725   1.000 26.61000 ? 76  ASP A CG  1 
ATOM   590  O  OD1 . ASP A 1 76  ? 11.93618  -14.78387 7.69678   1.000 27.09000 ? 76  ASP A OD1 1 
ATOM   591  O  OD2 . ASP A 1 76  ? 14.10726  -14.84450 7.85221   1.000 26.77000 ? 76  ASP A OD2 1 
ATOM   592  N  N   . GLY A 1 77  ? 9.78036   -17.19975 7.28289   1.000 26.78000 ? 77  GLY A N   1 
ATOM   593  C  CA  . GLY A 1 77  ? 8.97054   -17.55094 8.46545   1.000 26.97000 ? 77  GLY A CA  1 
ATOM   594  C  C   . GLY A 1 77  ? 8.82228   -16.39711 9.44573   1.000 27.05000 ? 77  GLY A C   1 
ATOM   595  O  O   . GLY A 1 77  ? 7.91451   -16.46074 10.27222  1.000 27.23000 ? 77  GLY A O   1 
ATOM   596  N  N   . THR A 1 78  ? 9.69692   -15.39109 9.38647   1.000 27.46000 ? 78  THR A N   1 
ATOM   597  C  CA  . THR A 1 78  ? 9.76814   -14.26928 10.36133  1.000 27.60000 ? 78  THR A CA  1 
ATOM   598  C  C   . THR A 1 78  ? 9.67829   -12.93125 9.62487   1.000 28.22000 ? 78  THR A C   1 
ATOM   599  O  O   . THR A 1 78  ? 8.84311   -12.10605 10.00449  1.000 28.66000 ? 78  THR A O   1 
ATOM   600  C  CB  . THR A 1 78  ? 11.07418  -14.30508 11.15751  1.000 27.45000 ? 78  THR A CB  1 
ATOM   601  O  OG1 . THR A 1 78  ? 11.17416  -15.58345 11.78173  1.000 27.76000 ? 78  THR A OG1 1 
ATOM   602  C  CG2 . THR A 1 78  ? 11.14562  -13.21365 12.20068  1.000 27.44000 ? 78  THR A CG2 1 
ATOM   603  N  N   . SER A 1 79  ? 10.55477  -12.71791 8.64364   1.000 28.67000 ? 79  SER A N   1 
ATOM   604  C  CA  . SER A 1 79  ? 10.64155  -11.48582 7.82149   1.000 28.93000 ? 79  SER A CA  1 
ATOM   605  C  C   . SER A 1 79  ? 10.29142  -11.81399 6.37194   1.000 29.23000 ? 79  SER A C   1 
ATOM   606  O  O   . SER A 1 79  ? 10.45921  -12.98611 5.96035   1.000 29.73000 ? 79  SER A O   1 
ATOM   607  C  CB  . SER A 1 79  ? 12.01986  -10.86901 7.88740   1.000 28.98000 ? 79  SER A CB  1 
ATOM   608  O  OG  . SER A 1 79  ? 12.53395  -10.89994 9.20848   1.000 29.21000 ? 79  SER A OG  1 
ATOM   609  N  N   . PHE A 1 80  ? 9.85652   -10.80195 5.62311   1.000 29.29000 ? 80  PHE A N   1 
ATOM   610  C  CA  . PHE A 1 80  ? 9.96441   -10.77032 4.14328   1.000 29.20000 ? 80  PHE A CA  1 
ATOM   611  C  C   . PHE A 1 80  ? 11.42533  -10.53463 3.75886   1.000 29.12000 ? 80  PHE A C   1 
ATOM   612  O  O   . PHE A 1 80  ? 12.03518  -9.54898  4.24755   1.000 29.37000 ? 80  PHE A O   1 
ATOM   613  C  CB  . PHE A 1 80  ? 9.08397   -9.67477  3.55022   1.000 29.14000 ? 80  PHE A CB  1 
ATOM   614  C  CG  . PHE A 1 80  ? 7.60847   -9.87474  3.76023   1.000 28.91000 ? 80  PHE A CG  1 
ATOM   615  C  CD1 . PHE A 1 80  ? 7.07522   -11.14604 3.88666   1.000 28.75000 ? 80  PHE A CD1 1 
ATOM   616  C  CD2 . PHE A 1 80  ? 6.75703   -8.78362  3.81048   1.000 28.68000 ? 80  PHE A CD2 1 
ATOM   617  C  CE1 . PHE A 1 80  ? 5.71407   -11.31820 4.06616   1.000 29.01000 ? 80  PHE A CE1 1 
ATOM   618  C  CE2 . PHE A 1 80  ? 5.39592   -8.96148  3.98814   1.000 28.88000 ? 80  PHE A CE2 1 
ATOM   619  C  CZ  . PHE A 1 80  ? 4.87556   -10.22917 4.10910   1.000 28.86000 ? 80  PHE A CZ  1 
ATOM   620  N  N   . ILE A 1 81  ? 11.97978  -11.43784 2.94274   1.000 29.05000 ? 81  ILE A N   1 
ATOM   621  C  CA  . ILE A 1 81  ? 13.35349  -11.31522 2.37557   1.000 28.61000 ? 81  ILE A CA  1 
ATOM   622  C  C   . ILE A 1 81  ? 13.22291  -10.66309 1.00134   1.000 28.38000 ? 81  ILE A C   1 
ATOM   623  O  O   . ILE A 1 81  ? 12.35990  -11.08493 0.21409   1.000 27.85000 ? 81  ILE A O   1 
ATOM   624  C  CB  . ILE A 1 81  ? 14.08521  -12.66440 2.30293   1.000 28.45000 ? 81  ILE A CB  1 
ATOM   625  C  CG1 . ILE A 1 81  ? 14.10658  -13.38500 3.65566   1.000 28.27000 ? 81  ILE A CG1 1 
ATOM   626  C  CG2 . ILE A 1 81  ? 15.48442  -12.45127 1.74344   1.000 28.63000 ? 81  ILE A CG2 1 
ATOM   627  C  CD1 . ILE A 1 81  ? 14.72735  -12.58947 4.78319   1.000 28.14000 ? 81  ILE A CD1 1 
ATOM   628  N  N   . VAL A 1 82  ? 14.07693  -9.67796  0.74754   1.000 28.37000 ? 82  VAL A N   1 
ATOM   629  C  CA  . VAL A 1 82  ? 13.87665  -8.64363  -0.30237  1.000 28.16000 ? 82  VAL A CA  1 
ATOM   630  C  C   . VAL A 1 82  ? 15.25355  -8.22264  -0.81618  1.000 27.68000 ? 82  VAL A C   1 
ATOM   631  O  O   . VAL A 1 82  ? 16.18213  -8.14623  -0.00955  1.000 27.46000 ? 82  VAL A O   1 
ATOM   632  C  CB  . VAL A 1 82  ? 13.04530  -7.48867  0.29534   1.000 28.31000 ? 82  VAL A CB  1 
ATOM   633  C  CG1 . VAL A 1 82  ? 13.58119  -6.11677  -0.05768  1.000 28.39000 ? 82  VAL A CG1 1 
ATOM   634  C  CG2 . VAL A 1 82  ? 11.58038  -7.60518  -0.08561  1.000 28.65000 ? 82  VAL A CG2 1 
ATOM   635  N  N   . MET A 1 83  ? 15.37119  -7.98276  -2.12027  1.000 27.88000 ? 83  MET A N   1 
ATOM   636  C  CA  . MET A 1 83  ? 16.64882  -7.61922  -2.77451  1.000 28.11000 ? 83  MET A CA  1 
ATOM   637  C  C   . MET A 1 83  ? 16.45866  -6.30698  -3.52889  1.000 28.01000 ? 83  MET A C   1 
ATOM   638  O  O   . MET A 1 83  ? 15.51804  -6.21927  -4.35502  1.000 27.71000 ? 83  MET A O   1 
ATOM   639  C  CB  . MET A 1 83  ? 17.12539  -8.69746  -3.75363  1.000 28.41000 ? 83  MET A CB  1 
ATOM   640  C  CG  . MET A 1 83  ? 18.44585  -8.36677  -4.42664  1.000 28.62000 ? 83  MET A CG  1 
ATOM   641  S  SD  . MET A 1 83  ? 18.99462  -9.64802  -5.57741  1.000 28.97000 ? 83  MET A SD  1 
ATOM   642  C  CE  . MET A 1 83  ? 17.72907  -9.54445  -6.84325  1.000 29.10000 ? 83  MET A CE  1 
ATOM   643  N  N   . ASP A 1 84  ? 17.35051  -5.35674  -3.24036  1.000 28.04000 ? 84  ASP A N   1 
ATOM   644  C  CA  . ASP A 1 84  ? 17.48622  -4.04628  -3.91865  1.000 28.17000 ? 84  ASP A CA  1 
ATOM   645  C  C   . ASP A 1 84  ? 17.95279  -4.29114  -5.35591  1.000 27.99000 ? 84  ASP A C   1 
ATOM   646  O  O   . ASP A 1 84  ? 19.06435  -4.82184  -5.51924  1.000 27.89000 ? 84  ASP A O   1 
ATOM   647  C  CB  . ASP A 1 84  ? 18.45510  -3.17435  -3.12389  1.000 28.55000 ? 84  ASP A CB  1 
ATOM   648  C  CG  . ASP A 1 84  ? 18.66165  -1.79304  -3.70950  1.000 28.79000 ? 84  ASP A CG  1 
ATOM   649  O  OD1 . ASP A 1 84  ? 19.47742  -1.67644  -4.64503  1.000 28.98000 ? 84  ASP A OD1 1 
ATOM   650  O  OD2 . ASP A 1 84  ? 17.97882  -0.85639  -3.24179  1.000 29.02000 ? 84  ASP A OD2 1 
ATOM   651  N  N   . ASP A 1 85  ? 17.13274  -3.91233  -6.34391  1.000 27.83000 ? 85  ASP A N   1 
ATOM   652  C  CA  . ASP A 1 85  ? 17.30848  -4.25401  -7.78294  1.000 27.93000 ? 85  ASP A CA  1 
ATOM   653  C  C   . ASP A 1 85  ? 18.65762  -3.77294  -8.31763  1.000 28.32000 ? 85  ASP A C   1 
ATOM   654  O  O   . ASP A 1 85  ? 19.24672  -4.49320  -9.13997  1.000 28.06000 ? 85  ASP A O   1 
ATOM   655  C  CB  . ASP A 1 85  ? 16.20813  -3.64004  -8.63977  1.000 27.68000 ? 85  ASP A CB  1 
ATOM   656  C  CG  . ASP A 1 85  ? 14.89479  -4.35821  -8.46650  1.000 27.77000 ? 85  ASP A CG  1 
ATOM   657  O  OD1 . ASP A 1 85  ? 14.84950  -5.27630  -7.62888  1.000 27.87000 ? 85  ASP A OD1 1 
ATOM   658  O  OD2 . ASP A 1 85  ? 13.93808  -3.98563  -9.16080  1.000 27.87000 ? 85  ASP A OD2 1 
ATOM   659  N  N   . LYS A 1 86  ? 19.09797  -2.58771  -7.90019  1.000 29.06000 ? 86  LYS A N   1 
ATOM   660  C  CA  . LYS A 1 86  ? 20.28724  -1.91841  -8.47607  1.000 29.79000 ? 86  LYS A CA  1 
ATOM   661  C  C   . LYS A 1 86  ? 21.51797  -2.41497  -7.70583  1.000 29.88000 ? 86  LYS A C   1 
ATOM   662  O  O   . LYS A 1 86  ? 22.50784  -2.79490  -8.36760  1.000 29.80000 ? 86  LYS A O   1 
ATOM   663  C  CB  . LYS A 1 86  ? 20.04086  -0.40208  -8.54391  1.000 30.39000 ? 86  LYS A CB  1 
ATOM   664  C  CG  . LYS A 1 86  ? 20.67914  0.49249   -7.48214  1.000 30.90000 ? 86  LYS A CG  1 
ATOM   665  C  CD  . LYS A 1 86  ? 20.82489  1.94369   -7.95881  1.000 31.18000 ? 86  LYS A CD  1 
ATOM   666  C  CE  . LYS A 1 86  ? 21.65327  2.83084   -7.04917  1.000 31.45000 ? 86  LYS A CE  1 
ATOM   667  N  NZ  . LYS A 1 86  ? 21.61981  4.25506   -7.46787  1.000 31.67000 ? 86  LYS A NZ  1 
ATOM   668  N  N   . THR A 1 87  ? 21.42825  -2.50906  -6.37642  1.000 29.99000 ? 87  THR A N   1 
ATOM   669  C  CA  . THR A 1 87  ? 22.57690  -2.83966  -5.48829  1.000 30.27000 ? 87  THR A CA  1 
ATOM   670  C  C   . THR A 1 87  ? 22.70007  -4.36080  -5.31367  1.000 30.38000 ? 87  THR A C   1 
ATOM   671  O  O   . THR A 1 87  ? 23.79016  -4.80144  -4.94346  1.000 30.31000 ? 87  THR A O   1 
ATOM   672  C  CB  . THR A 1 87  ? 22.48145  -2.08134  -4.15379  1.000 30.30000 ? 87  THR A CB  1 
ATOM   673  O  OG1 . THR A 1 87  ? 23.76535  -1.54458  -3.84021  1.000 30.44000 ? 87  THR A OG1 1 
ATOM   674  C  CG2 . THR A 1 87  ? 22.02382  -2.92313  -2.98821  1.000 30.15000 ? 87  THR A CG2 1 
ATOM   675  N  N   . PHE A 1 88  ? 21.62864  -5.12253  -5.55228  1.000 30.91000 ? 88  PHE A N   1 
ATOM   676  C  CA  . PHE A 1 88  ? 21.54559  -6.59157  -5.32558  1.000 31.31000 ? 88  PHE A CA  1 
ATOM   677  C  C   . PHE A 1 88  ? 21.81543  -6.91771  -3.85012  1.000 31.45000 ? 88  PHE A C   1 
ATOM   678  O  O   . PHE A 1 88  ? 22.28921  -8.01812  -3.58314  1.000 31.72000 ? 88  PHE A O   1 
ATOM   679  C  CB  . PHE A 1 88  ? 22.53991  -7.35584  -6.21078  1.000 31.58000 ? 88  PHE A CB  1 
ATOM   680  C  CG  . PHE A 1 88  ? 22.33839  -7.22872  -7.70173  1.000 31.88000 ? 88  PHE A CG  1 
ATOM   681  C  CD1 . PHE A 1 88  ? 21.22750  -7.78150  -8.31954  1.000 31.98000 ? 88  PHE A CD1 1 
ATOM   682  C  CD2 . PHE A 1 88  ? 23.27878  -6.58655  -8.49715  1.000 32.35000 ? 88  PHE A CD2 1 
ATOM   683  C  CE1 . PHE A 1 88  ? 21.04238  -7.67068  -9.69091  1.000 32.11000 ? 88  PHE A CE1 1 
ATOM   684  C  CE2 . PHE A 1 88  ? 23.09651  -6.48042  -9.87018  1.000 32.46000 ? 88  PHE A CE2 1 
ATOM   685  C  CZ  . PHE A 1 88  ? 21.97654  -7.02381  -10.46516 1.000 32.26000 ? 88  PHE A CZ  1 
ATOM   686  N  N   . GLU A 1 89  ? 21.51685  -6.01236  -2.91731  1.000 31.95000 ? 89  GLU A N   1 
ATOM   687  C  CA  . GLU A 1 89  ? 21.72132  -6.24817  -1.46071  1.000 32.32000 ? 89  GLU A CA  1 
ATOM   688  C  C   . GLU A 1 89  ? 20.43922  -6.87259  -0.90124  1.000 31.83000 ? 89  GLU A C   1 
ATOM   689  O  O   . GLU A 1 89  ? 19.33903  -6.41189  -1.27637  1.000 30.95000 ? 89  GLU A O   1 
ATOM   690  C  CB  . GLU A 1 89  ? 22.09321  -4.96761  -0.70563  1.000 33.21000 ? 89  GLU A CB  1 
ATOM   691  C  CG  . GLU A 1 89  ? 22.66238  -5.22591  0.68450   1.000 33.99000 ? 89  GLU A CG  1 
ATOM   692  C  CD  . GLU A 1 89  ? 22.27657  -4.21464  1.75409   1.000 34.65000 ? 89  GLU A CD  1 
ATOM   693  O  OE1 . GLU A 1 89  ? 22.12067  -3.01813  1.41882   1.000 35.00000 ? 89  GLU A OE1 1 
ATOM   694  O  OE2 . GLU A 1 89  ? 22.11879  -4.63033  2.92567   1.000 35.18000 ? 89  GLU A OE2 1 
ATOM   695  N  N   . GLN A 1 90  ? 20.59742  -7.88323  -0.04453  1.000 31.64000 ? 90  GLN A N   1 
ATOM   696  C  CA  . GLN A 1 90  ? 19.51453  -8.77529  0.45344   1.000 31.61000 ? 90  GLN A CA  1 
ATOM   697  C  C   . GLN A 1 90  ? 19.25671  -8.43229  1.92024   1.000 31.19000 ? 90  GLN A C   1 
ATOM   698  O  O   . GLN A 1 90  ? 20.20942  -8.58202  2.72283   1.000 31.63000 ? 90  GLN A O   1 
ATOM   699  C  CB  . GLN A 1 90  ? 19.96995  -10.22996 0.29962   1.000 31.83000 ? 90  GLN A CB  1 
ATOM   700  C  CG  . GLN A 1 90  ? 18.84491  -11.25042 0.24242   1.000 32.12000 ? 90  GLN A CG  1 
ATOM   701  C  CD  . GLN A 1 90  ? 19.19783  -12.45583 -0.60006  1.000 32.39000 ? 90  GLN A CD  1 
ATOM   702  O  OE1 . GLN A 1 90  ? 19.80926  -12.35007 -1.66002  1.000 32.89000 ? 90  GLN A OE1 1 
ATOM   703  N  NE2 . GLN A 1 90  ? 18.79050  -13.62868 -0.14665  1.000 32.88000 ? 90  GLN A NE2 1 
ATOM   704  N  N   . TYR A 1 91  ? 18.05056  -7.97589  2.26765   1.000 30.39000 ? 91  TYR A N   1 
ATOM   705  C  CA  . TYR A 1 91  ? 17.72174  -7.51748  3.64514   1.000 30.13000 ? 91  TYR A CA  1 
ATOM   706  C  C   . TYR A 1 91  ? 16.27513  -7.86990  4.01285   1.000 30.01000 ? 91  TYR A C   1 
ATOM   707  O  O   . TYR A 1 91  ? 15.45573  -8.22019  3.13923   1.000 29.64000 ? 91  TYR A O   1 
ATOM   708  C  CB  . TYR A 1 91  ? 18.00414  -6.01800  3.79631   1.000 29.95000 ? 91  TYR A CB  1 
ATOM   709  C  CG  . TYR A 1 91  ? 17.21598  -5.15532  2.85064   1.000 29.94000 ? 91  TYR A CG  1 
ATOM   710  C  CD1 . TYR A 1 91  ? 17.68245  -4.87536  1.57688   1.000 30.07000 ? 91  TYR A CD1 1 
ATOM   711  C  CD2 . TYR A 1 91  ? 15.98380  -4.64481  3.21755   1.000 29.89000 ? 91  TYR A CD2 1 
ATOM   712  C  CE1 . TYR A 1 91  ? 16.94763  -4.10346  0.69145   1.000 30.01000 ? 91  TYR A CE1 1 
ATOM   713  C  CE2 . TYR A 1 91  ? 15.23592  -3.87170  2.34658   1.000 29.94000 ? 91  TYR A CE2 1 
ATOM   714  C  CZ  . TYR A 1 91  ? 15.71857  -3.59631  1.07868   1.000 29.90000 ? 91  TYR A CZ  1 
ATOM   715  O  OH  . TYR A 1 91  ? 14.97758  -2.83621  0.22325   1.000 29.43000 ? 91  TYR A OH  1 
ATOM   716  N  N   . GLU A 1 92  ? 15.98632  -7.76597  5.30999   1.000 30.37000 ? 92  GLU A N   1 
ATOM   717  C  CA  . GLU A 1 92  ? 14.70886  -8.17061  5.94284   1.000 30.71000 ? 92  GLU A CA  1 
ATOM   718  C  C   . GLU A 1 92  ? 13.77126  -6.96230  5.98172   1.000 30.85000 ? 92  GLU A C   1 
ATOM   719  O  O   . GLU A 1 92  ? 14.26837  -5.84694  6.18558   1.000 30.89000 ? 92  GLU A O   1 
ATOM   720  C  CB  . GLU A 1 92  ? 14.97052  -8.68291  7.36111   1.000 30.71000 ? 92  GLU A CB  1 
ATOM   721  C  CG  . GLU A 1 92  ? 15.90035  -9.87755  7.41776   1.000 30.90000 ? 92  GLU A CG  1 
ATOM   722  C  CD  . GLU A 1 92  ? 16.55313  -10.09825 8.77023   1.000 30.99000 ? 92  GLU A CD  1 
ATOM   723  O  OE1 . GLU A 1 92  ? 17.42667  -9.29334  9.13124   1.000 31.20000 ? 92  GLU A OE1 1 
ATOM   724  O  OE2 . GLU A 1 92  ? 16.17413  -11.06300 9.46009   1.000 31.11000 ? 92  GLU A OE2 1 
ATOM   725  N  N   . LEU A 1 93  ? 12.47075  -7.19027  5.78983   1.000 31.08000 ? 93  LEU A N   1 
ATOM   726  C  CA  . LEU A 1 93  ? 11.38946  -6.21227  6.07751   1.000 30.95000 ? 93  LEU A CA  1 
ATOM   727  C  C   . LEU A 1 93  ? 10.36435  -6.86939  7.00122   1.000 30.80000 ? 93  LEU A C   1 
ATOM   728  O  O   . LEU A 1 93  ? 10.14641  -8.08828  6.87737   1.000 30.37000 ? 93  LEU A O   1 
ATOM   729  C  CB  . LEU A 1 93  ? 10.73252  -5.76581  4.76882   1.000 31.05000 ? 93  LEU A CB  1 
ATOM   730  C  CG  . LEU A 1 93  ? 11.55273  -4.79736  3.91651   1.000 31.22000 ? 93  LEU A CG  1 
ATOM   731  C  CD1 . LEU A 1 93  ? 10.91647  -4.62800  2.54444   1.000 31.22000 ? 93  LEU A CD1 1 
ATOM   732  C  CD2 . LEU A 1 93  ? 11.70634  -3.44454  4.59767   1.000 31.00000 ? 93  LEU A CD2 1 
ATOM   733  N  N   . SER A 1 94  ? 9.75656   -6.07807  7.88307   1.000 31.05000 ? 94  SER A N   1 
ATOM   734  C  CA  . SER A 1 94  ? 8.59821   -6.49057  8.71390   1.000 31.41000 ? 94  SER A CA  1 
ATOM   735  C  C   . SER A 1 94  ? 7.54508   -7.11060  7.80150   1.000 31.30000 ? 94  SER A C   1 
ATOM   736  O  O   . SER A 1 94  ? 7.31784   -6.61691  6.70191   1.000 31.17000 ? 94  SER A O   1 
ATOM   737  C  CB  . SER A 1 94  ? 8.03554   -5.32949  9.48915   1.000 31.55000 ? 94  SER A CB  1 
ATOM   738  O  OG  . SER A 1 94  ? 6.67603   -5.56977  9.82812   1.000 31.83000 ? 94  SER A OG  1 
ATOM   739  N  N   . PRO A 1 95  ? 6.87567   -8.20991  8.20972   1.000 31.35000 ? 95  PRO A N   1 
ATOM   740  C  CA  . PRO A 1 95  ? 5.73449   -8.73118  7.45414   1.000 31.51000 ? 95  PRO A CA  1 
ATOM   741  C  C   . PRO A 1 95  ? 4.58916   -7.72188  7.28078   1.000 31.73000 ? 95  PRO A C   1 
ATOM   742  O  O   . PRO A 1 95  ? 3.74438   -7.97029  6.46429   1.000 32.40000 ? 95  PRO A O   1 
ATOM   743  C  CB  . PRO A 1 95  ? 5.25354   -9.91145  8.30539   1.000 31.50000 ? 95  PRO A CB  1 
ATOM   744  C  CG  . PRO A 1 95  ? 6.49489   -10.33408 9.05944   1.000 31.34000 ? 95  PRO A CG  1 
ATOM   745  C  CD  . PRO A 1 95  ? 7.20417   -9.03557  9.37800   1.000 31.14000 ? 95  PRO A CD  1 
ATOM   746  N  N   . ASP A 1 96  ? 4.60555   -6.62722  8.04825   1.000 31.43000 ? 96  ASP A N   1 
ATOM   747  C  CA  . ASP A 1 96  ? 3.56180   -5.57366  8.07045   1.000 31.28000 ? 96  ASP A CA  1 
ATOM   748  C  C   . ASP A 1 96  ? 3.91129   -4.45422  7.08531   1.000 30.70000 ? 96  ASP A C   1 
ATOM   749  O  O   . ASP A 1 96  ? 2.99935   -3.69518  6.73302   1.000 30.64000 ? 96  ASP A O   1 
ATOM   750  C  CB  . ASP A 1 96  ? 3.40799   -5.01344  9.48489   1.000 31.89000 ? 96  ASP A CB  1 
ATOM   751  C  CG  . ASP A 1 96  ? 3.02049   -6.06907  10.50591  1.000 32.37000 ? 96  ASP A CG  1 
ATOM   752  O  OD1 . ASP A 1 96  ? 2.34789   -7.04752  10.10984  1.000 33.00000 ? 96  ASP A OD1 1 
ATOM   753  O  OD2 . ASP A 1 96  ? 3.39774   -5.91342  11.68368  1.000 32.54000 ? 96  ASP A OD2 1 
ATOM   754  N  N   . ALA A 1 97  ? 5.16720   -4.37709  6.63611   1.000 29.85000 ? 97  ALA A N   1 
ATOM   755  C  CA  . ALA A 1 97  ? 5.74408   -3.21677  5.91324   1.000 29.13000 ? 97  ALA A CA  1 
ATOM   756  C  C   . ALA A 1 97  ? 4.97669   -2.90715  4.62137   1.000 28.37000 ? 97  ALA A C   1 
ATOM   757  O  O   . ALA A 1 97  ? 5.16623   -1.79241  4.10416   1.000 27.80000 ? 97  ALA A O   1 
ATOM   758  C  CB  . ALA A 1 97  ? 7.20468   -3.45955  5.61300   1.000 29.13000 ? 97  ALA A CB  1 
ATOM   759  N  N   . PHE A 1 98  ? 4.17782   -3.84748  4.10286   1.000 27.62000 ? 98  PHE A N   1 
ATOM   760  C  CA  . PHE A 1 98  ? 3.38477   -3.68101  2.85259   1.000 27.43000 ? 98  PHE A CA  1 
ATOM   761  C  C   . PHE A 1 98  ? 1.89663   -3.49822  3.17217   1.000 26.99000 ? 98  PHE A C   1 
ATOM   762  O  O   . PHE A 1 98  ? 1.08321   -3.47361  2.24250   1.000 27.26000 ? 98  PHE A O   1 
ATOM   763  C  CB  . PHE A 1 98  ? 3.60266   -4.87429  1.92142   1.000 27.42000 ? 98  PHE A CB  1 
ATOM   764  C  CG  . PHE A 1 98  ? 4.99001   -4.93271  1.34368   1.000 27.69000 ? 98  PHE A CG  1 
ATOM   765  C  CD1 . PHE A 1 98  ? 6.01335   -5.59293  2.01492   1.000 27.70000 ? 98  PHE A CD1 1 
ATOM   766  C  CD2 . PHE A 1 98  ? 5.28441   -4.27857  0.15682   1.000 27.36000 ? 98  PHE A CD2 1 
ATOM   767  C  CE1 . PHE A 1 98  ? 7.29906   -5.61623  1.49766   1.000 27.41000 ? 98  PHE A CE1 1 
ATOM   768  C  CE2 . PHE A 1 98  ? 6.56628   -4.31907  -0.37022  1.000 27.41000 ? 98  PHE A CE2 1 
ATOM   769  C  CZ  . PHE A 1 98  ? 7.57224   -4.98411  0.30037   1.000 27.53000 ? 98  PHE A CZ  1 
ATOM   770  N  N   . GLY A 1 99  ? 1.55461   -3.37612  4.44967   1.000 26.56000 ? 99  GLY A N   1 
ATOM   771  C  CA  . GLY A 1 99  ? 0.16060   -3.29929  4.91023   1.000 26.65000 ? 99  GLY A CA  1 
ATOM   772  C  C   . GLY A 1 99  ? -0.61478  -4.56322  4.58170   1.000 26.60000 ? 99  GLY A C   1 
ATOM   773  O  O   . GLY A 1 99  ? 0.00814   -5.62422  4.38800   1.000 26.35000 ? 99  GLY A O   1 
ATOM   774  N  N   . ASP A 1 100 ? -1.93751  -4.43209  4.51608   1.000 26.65000 ? 100 ASP A N   1 
ATOM   775  C  CA  . ASP A 1 100 ? -2.88413  -5.49908  4.10811   1.000 26.84000 ? 100 ASP A CA  1 
ATOM   776  C  C   . ASP A 1 100 ? -2.53973  -6.00742  2.70113   1.000 26.66000 ? 100 ASP A C   1 
ATOM   777  O  O   . ASP A 1 100 ? -2.85724  -7.15907  2.42266   1.000 26.44000 ? 100 ASP A O   1 
ATOM   778  C  CB  . ASP A 1 100 ? -4.32588  -4.98186  4.16540   1.000 27.24000 ? 100 ASP A CB  1 
ATOM   779  C  CG  . ASP A 1 100 ? -4.82934  -4.66946  5.56606   1.000 27.56000 ? 100 ASP A CG  1 
ATOM   780  O  OD1 . ASP A 1 100 ? -4.01051  -4.67142  6.51686   1.000 27.62000 ? 100 ASP A OD1 1 
ATOM   781  O  OD2 . ASP A 1 100 ? -6.04046  -4.42155  5.69724   1.000 27.71000 ? 100 ASP A OD2 1 
ATOM   782  N  N   . ALA A 1 101 ? -1.92982  -5.18394  1.84073   1.000 26.73000 ? 101 ALA A N   1 
ATOM   783  C  CA  . ALA A 1 101 ? -1.60059  -5.53231  0.43688   1.000 26.80000 ? 101 ALA A CA  1 
ATOM   784  C  C   . ALA A 1 101 ? -0.47638  -6.58517  0.36756   1.000 26.91000 ? 101 ALA A C   1 
ATOM   785  O  O   . ALA A 1 101 ? -0.34391  -7.21217  -0.70060  1.000 26.84000 ? 101 ALA A O   1 
ATOM   786  C  CB  . ALA A 1 101 ? -1.24168  -4.28607  -0.34141  1.000 26.80000 ? 101 ALA A CB  1 
ATOM   787  N  N   . GLY A 1 102 ? 0.30980   -6.77786  1.43797   1.000 26.66000 ? 102 GLY A N   1 
ATOM   788  C  CA  . GLY A 1 102 ? 1.29496   -7.87650  1.53820   1.000 26.52000 ? 102 GLY A CA  1 
ATOM   789  C  C   . GLY A 1 102 ? 0.65032   -9.23911  1.30274   1.000 26.36000 ? 102 GLY A C   1 
ATOM   790  O  O   . GLY A 1 102 ? 1.35091   -10.16585 0.85142   1.000 26.49000 ? 102 GLY A O   1 
ATOM   791  N  N   . ARG A 1 103 ? -0.63305  -9.34930  1.65054   1.000 26.24000 ? 103 ARG A N   1 
ATOM   792  C  CA  . ARG A 1 103 ? -1.62987  -10.37640 1.23720   1.000 26.20000 ? 103 ARG A CA  1 
ATOM   793  C  C   . ARG A 1 103 ? -1.32045  -10.93093 -0.16198  1.000 26.09000 ? 103 ARG A C   1 
ATOM   794  O  O   . ARG A 1 103 ? -1.57015  -12.12843 -0.39330  1.000 25.72000 ? 103 ARG A O   1 
ATOM   795  C  CB  . ARG A 1 103 ? -2.97756  -9.64256  1.25136   1.000 26.72000 ? 103 ARG A CB  1 
ATOM   796  C  CG  . ARG A 1 103 ? -4.23611  -10.48136 1.12717   1.000 26.76000 ? 103 ARG A CG  1 
ATOM   797  C  CD  . ARG A 1 103 ? -5.36224  -9.83122  1.91789   1.000 27.02000 ? 103 ARG A CD  1 
ATOM   798  N  NE  . ARG A 1 103 ? -6.35622  -9.05551  1.16920   1.000 26.99000 ? 103 ARG A NE  1 
ATOM   799  C  CZ  . ARG A 1 103 ? -6.39478  -7.72524  1.04555   1.000 26.98000 ? 103 ARG A CZ  1 
ATOM   800  N  NH1 . ARG A 1 103 ? -5.45863  -6.95594  1.57850   1.000 26.82000 ? 103 ARG A NH1 1 
ATOM   801  N  NH2 . ARG A 1 103 ? -7.38134  -7.16310  0.36764   1.000 27.00000 ? 103 ARG A NH2 1 
ATOM   802  N  N   . PHE A 1 104 ? -0.85470  -10.08021 -1.08639  1.000 25.70000 ? 104 PHE A N   1 
ATOM   803  C  CA  . PHE A 1 104 ? -0.77677  -10.38403 -2.54086  1.000 25.89000 ? 104 PHE A CA  1 
ATOM   804  C  C   . PHE A 1 104 ? 0.66778   -10.44676 -3.05605  1.000 26.36000 ? 104 PHE A C   1 
ATOM   805  O  O   . PHE A 1 104 ? 0.81927   -10.56537 -4.28676  1.000 26.97000 ? 104 PHE A O   1 
ATOM   806  C  CB  . PHE A 1 104 ? -1.51684  -9.32957  -3.36865  1.000 25.60000 ? 104 PHE A CB  1 
ATOM   807  C  CG  . PHE A 1 104 ? -2.98238  -9.15537  -3.05450  1.000 25.06000 ? 104 PHE A CG  1 
ATOM   808  C  CD1 . PHE A 1 104 ? -3.88682  -10.17741 -3.29108  1.000 24.77000 ? 104 PHE A CD1 1 
ATOM   809  C  CD2 . PHE A 1 104 ? -3.45852  -7.96008  -2.54570  1.000 24.68000 ? 104 PHE A CD2 1 
ATOM   810  C  CE1 . PHE A 1 104 ? -5.23529  -10.00649 -3.02501  1.000 24.57000 ? 104 PHE A CE1 1 
ATOM   811  C  CE2 . PHE A 1 104 ? -4.80759  -7.78901  -2.28774  1.000 24.69000 ? 104 PHE A CE2 1 
ATOM   812  C  CZ  . PHE A 1 104 ? -5.69263  -8.81454  -2.52497  1.000 24.63000 ? 104 PHE A CZ  1 
ATOM   813  N  N   . LEU A 1 105 ? 1.68698   -10.37177 -2.19288  1.000 26.37000 ? 105 LEU A N   1 
ATOM   814  C  CA  . LEU A 1 105 ? 3.10472   -10.56683 -2.60866  1.000 26.14000 ? 105 LEU A CA  1 
ATOM   815  C  C   . LEU A 1 105 ? 3.24093   -11.94262 -3.26403  1.000 25.76000 ? 105 LEU A C   1 
ATOM   816  O  O   . LEU A 1 105 ? 2.77058   -12.91613 -2.66218  1.000 25.87000 ? 105 LEU A O   1 
ATOM   817  C  CB  . LEU A 1 105 ? 4.03137   -10.47763 -1.39028  1.000 26.46000 ? 105 LEU A CB  1 
ATOM   818  C  CG  . LEU A 1 105 ? 4.47824   -9.08089  -0.96617  1.000 26.71000 ? 105 LEU A CG  1 
ATOM   819  C  CD1 . LEU A 1 105 ? 5.21336   -9.14650  0.35674   1.000 26.91000 ? 105 LEU A CD1 1 
ATOM   820  C  CD2 . LEU A 1 105 ? 5.37288   -8.43567  -2.01478  1.000 27.02000 ? 105 LEU A CD2 1 
ATOM   821  N  N   . LEU A 1 106 ? 3.87453   -12.01475 -4.43661  1.000 25.66000 ? 106 LEU A N   1 
ATOM   822  C  CA  . LEU A 1 106 ? 4.39403   -13.27973 -5.03255  1.000 25.27000 ? 106 LEU A CA  1 
ATOM   823  C  C   . LEU A 1 106 ? 5.92004   -13.27183 -4.96560  1.000 24.63000 ? 106 LEU A C   1 
ATOM   824  O  O   . LEU A 1 106 ? 6.50407   -12.17372 -4.97708  1.000 23.83000 ? 106 LEU A O   1 
ATOM   825  C  CB  . LEU A 1 106 ? 3.98973   -13.39476 -6.50148  1.000 25.73000 ? 106 LEU A CB  1 
ATOM   826  C  CG  . LEU A 1 106 ? 2.52654   -13.69280 -6.78620  1.000 26.36000 ? 106 LEU A CG  1 
ATOM   827  C  CD1 . LEU A 1 106 ? 2.22573   -13.50097 -8.27048  1.000 26.53000 ? 106 LEU A CD1 1 
ATOM   828  C  CD2 . LEU A 1 106 ? 2.17618   -15.10151 -6.34615  1.000 26.45000 ? 106 LEU A CD2 1 
ATOM   829  N  N   . GLU A 1 107 ? 6.53457   -14.45699 -4.97715  1.000 24.16000 ? 107 GLU A N   1 
ATOM   830  C  CA  . GLU A 1 107 ? 8.00350   -14.59877 -5.15910  1.000 23.71000 ? 107 GLU A CA  1 
ATOM   831  C  C   . GLU A 1 107 ? 8.41811   -13.85181 -6.43470  1.000 23.67000 ? 107 GLU A C   1 
ATOM   832  O  O   . GLU A 1 107 ? 7.80733   -14.06596 -7.49263  1.000 23.18000 ? 107 GLU A O   1 
ATOM   833  C  CB  . GLU A 1 107 ? 8.41202   -16.07110 -5.19492  1.000 22.98000 ? 107 GLU A CB  1 
ATOM   834  C  CG  . GLU A 1 107 ? 8.43491   -16.68727 -3.82059  1.000 22.69000 ? 107 GLU A CG  1 
ATOM   835  C  CD  . GLU A 1 107 ? 8.73256   -18.16725 -3.76011  1.000 22.20000 ? 107 GLU A CD  1 
ATOM   836  O  OE1 . GLU A 1 107 ? 9.48056   -18.65110 -4.60178  1.000 22.17000 ? 107 GLU A OE1 1 
ATOM   837  O  OE2 . GLU A 1 107 ? 8.20512   -18.81764 -2.86550  1.000 21.87000 ? 107 GLU A OE2 1 
ATOM   838  N  N   . ASN A 1 108 ? 9.42053   -12.98935 -6.30065  1.000 24.28000 ? 108 ASN A N   1 
ATOM   839  C  CA  . ASN A 1 108 ? 10.10772  -12.27206 -7.40819  1.000 24.51000 ? 108 ASN A CA  1 
ATOM   840  C  C   . ASN A 1 108 ? 9.23372   -11.11882 -7.90943  1.000 25.00000 ? 108 ASN A C   1 
ATOM   841  O  O   . ASN A 1 108 ? 9.58867   -10.53990 -8.95259  1.000 25.49000 ? 108 ASN A O   1 
ATOM   842  C  CB  . ASN A 1 108 ? 10.54362  -13.24247 -8.50892  1.000 24.21000 ? 108 ASN A CB  1 
ATOM   843  C  CG  . ASN A 1 108 ? 11.43066  -14.34001 -7.95849  1.000 24.00000 ? 108 ASN A CG  1 
ATOM   844  O  OD1 . ASN A 1 108 ? 11.01976  -15.49932 -7.89543  1.000 23.73000 ? 108 ASN A OD1 1 
ATOM   845  N  ND2 . ASN A 1 108 ? 12.62643  -13.97631 -7.52266  1.000 23.43000 ? 108 ASN A ND2 1 
ATOM   846  N  N   . MET A 1 109 ? 8.19199   -10.73977 -7.16342  1.000 25.72000 ? 109 MET A N   1 
ATOM   847  C  CA  . MET A 1 109 ? 7.35957   -9.55310  -7.48578  1.000 26.43000 ? 109 MET A CA  1 
ATOM   848  C  C   . MET A 1 109 ? 8.20415   -8.27524  -7.33710  1.000 26.68000 ? 109 MET A C   1 
ATOM   849  O  O   . MET A 1 109 ? 8.82389   -8.07118  -6.27917  1.000 26.23000 ? 109 MET A O   1 
ATOM   850  C  CB  . MET A 1 109 ? 6.12391   -9.46930  -6.58953  1.000 26.92000 ? 109 MET A CB  1 
ATOM   851  C  CG  . MET A 1 109 ? 5.14232   -8.35847  -7.01696  1.000 27.55000 ? 109 MET A CG  1 
ATOM   852  S  SD  . MET A 1 109 ? 3.59332   -8.35744  -6.06548  1.000 27.96000 ? 109 MET A SD  1 
ATOM   853  C  CE  . MET A 1 109 ? 2.72257   -9.71299  -6.85574  1.000 28.01000 ? 109 MET A CE  1 
ATOM   854  N  N   . ARG A 1 110 ? 8.22087   -7.44039  -8.37698  1.000 27.28000 ? 110 ARG A N   1 
ATOM   855  C  CA  . ARG A 1 110 ? 8.85478   -6.09060  -8.35329  1.000 27.66000 ? 110 ARG A CA  1 
ATOM   856  C  C   . ARG A 1 110 ? 8.02492   -5.19703  -7.43736  1.000 27.07000 ? 110 ARG A C   1 
ATOM   857  O  O   . ARG A 1 110 ? 6.82395   -5.06383  -7.70575  1.000 26.35000 ? 110 ARG A O   1 
ATOM   858  C  CB  . ARG A 1 110 ? 8.88877   -5.42416  -9.73452  1.000 28.32000 ? 110 ARG A CB  1 
ATOM   859  C  CG  . ARG A 1 110 ? 9.29118   -6.33166  -10.88243 1.000 28.79000 ? 110 ARG A CG  1 
ATOM   860  C  CD  . ARG A 1 110 ? 10.66729  -6.90687  -10.66637 1.000 29.64000 ? 110 ARG A CD  1 
ATOM   861  N  NE  . ARG A 1 110 ? 11.67738  -5.86901  -10.80950 1.000 30.17000 ? 110 ARG A NE  1 
ATOM   862  C  CZ  . ARG A 1 110 ? 12.87599  -6.05918  -11.34015 1.000 30.49000 ? 110 ARG A CZ  1 
ATOM   863  N  NH1 . ARG A 1 110 ? 13.22534  -7.25772  -11.77865 1.000 31.09000 ? 110 ARG A NH1 1 
ATOM   864  N  NH2 . ARG A 1 110 ? 13.72540  -5.05169  -11.42960 1.000 30.60000 ? 110 ARG A NH2 1 
ATOM   865  N  N   . VAL A 1 111 ? 8.64760   -4.62352  -6.40659  1.000 27.14000 ? 111 VAL A N   1 
ATOM   866  C  CA  . VAL A 1 111 ? 7.97427   -3.72045  -5.42738  1.000 27.63000 ? 111 VAL A CA  1 
ATOM   867  C  C   . VAL A 1 111 ? 8.81683   -2.45170  -5.22872  1.000 27.99000 ? 111 VAL A C   1 
ATOM   868  O  O   . VAL A 1 111 ? 9.97712   -2.39778  -5.70046  1.000 27.36000 ? 111 VAL A O   1 
ATOM   869  C  CB  . VAL A 1 111 ? 7.74484   -4.42902  -4.08293  1.000 27.70000 ? 111 VAL A CB  1 
ATOM   870  C  CG1 . VAL A 1 111 ? 6.98242   -5.74734  -4.23999  1.000 27.62000 ? 111 VAL A CG1 1 
ATOM   871  C  CG2 . VAL A 1 111 ? 9.06773   -4.65090  -3.36976  1.000 27.76000 ? 111 VAL A CG2 1 
ATOM   872  N  N   . GLN A 1 112 ? 8.25226   -1.47180  -4.52054  1.000 28.60000 ? 112 GLN A N   1 
ATOM   873  C  CA  . GLN A 1 112 ? 8.97863   -0.24755  -4.10031  1.000 29.25000 ? 112 GLN A CA  1 
ATOM   874  C  C   . GLN A 1 112 ? 9.06286   -0.20580  -2.57423  1.000 28.83000 ? 112 GLN A C   1 
ATOM   875  O  O   . GLN A 1 112 ? 8.04900   -0.47812  -1.92974  1.000 28.59000 ? 112 GLN A O   1 
ATOM   876  C  CB  . GLN A 1 112 ? 8.29524   0.98251   -4.68573  1.000 29.83000 ? 112 GLN A CB  1 
ATOM   877  C  CG  . GLN A 1 112 ? 8.11551   0.87398   -6.19036  1.000 30.53000 ? 112 GLN A CG  1 
ATOM   878  C  CD  . GLN A 1 112 ? 8.39925   2.18677   -6.86599  1.000 31.05000 ? 112 GLN A CD  1 
ATOM   879  O  OE1 . GLN A 1 112 ? 7.51267   3.03503   -7.01616  1.000 31.54000 ? 112 GLN A OE1 1 
ATOM   880  N  NE2 . GLN A 1 112 ? 9.65742   2.35870   -7.25063  1.000 31.02000 ? 112 GLN A NE2 1 
ATOM   881  N  N   . VAL A 1 113 ? 10.25007  0.07733   -2.03297  1.000 28.72000 ? 113 VAL A N   1 
ATOM   882  C  CA  . VAL A 1 113 ? 10.43859  0.33613   -0.57940  1.000 28.87000 ? 113 VAL A CA  1 
ATOM   883  C  C   . VAL A 1 113 ? 10.90759  1.78139   -0.39370  1.000 28.85000 ? 113 VAL A C   1 
ATOM   884  O  O   . VAL A 1 113 ? 11.68665  2.28763   -1.23181  1.000 28.67000 ? 113 VAL A O   1 
ATOM   885  C  CB  . VAL A 1 113 ? 11.38868  -0.67310  0.08759   1.000 28.97000 ? 113 VAL A CB  1 
ATOM   886  C  CG1 . VAL A 1 113 ? 11.48514  -0.42679  1.58657   1.000 29.05000 ? 113 VAL A CG1 1 
ATOM   887  C  CG2 . VAL A 1 113 ? 10.94078  -2.10464  -0.17289  1.000 29.30000 ? 113 VAL A CG2 1 
ATOM   888  N  N   . SER A 1 114 ? 10.40884  2.41558   0.66768   1.000 28.73000 ? 114 SER A N   1 
ATOM   889  C  CA  . SER A 1 114 ? 10.69495  3.82075   1.02706   1.000 28.75000 ? 114 SER A CA  1 
ATOM   890  C  C   . SER A 1 114 ? 11.56274  3.84468   2.28480   1.000 28.87000 ? 114 SER A C   1 
ATOM   891  O  O   . SER A 1 114 ? 11.36678  2.97864   3.17157   1.000 29.08000 ? 114 SER A O   1 
ATOM   892  C  CB  . SER A 1 114 ? 9.41583   4.57012   1.18169   1.000 28.76000 ? 114 SER A CB  1 
ATOM   893  O  OG  . SER A 1 114 ? 8.73208   4.60011   -0.06091  1.000 28.63000 ? 114 SER A OG  1 
ATOM   894  N  N   . PHE A 1 115 ? 12.52451  4.76633   2.32102   1.000 28.67000 ? 115 PHE A N   1 
ATOM   895  C  CA  . PHE A 1 115 ? 13.52992  4.89482   3.40065   1.000 28.63000 ? 115 PHE A CA  1 
ATOM   896  C  C   . PHE A 1 115 ? 13.58697  6.34477   3.87789   1.000 28.63000 ? 115 PHE A C   1 
ATOM   897  O  O   . PHE A 1 115 ? 13.39112  7.27892   3.07516   1.000 28.06000 ? 115 PHE A O   1 
ATOM   898  C  CB  . PHE A 1 115 ? 14.91715  4.50377   2.89894   1.000 28.74000 ? 115 PHE A CB  1 
ATOM   899  C  CG  . PHE A 1 115 ? 15.10544  3.04072   2.60619   1.000 29.24000 ? 115 PHE A CG  1 
ATOM   900  C  CD1 . PHE A 1 115 ? 14.54593  2.45919   1.48103   1.000 29.25000 ? 115 PHE A CD1 1 
ATOM   901  C  CD2 . PHE A 1 115 ? 15.86129  2.24643   3.45506   1.000 29.42000 ? 115 PHE A CD2 1 
ATOM   902  C  CE1 . PHE A 1 115 ? 14.72404  1.10941   1.22671   1.000 29.37000 ? 115 PHE A CE1 1 
ATOM   903  C  CE2 . PHE A 1 115 ? 16.04839  0.89977   3.19235   1.000 29.30000 ? 115 PHE A CE2 1 
ATOM   904  C  CZ  . PHE A 1 115 ? 15.48236  0.33456   2.07724   1.000 29.40000 ? 115 PHE A CZ  1 
ATOM   905  N  N   . HIS A 1 116 ? 13.86521  6.50767   5.16579   1.000 28.68000 ? 116 HIS A N   1 
ATOM   906  C  CA  . HIS A 1 116 ? 14.37806  7.75792   5.76692   1.000 28.60000 ? 116 HIS A CA  1 
ATOM   907  C  C   . HIS A 1 116 ? 15.69736  7.42126   6.44932   1.000 28.61000 ? 116 HIS A C   1 
ATOM   908  O  O   . HIS A 1 116 ? 15.70726  6.46242   7.23526   1.000 28.06000 ? 116 HIS A O   1 
ATOM   909  C  CB  . HIS A 1 116 ? 13.38255  8.36294   6.75196   1.000 28.44000 ? 116 HIS A CB  1 
ATOM   910  C  CG  . HIS A 1 116 ? 13.87825  9.63127   7.35310   1.000 28.59000 ? 116 HIS A CG  1 
ATOM   911  N  ND1 . HIS A 1 116 ? 14.08095  10.76944  6.59584   1.000 28.93000 ? 116 HIS A ND1 1 
ATOM   912  C  CD2 . HIS A 1 116 ? 14.20739  9.95191   8.62211   1.000 28.75000 ? 116 HIS A CD2 1 
ATOM   913  C  CE1 . HIS A 1 116 ? 14.51309  11.74216  7.37523   1.000 28.96000 ? 116 HIS A CE1 1 
ATOM   914  N  NE2 . HIS A 1 116 ? 14.59920  11.26535  8.62372   1.000 28.93000 ? 116 HIS A NE2 1 
ATOM   915  N  N   . GLU A 1 117 ? 16.74875  8.17657   6.13289   1.000 28.88000 ? 117 GLU A N   1 
ATOM   916  C  CA  . GLU A 1 117 ? 18.10534  8.01206   6.71103   1.000 29.39000 ? 117 GLU A CA  1 
ATOM   917  C  C   . GLU A 1 117 ? 18.44619  6.51969   6.78163   1.000 29.48000 ? 117 GLU A C   1 
ATOM   918  O  O   . GLU A 1 117 ? 18.89347  6.06316   7.84372   1.000 29.49000 ? 117 GLU A O   1 
ATOM   919  C  CB  . GLU A 1 117 ? 18.16103  8.71700   8.06360   1.000 29.41000 ? 117 GLU A CB  1 
ATOM   920  C  CG  . GLU A 1 117 ? 17.91896  10.20512  7.93664   1.000 29.44000 ? 117 GLU A CG  1 
ATOM   921  C  CD  . GLU A 1 117 ? 17.95383  10.96994  9.24411   1.000 29.54000 ? 117 GLU A CD  1 
ATOM   922  O  OE1 . GLU A 1 117 ? 18.25902  10.35987  10.27841  1.000 29.44000 ? 117 GLU A OE1 1 
ATOM   923  O  OE2 . GLU A 1 117 ? 17.67448  12.17463  9.21465   1.000 29.93000 ? 117 GLU A OE2 1 
ATOM   924  N  N   . GLY A 1 118 ? 18.19875  5.79965   5.68486   1.000 29.76000 ? 118 GLY A N   1 
ATOM   925  C  CA  . GLY A 1 118 ? 18.65828  4.41727   5.45887   1.000 30.09000 ? 118 GLY A CA  1 
ATOM   926  C  C   . GLY A 1 118 ? 17.81850  3.35852   6.15825   1.000 30.29000 ? 118 GLY A C   1 
ATOM   927  O  O   . GLY A 1 118 ? 18.22339  2.17875   6.06421   1.000 30.56000 ? 118 GLY A O   1 
ATOM   928  N  N   . GLU A 1 119 ? 16.71280  3.71883   6.82722   1.000 30.26000 ? 119 GLU A N   1 
ATOM   929  C  CA  . GLU A 1 119 ? 15.80464  2.73048   7.48364   1.000 30.48000 ? 119 GLU A CA  1 
ATOM   930  C  C   . GLU A 1 119 ? 14.49898  2.62205   6.69389   1.000 30.12000 ? 119 GLU A C   1 
ATOM   931  O  O   . GLU A 1 119 ? 13.84984  3.65617   6.46237   1.000 30.50000 ? 119 GLU A O   1 
ATOM   932  C  CB  . GLU A 1 119 ? 15.53541  3.06038   8.95279   1.000 30.74000 ? 119 GLU A CB  1 
ATOM   933  C  CG  . GLU A 1 119 ? 16.64391  2.56307   9.85859   1.000 31.42000 ? 119 GLU A CG  1 
ATOM   934  C  CD  . GLU A 1 119 ? 16.26618  2.30774   11.30592  1.000 31.98000 ? 119 GLU A CD  1 
ATOM   935  O  OE1 . GLU A 1 119 ? 15.73749  1.21063   11.58106  1.000 32.78000 ? 119 GLU A OE1 1 
ATOM   936  O  OE2 . GLU A 1 119 ? 16.54225  3.18028   12.16019  1.000 31.95000 ? 119 GLU A OE2 1 
ATOM   937  N  N   . ALA A 1 120 ? 14.17932  1.39745   6.27532   1.000 29.57000 ? 120 ALA A N   1 
ATOM   938  C  CA  . ALA A 1 120 ? 12.92595  1.00232   5.59964   1.000 29.32000 ? 120 ALA A CA  1 
ATOM   939  C  C   . ALA A 1 120 ? 11.74310  1.50741   6.41214   1.000 29.01000 ? 120 ALA A C   1 
ATOM   940  O  O   . ALA A 1 120 ? 11.71456  1.23594   7.61514   1.000 28.71000 ? 120 ALA A O   1 
ATOM   941  C  CB  . ALA A 1 120 ? 12.85487  -0.50139  5.46430   1.000 29.42000 ? 120 ALA A CB  1 
ATOM   942  N  N   . LEU A 1 121 ? 10.80548  2.19246   5.75928   1.000 28.94000 ? 121 LEU A N   1 
ATOM   943  C  CA  . LEU A 1 121 ? 9.56974   2.70998   6.39486   1.000 28.65000 ? 121 LEU A CA  1 
ATOM   944  C  C   . LEU A 1 121 ? 8.42047   1.77626   6.04256   1.000 28.56000 ? 121 LEU A C   1 
ATOM   945  O  O   . LEU A 1 121 ? 7.67845   1.37269   6.95636   1.000 28.68000 ? 121 LEU A O   1 
ATOM   946  C  CB  . LEU A 1 121 ? 9.31394   4.12832   5.88923   1.000 28.37000 ? 121 LEU A CB  1 
ATOM   947  C  CG  . LEU A 1 121 ? 10.46485  5.10524   6.12146   1.000 28.31000 ? 121 LEU A CG  1 
ATOM   948  C  CD1 . LEU A 1 121 ? 10.09869  6.48421   5.59854   1.000 28.11000 ? 121 LEU A CD1 1 
ATOM   949  C  CD2 . LEU A 1 121 ? 10.84124  5.16616   7.59901   1.000 28.18000 ? 121 LEU A CD2 1 
ATOM   950  N  N   . PHE A 1 122 ? 8.28889   1.45650   4.75903   1.000 28.65000 ? 122 PHE A N   1 
ATOM   951  C  CA  . PHE A 1 122 ? 7.15495   0.67202   4.20776   1.000 28.97000 ? 122 PHE A CA  1 
ATOM   952  C  C   . PHE A 1 122 ? 7.48868   0.26024   2.77362   1.000 29.40000 ? 122 PHE A C   1 
ATOM   953  O  O   . PHE A 1 122 ? 8.42287   0.83767   2.17486   1.000 29.71000 ? 122 PHE A O   1 
ATOM   954  C  CB  . PHE A 1 122 ? 5.85555   1.48976   4.26050   1.000 28.53000 ? 122 PHE A CB  1 
ATOM   955  C  CG  . PHE A 1 122 ? 5.90010   2.76534   3.45454   1.000 28.26000 ? 122 PHE A CG  1 
ATOM   956  C  CD1 . PHE A 1 122 ? 6.40475   3.93258   4.00116   1.000 27.79000 ? 122 PHE A CD1 1 
ATOM   957  C  CD2 . PHE A 1 122 ? 5.47012   2.79321   2.13403   1.000 28.24000 ? 122 PHE A CD2 1 
ATOM   958  C  CE1 . PHE A 1 122 ? 6.45538   5.10330   3.25785   1.000 27.63000 ? 122 PHE A CE1 1 
ATOM   959  C  CE2 . PHE A 1 122 ? 5.52609   3.96967   1.39154   1.000 28.06000 ? 122 PHE A CE2 1 
ATOM   960  C  CZ  . PHE A 1 122 ? 6.02590   5.11825   1.95249   1.000 27.53000 ? 122 PHE A CZ  1 
ATOM   961  N  N   . GLY A 1 123 ? 6.73546   -0.70469  2.24556   1.000 29.81000 ? 123 GLY A N   1 
ATOM   962  C  CA  . GLY A 1 123 ? 6.80031   -1.12522  0.83680   1.000 30.08000 ? 123 GLY A CA  1 
ATOM   963  C  C   . GLY A 1 123 ? 5.45006   -0.96050  0.17437   1.000 30.72000 ? 123 GLY A C   1 
ATOM   964  O  O   . GLY A 1 123 ? 4.45022   -0.90013  0.90945   1.000 30.35000 ? 123 GLY A O   1 
ATOM   965  N  N   . GLU A 1 124 ? 5.43162   -0.91342  -1.16375  1.000 31.83000 ? 124 GLU A N   1 
ATOM   966  C  CA  . GLU A 1 124 ? 4.21053   -0.81257  -2.00667  1.000 32.14000 ? 124 GLU A CA  1 
ATOM   967  C  C   . GLU A 1 124 ? 4.26454   -1.85517  -3.12251  1.000 32.37000 ? 124 GLU A C   1 
ATOM   968  O  O   . GLU A 1 124 ? 5.29257   -1.95450  -3.79573  1.000 33.81000 ? 124 GLU A O   1 
ATOM   969  C  CB  . GLU A 1 124 ? 4.12644   0.57423   -2.62364  1.000 32.44000 ? 124 GLU A CB  1 
ATOM   970  C  CG  . GLU A 1 124 ? 3.84085   1.65973   -1.60831  1.000 32.96000 ? 124 GLU A CG  1 
ATOM   971  C  CD  . GLU A 1 124 ? 3.87805   3.05517   -2.20579  1.000 33.16000 ? 124 GLU A CD  1 
ATOM   972  O  OE1 . GLU A 1 124 ? 4.99763   3.54914   -2.46701  1.000 32.81000 ? 124 GLU A OE1 1 
ATOM   973  O  OE2 . GLU A 1 124 ? 2.78520   3.61521   -2.45418  1.000 33.73000 ? 124 GLU A OE2 1 
ATOM   974  N  N   . LEU A 1 125 ? 3.18633   -2.60217  -3.32108  1.000 32.40000 ? 125 LEU A N   1 
ATOM   975  C  CA  . LEU A 1 125 ? 3.03197   -3.46504  -4.52144  1.000 32.57000 ? 125 LEU A CA  1 
ATOM   976  C  C   . LEU A 1 125 ? 2.61101   -2.57931  -5.68045  1.000 31.55000 ? 125 LEU A C   1 
ATOM   977  O  O   . LEU A 1 125 ? 2.24159   -1.43102  -5.48014  1.000 31.36000 ? 125 LEU A O   1 
ATOM   978  C  CB  . LEU A 1 125 ? 1.97643   -4.54434  -4.26580  1.000 33.05000 ? 125 LEU A CB  1 
ATOM   979  C  CG  . LEU A 1 125 ? 2.43767   -5.70011  -3.38534  1.000 33.07000 ? 125 LEU A CG  1 
ATOM   980  C  CD1 . LEU A 1 125 ? 2.76283   -5.21427  -1.98344  1.000 32.88000 ? 125 LEU A CD1 1 
ATOM   981  C  CD2 . LEU A 1 125 ? 1.37059   -6.78176  -3.35444  1.000 33.61000 ? 125 LEU A CD2 1 
ATOM   982  N  N   . PRO A 1 126 ? 2.63766   -3.08507  -6.92645  1.000 31.34000 ? 126 PRO A N   1 
ATOM   983  C  CA  . PRO A 1 126 ? 1.95914   -2.40267  -8.02431  1.000 31.03000 ? 126 PRO A CA  1 
ATOM   984  C  C   . PRO A 1 126 ? 0.45865   -2.32370  -7.70994  1.000 30.51000 ? 126 PRO A C   1 
ATOM   985  O  O   . PRO A 1 126 ? -0.02519  -3.13852  -6.92252  1.000 30.59000 ? 126 PRO A O   1 
ATOM   986  C  CB  . PRO A 1 126 ? 2.24912   -3.27848  -9.25803  1.000 31.06000 ? 126 PRO A CB  1 
ATOM   987  C  CG  . PRO A 1 126 ? 3.45173   -4.11979  -8.85890  1.000 31.10000 ? 126 PRO A CG  1 
ATOM   988  C  CD  . PRO A 1 126 ? 3.34059   -4.30295  -7.35770  1.000 31.18000 ? 126 PRO A CD  1 
ATOM   989  N  N   . VAL A 1 127 ? -0.23332  -1.36279  -8.32863  1.000 30.22000 ? 127 VAL A N   1 
ATOM   990  C  CA  . VAL A 1 127 ? -1.70932  -1.15587  -8.20346  1.000 29.47000 ? 127 VAL A CA  1 
ATOM   991  C  C   . VAL A 1 127 ? -2.40129  -2.40845  -8.75357  1.000 29.13000 ? 127 VAL A C   1 
ATOM   992  O  O   . VAL A 1 127 ? -3.33282  -2.90093  -8.09121  1.000 29.82000 ? 127 VAL A O   1 
ATOM   993  C  CB  . VAL A 1 127 ? -2.14462  0.14024   -8.91226  1.000 29.70000 ? 127 VAL A CB  1 
ATOM   994  C  CG1 . VAL A 1 127 ? -3.65217  0.34855   -8.86828  1.000 30.01000 ? 127 VAL A CG1 1 
ATOM   995  C  CG2 . VAL A 1 127 ? -1.42285  1.35674   -8.34183  1.000 29.52000 ? 127 VAL A CG2 1 
ATOM   996  N  N   . SER A 1 128 ? -1.90072  -2.95197  -9.87142  1.000 28.60000 ? 128 SER A N   1 
ATOM   997  C  CA  . SER A 1 128 ? -2.36085  -4.21887  -10.50446 1.000 28.04000 ? 128 SER A CA  1 
ATOM   998  C  C   . SER A 1 128 ? -1.26420  -5.28480  -10.41739 1.000 28.15000 ? 128 SER A C   1 
ATOM   999  O  O   . SER A 1 128 ? -0.11058  -4.95518  -10.73621 1.000 27.72000 ? 128 SER A O   1 
ATOM   1000 C  CB  . SER A 1 128 ? -2.75193  -4.01930  -11.93542 1.000 27.49000 ? 128 SER A CB  1 
ATOM   1001 O  OG  . SER A 1 128 ? -3.19502  -5.24213  -12.49941 1.000 26.83000 ? 128 SER A OG  1 
ATOM   1002 N  N   . VAL A 1 129 ? -1.63968  -6.51516  -10.03917 1.000 27.68000 ? 129 VAL A N   1 
ATOM   1003 C  CA  . VAL A 1 129 ? -0.76452  -7.72188  -10.05939 1.000 27.63000 ? 129 VAL A CA  1 
ATOM   1004 C  C   . VAL A 1 129 ? -1.57158  -8.92187  -10.58732 1.000 27.74000 ? 129 VAL A C   1 
ATOM   1005 O  O   . VAL A 1 129 ? -2.80594  -8.96350  -10.41117 1.000 27.22000 ? 129 VAL A O   1 
ATOM   1006 C  CB  . VAL A 1 129 ? -0.14415  -8.00937  -8.67315  1.000 27.74000 ? 129 VAL A CB  1 
ATOM   1007 C  CG1 . VAL A 1 129 ? 0.64814   -6.82180  -8.14398  1.000 27.49000 ? 129 VAL A CG1 1 
ATOM   1008 C  CG2 . VAL A 1 129 ? -1.17617  -8.45852  -7.64505  1.000 27.61000 ? 129 VAL A CG2 1 
ATOM   1009 N  N   . ASP A 1 130 ? -0.87370  -9.85361  -11.23644 1.000 28.22000 ? 130 ASP A N   1 
ATOM   1010 C  CA  . ASP A 1 130 ? -1.42696  -11.10788 -11.79881 1.000 28.66000 ? 130 ASP A CA  1 
ATOM   1011 C  C   . ASP A 1 130 ? -1.26432  -12.21049 -10.75847 1.000 29.21000 ? 130 ASP A C   1 
ATOM   1012 O  O   . ASP A 1 130 ? -0.12358  -12.53189 -10.43661 1.000 29.62000 ? 130 ASP A O   1 
ATOM   1013 C  CB  . ASP A 1 130 ? -0.69855  -11.50383 -13.08268 1.000 28.49000 ? 130 ASP A CB  1 
ATOM   1014 C  CG  . ASP A 1 130 ? -0.89744  -10.53741 -14.23928 1.000 28.24000 ? 130 ASP A CG  1 
ATOM   1015 O  OD1 . ASP A 1 130 ? -1.58114  -9.51637  -14.05227 1.000 27.85000 ? 130 ASP A OD1 1 
ATOM   1016 O  OD2 . ASP A 1 130 ? -0.37973  -10.83291 -15.32217 1.000 28.20000 ? 130 ASP A OD2 1 
ATOM   1017 N  N   . LEU A 1 131 ? -2.36267  -12.76646 -10.26172 1.000 30.17000 ? 131 LEU A N   1 
ATOM   1018 C  CA  . LEU A 1 131 ? -2.33638  -13.88792 -9.28128  1.000 30.79000 ? 131 LEU A CA  1 
ATOM   1019 C  C   . LEU A 1 131 ? -3.25095  -15.00402 -9.78182  1.000 30.20000 ? 131 LEU A C   1 
ATOM   1020 O  O   . LEU A 1 131 ? -4.32004  -14.69190 -10.30822 1.000 29.73000 ? 131 LEU A O   1 
ATOM   1021 C  CB  . LEU A 1 131 ? -2.77586  -13.36665 -7.90904  1.000 31.50000 ? 131 LEU A CB  1 
ATOM   1022 C  CG  . LEU A 1 131 ? -1.86755  -12.29697 -7.29815  1.000 32.18000 ? 131 LEU A CG  1 
ATOM   1023 C  CD1 . LEU A 1 131 ? -2.64673  -11.34289 -6.41674  1.000 32.73000 ? 131 LEU A CD1 1 
ATOM   1024 C  CD2 . LEU A 1 131 ? -0.73904  -12.92494 -6.50382  1.000 32.67000 ? 131 LEU A CD2 1 
ATOM   1025 N  N   . ARG A 1 132 ? -2.81635  -16.25550 -9.63498  1.000 30.26000 ? 132 ARG A N   1 
ATOM   1026 C  CA  . ARG A 1 132 ? -3.55435  -17.45235 -10.11122 1.000 29.82000 ? 132 ARG A CA  1 
ATOM   1027 C  C   . ARG A 1 132 ? -4.64036  -17.78599 -9.08853  1.000 29.18000 ? 132 ARG A C   1 
ATOM   1028 O  O   . ARG A 1 132 ? -4.45215  -17.48234 -7.90164  1.000 28.75000 ? 132 ARG A O   1 
ATOM   1029 C  CB  . ARG A 1 132 ? -2.58106  -18.61819 -10.31605 1.000 30.04000 ? 132 ARG A CB  1 
ATOM   1030 C  CG  . ARG A 1 132 ? -3.22320  -19.86909 -10.90616 1.000 30.29000 ? 132 ARG A CG  1 
ATOM   1031 C  CD  . ARG A 1 132 ? -2.19533  -20.91774 -11.27696 1.000 30.51000 ? 132 ARG A CD  1 
ATOM   1032 N  NE  . ARG A 1 132 ? -1.20978  -20.38809 -12.21354 1.000 30.44000 ? 132 ARG A NE  1 
ATOM   1033 C  CZ  . ARG A 1 132 ? -1.29545  -20.45527 -13.53876 1.000 30.64000 ? 132 ARG A CZ  1 
ATOM   1034 N  NH1 . ARG A 1 132 ? -2.32119  -21.05258 -14.12179 1.000 31.07000 ? 132 ARG A NH1 1 
ATOM   1035 N  NH2 . ARG A 1 132 ? -0.34271  -19.93013 -14.28469 1.000 30.76000 ? 132 ARG A NH2 1 
ATOM   1036 N  N   . VAL A 1 133 ? -5.72300  -18.42182 -9.52926  1.000 29.09000 ? 133 VAL A N   1 
ATOM   1037 C  CA  . VAL A 1 133 ? -6.77253  -18.95048 -8.61356  1.000 28.85000 ? 133 VAL A CA  1 
ATOM   1038 C  C   . VAL A 1 133 ? -6.34601  -20.34052 -8.12339  1.000 28.78000 ? 133 VAL A C   1 
ATOM   1039 O  O   . VAL A 1 133 ? -6.18622  -21.25352 -8.95621  1.000 28.68000 ? 133 VAL A O   1 
ATOM   1040 C  CB  . VAL A 1 133 ? -8.15319  -18.95078 -9.28729  1.000 28.57000 ? 133 VAL A CB  1 
ATOM   1041 C  CG1 . VAL A 1 133 ? -9.22787  -19.44524 -8.33697  1.000 28.60000 ? 133 VAL A CG1 1 
ATOM   1042 C  CG2 . VAL A 1 133 ? -8.50540  -17.56676 -9.80709  1.000 28.59000 ? 133 VAL A CG2 1 
ATOM   1043 N  N   . GLU A 1 134 ? -6.15316  -20.47782 -6.80778  1.000 29.14000 ? 134 GLU A N   1 
ATOM   1044 C  CA  . GLU A 1 134 ? -5.92202  -21.78197 -6.12435  1.000 28.90000 ? 134 GLU A CA  1 
ATOM   1045 C  C   . GLU A 1 134 ? -7.21576  -22.60240 -6.16718  1.000 28.75000 ? 134 GLU A C   1 
ATOM   1046 O  O   . GLU A 1 134 ? -7.13317  -23.80624 -6.44841  1.000 28.35000 ? 134 GLU A O   1 
ATOM   1047 C  CB  . GLU A 1 134 ? -5.46264  -21.58193 -4.68005  1.000 28.54000 ? 134 GLU A CB  1 
ATOM   1048 C  CG  . GLU A 1 134 ? -5.05944  -22.88513 -3.99565  1.000 28.58000 ? 134 GLU A CG  1 
ATOM   1049 C  CD  . GLU A 1 134 ? -3.93697  -23.67837 -4.65518  1.000 28.23000 ? 134 GLU A CD  1 
ATOM   1050 O  OE1 . GLU A 1 134 ? -3.02425  -23.05485 -5.21049  1.000 28.24000 ? 134 GLU A OE1 1 
ATOM   1051 O  OE2 . GLU A 1 134 ? -3.96413  -24.91656 -4.58848  1.000 28.27000 ? 134 GLU A OE2 1 
ATOM   1052 N  N   . HIS A 1 135 ? -8.35724  -21.96538 -5.88333  1.000 29.04000 ? 135 HIS A N   1 
ATOM   1053 C  CA  . HIS A 1 135 ? -9.69942  -22.60240 -5.83343  1.000 29.58000 ? 135 HIS A CA  1 
ATOM   1054 C  C   . HIS A 1 135 ? -10.80132 -21.54501 -5.95718  1.000 29.62000 ? 135 HIS A C   1 
ATOM   1055 O  O   . HIS A 1 135 ? -10.72482 -20.51749 -5.28657  1.000 29.77000 ? 135 HIS A O   1 
ATOM   1056 C  CB  . HIS A 1 135 ? -9.89627  -23.40536 -4.53442  1.000 30.01000 ? 135 HIS A CB  1 
ATOM   1057 C  CG  . HIS A 1 135 ? -11.29813 -23.89626 -4.35560  1.000 30.60000 ? 135 HIS A CG  1 
ATOM   1058 N  ND1 . HIS A 1 135 ? -11.73013 -25.11862 -4.86201  1.000 30.87000 ? 135 HIS A ND1 1 
ATOM   1059 C  CD2 . HIS A 1 135 ? -12.37966 -23.32698 -3.77615  1.000 30.83000 ? 135 HIS A CD2 1 
ATOM   1060 C  CE1 . HIS A 1 135 ? -13.01043 -25.28092 -4.58616  1.000 30.95000 ? 135 HIS A CE1 1 
ATOM   1061 N  NE2 . HIS A 1 135 ? -13.43129 -24.20287 -3.91418  1.000 31.05000 ? 135 HIS A NE2 1 
ATOM   1062 N  N   . THR A 1 136 ? -11.80268 -21.81463 -6.78642  1.000 29.60000 ? 136 THR A N   1 
ATOM   1063 C  CA  . THR A 1 136 ? -13.13465 -21.16880 -6.73890  1.000 29.48000 ? 136 THR A CA  1 
ATOM   1064 C  C   . THR A 1 136 ? -14.15290 -22.23622 -7.13954  1.000 29.68000 ? 136 THR A C   1 
ATOM   1065 O  O   . THR A 1 136 ? -13.71772 -23.27829 -7.67056  1.000 28.96000 ? 136 THR A O   1 
ATOM   1066 C  CB  . THR A 1 136 ? -13.18000 -19.91654 -7.62350  1.000 29.08000 ? 136 THR A CB  1 
ATOM   1067 O  OG1 . THR A 1 136 ? -14.37895 -19.19307 -7.32670  1.000 29.01000 ? 136 THR A OG1 1 
ATOM   1068 C  CG2 . THR A 1 136 ? -13.11846 -20.24264 -9.09616  1.000 28.65000 ? 136 THR A CG2 1 
ATOM   1069 N  N   . ASP A 1 137 ? -15.44189 -21.97618 -6.92379  1.000 30.50000 ? 137 ASP A N   1 
ATOM   1070 C  CA  . ASP A 1 137 ? -16.52857 -22.91256 -7.30773  1.000 31.82000 ? 137 ASP A CA  1 
ATOM   1071 C  C   . ASP A 1 137 ? -16.58727 -23.01489 -8.82562  1.000 32.06000 ? 137 ASP A C   1 
ATOM   1072 O  O   . ASP A 1 137 ? -16.06900 -22.16282 -9.52776  1.000 31.64000 ? 137 ASP A O   1 
ATOM   1073 C  CB  . ASP A 1 137 ? -17.87779 -22.48734 -6.72637  1.000 32.81000 ? 137 ASP A CB  1 
ATOM   1074 C  CG  . ASP A 1 137 ? -18.16703 -23.06731 -5.35308  1.000 33.38000 ? 137 ASP A CG  1 
ATOM   1075 O  OD1 . ASP A 1 137 ? -17.19515 -23.39887 -4.62705  1.000 33.73000 ? 137 ASP A OD1 1 
ATOM   1076 O  OD2 . ASP A 1 137 ? -19.36688 -23.20151 -5.02777  1.000 34.21000 ? 137 ASP A OD2 1 
ATOM   1077 N  N   . PRO A 1 138 ? -17.21277 -24.06798 -9.39019  1.000 33.52000 ? 138 PRO A N   1 
ATOM   1078 C  CA  . PRO A 1 138 ? -17.27254 -24.21690 -10.84492 1.000 34.41000 ? 138 PRO A CA  1 
ATOM   1079 C  C   . PRO A 1 138 ? -17.72198 -22.92916 -11.55196 1.000 35.25000 ? 138 PRO A C   1 
ATOM   1080 O  O   . PRO A 1 138 ? -18.55544 -22.21055 -11.01408 1.000 34.96000 ? 138 PRO A O   1 
ATOM   1081 C  CB  . PRO A 1 138 ? -18.26991 -25.36436 -11.03664 1.000 34.14000 ? 138 PRO A CB  1 
ATOM   1082 C  CG  . PRO A 1 138 ? -18.09209 -26.19166 -9.78292  1.000 33.83000 ? 138 PRO A CG  1 
ATOM   1083 C  CD  . PRO A 1 138 ? -17.87151 -25.17567 -8.68256  1.000 33.50000 ? 138 PRO A CD  1 
ATOM   1084 N  N   . GLY A 1 139 ? -17.10736 -22.65246 -12.70883 1.000 36.65000 ? 139 GLY A N   1 
ATOM   1085 C  CA  . GLY A 1 139 ? -17.44573 -21.52830 -13.60143 1.000 37.24000 ? 139 GLY A CA  1 
ATOM   1086 C  C   . GLY A 1 139 ? -18.85349 -21.67773 -14.14320 1.000 37.93000 ? 139 GLY A C   1 
ATOM   1087 O  O   . GLY A 1 139 ? -19.21469 -22.79627 -14.54186 1.000 37.80000 ? 139 GLY A O   1 
ATOM   1088 N  N   . LEU A 1 140 ? -19.63749 -20.60140 -14.13248 1.000 39.57000 ? 140 LEU A N   1 
ATOM   1089 C  CA  . LEU A 1 140 ? -21.02429 -20.59973 -14.66991 1.000 41.05000 ? 140 LEU A CA  1 
ATOM   1090 C  C   . LEU A 1 140 ? -21.12096 -19.58462 -15.81769 1.000 41.72000 ? 140 LEU A C   1 
ATOM   1091 O  O   . LEU A 1 140 ? -20.97033 -18.36155 -15.56256 1.000 41.44000 ? 140 LEU A O   1 
ATOM   1092 C  CB  . LEU A 1 140 ? -22.00015 -20.32669 -13.52118 1.000 41.25000 ? 140 LEU A CB  1 
ATOM   1093 C  CG  . LEU A 1 140 ? -21.86938 -21.30500 -12.34774 1.000 41.38000 ? 140 LEU A CG  1 
ATOM   1094 C  CD1 . LEU A 1 140 ? -21.41250 -20.58979 -11.08425 1.000 41.46000 ? 140 LEU A CD1 1 
ATOM   1095 C  CD2 . LEU A 1 140 ? -23.16815 -22.05638 -12.09815 1.000 41.45000 ? 140 LEU A CD2 1 
ATOM   1096 N  N   . GLN A 1 141 ? -21.32881 -20.10669 -17.03361 1.000 42.68000 ? 141 GLN A N   1 
ATOM   1097 C  CA  . GLN A 1 141 ? -21.27653 -19.36787 -18.32485 1.000 43.91000 ? 141 GLN A CA  1 
ATOM   1098 C  C   . GLN A 1 141 ? -22.68979 -18.91592 -18.73326 1.000 44.80000 ? 141 GLN A C   1 
ATOM   1099 O  O   . GLN A 1 141 ? -22.78873 -17.97794 -19.54132 1.000 45.27000 ? 141 GLN A O   1 
ATOM   1100 C  CB  . GLN A 1 141 ? -20.59913 -20.21953 -19.40822 1.000 44.00000 ? 141 GLN A CB  1 
ATOM   1101 C  CG  . GLN A 1 141 ? -19.07262 -20.15193 -19.36896 1.000 44.07000 ? 141 GLN A CG  1 
ATOM   1102 C  CD  . GLN A 1 141 ? -18.40669 -20.55903 -20.66206 1.000 44.02000 ? 141 GLN A CD  1 
ATOM   1103 O  OE1 . GLN A 1 141 ? -17.57985 -21.46874 -20.69881 1.000 44.07000 ? 141 GLN A OE1 1 
ATOM   1104 N  NE2 . GLN A 1 141 ? -18.75024 -19.87303 -21.74060 1.000 44.07000 ? 141 GLN A NE2 1 
ATOM   1105 N  N   . GLY A 1 142 ? -23.74801 -19.52188 -18.18254 1.000 45.71000 ? 142 GLY A N   1 
ATOM   1106 C  CA  . GLY A 1 142 ? -25.11318 -18.96215 -18.24797 1.000 46.37000 ? 142 GLY A CA  1 
ATOM   1107 C  C   . GLY A 1 142 ? -25.27777 -17.84648 -17.23002 1.000 47.10000 ? 142 GLY A C   1 
ATOM   1108 O  O   . GLY A 1 142 ? -26.42599 -17.56471 -16.85551 1.000 47.02000 ? 142 GLY A O   1 
ATOM   1109 N  N   . ASP A 1 143 ? -24.15333 -17.25047 -16.80279 1.000 48.29000 ? 143 ASP A N   1 
ATOM   1110 C  CA  . ASP A 1 143 ? -24.01674 -16.26638 -15.69119 1.000 48.95000 ? 143 ASP A CA  1 
ATOM   1111 C  C   . ASP A 1 143 ? -24.90924 -16.70779 -14.52289 1.000 49.65000 ? 143 ASP A C   1 
ATOM   1112 O  O   . ASP A 1 143 ? -25.37117 -15.83579 -13.76329 1.000 50.66000 ? 143 ASP A O   1 
ATOM   1113 C  CB  . ASP A 1 143 ? -24.32493 -14.84826 -16.19191 1.000 48.62000 ? 143 ASP A CB  1 
ATOM   1114 C  CG  . ASP A 1 143 ? -23.71202 -13.72265 -15.36986 1.000 48.14000 ? 143 ASP A CG  1 
ATOM   1115 O  OD1 . ASP A 1 143 ? -22.99792 -14.01888 -14.38845 1.000 47.37000 ? 143 ASP A OD1 1 
ATOM   1116 O  OD2 . ASP A 1 143 ? -23.96218 -12.55161 -15.71954 1.000 47.75000 ? 143 ASP A OD2 1 
ATOM   1117 N  N   . ARG A 1 144 ? -25.09697 -18.02081 -14.35359 1.000 49.56000 ? 144 ARG A N   1 
ATOM   1118 C  CA  . ARG A 1 144 ? -26.28025 -18.59950 -13.66412 1.000 49.58000 ? 144 ARG A CA  1 
ATOM   1119 C  C   . ARG A 1 144 ? -25.89050 -19.09458 -12.26486 1.000 49.89000 ? 144 ARG A C   1 
ATOM   1120 O  O   . ARG A 1 144 ? -25.53893 -20.28785 -12.14628 1.000 50.36000 ? 144 ARG A O   1 
ATOM   1121 C  CB  . ARG A 1 144 ? -26.91536 -19.69795 -14.52537 1.000 49.34000 ? 144 ARG A CB  1 
ATOM   1122 C  CG  . ARG A 1 144 ? -25.92043 -20.60043 -15.24011 1.000 49.10000 ? 144 ARG A CG  1 
ATOM   1123 C  CD  . ARG A 1 144 ? -26.61896 -21.56295 -16.17482 1.000 49.14000 ? 144 ARG A CD  1 
ATOM   1124 N  NE  . ARG A 1 144 ? -25.70361 -22.57811 -16.67398 1.000 49.13000 ? 144 ARG A NE  1 
ATOM   1125 C  CZ  . ARG A 1 144 ? -25.21951 -23.59339 -15.96075 1.000 48.97000 ? 144 ARG A CZ  1 
ATOM   1126 N  NH1 . ARG A 1 144 ? -25.54908 -23.74771 -14.68798 1.000 49.24000 ? 144 ARG A NH1 1 
ATOM   1127 N  NH2 . ARG A 1 144 ? -24.39194 -24.45370 -16.52527 1.000 48.59000 ? 144 ARG A NH2 1 
ATOM   1128 N  N   . SER A 1 145 ? -25.96922 -18.20300 -11.26246 1.000 49.26000 ? 145 SER A N   1 
ATOM   1129 C  CA  . SER A 1 145 ? -25.89023 -18.49902 -9.80229  1.000 48.56000 ? 145 SER A CA  1 
ATOM   1130 C  C   . SER A 1 145 ? -26.61283 -17.39897 -9.01300  1.000 48.10000 ? 145 SER A C   1 
ATOM   1131 O  O   . SER A 1 145 ? -26.46303 -16.22358 -9.39857  1.000 47.08000 ? 145 SER A O   1 
ATOM   1132 C  CB  . SER A 1 145 ? -24.45885 -18.66194 -9.33836  1.000 48.41000 ? 145 SER A CB  1 
ATOM   1133 O  OG  . SER A 1 145 ? -24.37816 -19.44377 -8.15417  1.000 47.82000 ? 145 SER A OG  1 
ATOM   1134 N  N   . GLY A 1 147 ? -26.25263 -13.10667 -12.20628 1.000 27.95000 ? 147 GLY A N   1 
ATOM   1135 C  CA  . GLY A 1 147 ? -25.00607 -12.33893 -12.02696 1.000 27.86000 ? 147 GLY A CA  1 
ATOM   1136 C  C   . GLY A 1 147 ? -24.41154 -12.55115 -10.64343 1.000 27.75000 ? 147 GLY A C   1 
ATOM   1137 O  O   . GLY A 1 147 ? -24.62067 -13.64686 -10.05958 1.000 28.00000 ? 147 GLY A O   1 
ATOM   1138 N  N   . GLY A 1 148 ? -23.71353 -11.53355 -10.13123 1.000 27.12000 ? 148 GLY A N   1 
ATOM   1139 C  CA  . GLY A 1 148 ? -23.07038 -11.54232 -8.80532  1.000 26.33000 ? 148 GLY A CA  1 
ATOM   1140 C  C   . GLY A 1 148 ? -21.64267 -12.03466 -8.89998  1.000 25.77000 ? 148 GLY A C   1 
ATOM   1141 O  O   . GLY A 1 148 ? -21.11153 -12.15160 -10.03253 1.000 25.92000 ? 148 GLY A O   1 
ATOM   1142 N  N   . THR A 1 149 ? -21.04017 -12.31407 -7.74818  1.000 24.97000 ? 149 THR A N   1 
ATOM   1143 C  CA  . THR A 1 149 ? -19.64430 -12.78598 -7.62415  1.000 24.58000 ? 149 THR A CA  1 
ATOM   1144 C  C   . THR A 1 149 ? -19.60408 -14.00878 -6.70824  1.000 24.37000 ? 149 THR A C   1 
ATOM   1145 O  O   . THR A 1 149 ? -20.61016 -14.30609 -6.04468  1.000 24.16000 ? 149 THR A O   1 
ATOM   1146 C  CB  . THR A 1 149 ? -18.73151 -11.65778 -7.13078  1.000 24.47000 ? 149 THR A CB  1 
ATOM   1147 O  OG1 . THR A 1 149 ? -19.19490 -11.23092 -5.85307  1.000 24.19000 ? 149 THR A OG1 1 
ATOM   1148 C  CG2 . THR A 1 149 ? -18.69627 -10.48638 -8.08872  1.000 24.70000 ? 149 THR A CG2 1 
ATOM   1149 N  N   . LYS A 1 150 ? -18.46266 -14.68610 -6.69493  1.000 24.16000 ? 150 LYS A N   1 
ATOM   1150 C  CA  . LYS A 1 150 ? -18.18697 -15.82167 -5.79008  1.000 24.26000 ? 150 LYS A CA  1 
ATOM   1151 C  C   . LYS A 1 150 ? -16.79008 -15.62172 -5.22927  1.000 24.35000 ? 150 LYS A C   1 
ATOM   1152 O  O   . LYS A 1 150 ? -15.94114 -15.02285 -5.88137  1.000 24.00000 ? 150 LYS A O   1 
ATOM   1153 C  CB  . LYS A 1 150 ? -18.29267 -17.14926 -6.54744  1.000 24.16000 ? 150 LYS A CB  1 
ATOM   1154 C  CG  . LYS A 1 150 ? -17.20245 -17.36931 -7.58399  1.000 24.03000 ? 150 LYS A CG  1 
ATOM   1155 C  CD  . LYS A 1 150 ? -17.52133 -18.38253 -8.64410  1.000 23.93000 ? 150 LYS A CD  1 
ATOM   1156 C  CE  . LYS A 1 150 ? -16.40088 -18.48686 -9.65544  1.000 23.89000 ? 150 LYS A CE  1 
ATOM   1157 N  NZ  . LYS A 1 150 ? -16.74468 -19.36743 -10.78986 1.000 23.98000 ? 150 LYS A NZ  1 
ATOM   1158 N  N   . PRO A 1 151 ? -16.51726 -16.12167 -4.00691  1.000 25.00000 ? 151 PRO A N   1 
ATOM   1159 C  CA  . PRO A 1 151 ? -15.16774 -16.08427 -3.45571  1.000 25.25000 ? 151 PRO A CA  1 
ATOM   1160 C  C   . PRO A 1 151 ? -14.21837 -16.94726 -4.29742  1.000 25.92000 ? 151 PRO A C   1 
ATOM   1161 O  O   . PRO A 1 151 ? -14.61098 -18.00216 -4.78032  1.000 26.22000 ? 151 PRO A O   1 
ATOM   1162 C  CB  . PRO A 1 151 ? -15.34217 -16.63468 -2.02910  1.000 25.12000 ? 151 PRO A CB  1 
ATOM   1163 C  CG  . PRO A 1 151 ? -16.58276 -17.49260 -2.10981  1.000 24.90000 ? 151 PRO A CG  1 
ATOM   1164 C  CD  . PRO A 1 151 ? -17.47840 -16.78656 -3.10765  1.000 25.03000 ? 151 PRO A CD  1 
ATOM   1165 N  N   . ALA A 1 152 ? -12.99311 -16.46470 -4.48158  1.000 26.73000 ? 152 ALA A N   1 
ATOM   1166 C  CA  . ALA A 1 152 ? -11.86996 -17.23153 -5.06648  1.000 27.15000 ? 152 ALA A CA  1 
ATOM   1167 C  C   . ALA A 1 152 ? -10.68429 -17.16386 -4.10060  1.000 27.20000 ? 152 ALA A C   1 
ATOM   1168 O  O   . ALA A 1 152 ? -10.50661 -16.10069 -3.48183  1.000 28.51000 ? 152 ALA A O   1 
ATOM   1169 C  CB  . ALA A 1 152 ? -11.54083 -16.66986 -6.42766  1.000 27.30000 ? 152 ALA A CB  1 
ATOM   1170 N  N   . THR A 1 153 ? -9.93745  -18.25601 -3.93896  1.000 26.92000 ? 153 THR A N   1 
ATOM   1171 C  CA  . THR A 1 153 ? -8.68509  -18.29109 -3.13974  1.000 26.64000 ? 153 THR A CA  1 
ATOM   1172 C  C   . THR A 1 153 ? -7.51374  -18.22894 -4.11882  1.000 26.67000 ? 153 THR A C   1 
ATOM   1173 O  O   . THR A 1 153 ? -7.41150  -19.12605 -4.99038  1.000 26.72000 ? 153 THR A O   1 
ATOM   1174 C  CB  . THR A 1 153 ? -8.60290  -19.51302 -2.21906  1.000 26.84000 ? 153 THR A CB  1 
ATOM   1175 O  OG1 . THR A 1 153 ? -9.71853  -19.45988 -1.32928  1.000 26.89000 ? 153 THR A OG1 1 
ATOM   1176 C  CG2 . THR A 1 153 ? -7.32458  -19.55716 -1.40850  1.000 26.81000 ? 153 THR A CG2 1 
ATOM   1177 N  N   . LEU A 1 154 ? -6.69930  -17.17941 -3.99586  1.000 26.15000 ? 154 LEU A N   1 
ATOM   1178 C  CA  . LEU A 1 154 ? -5.52256  -16.93414 -4.85612  1.000 26.29000 ? 154 LEU A CA  1 
ATOM   1179 C  C   . LEU A 1 154 ? -4.38238  -17.83089 -4.36669  1.000 25.97000 ? 154 LEU A C   1 
ATOM   1180 O  O   . LEU A 1 154 ? -4.48870  -18.33771 -3.25461  1.000 25.04000 ? 154 LEU A O   1 
ATOM   1181 C  CB  . LEU A 1 154 ? -5.16513  -15.44693 -4.79462  1.000 26.52000 ? 154 LEU A CB  1 
ATOM   1182 C  CG  . LEU A 1 154 ? -6.30913  -14.49929 -5.17677  1.000 27.03000 ? 154 LEU A CG  1 
ATOM   1183 C  CD1 . LEU A 1 154 ? -5.91647  -13.04782 -4.96426  1.000 27.02000 ? 154 LEU A CD1 1 
ATOM   1184 C  CD2 . LEU A 1 154 ? -6.74999  -14.72076 -6.62372  1.000 27.23000 ? 154 LEU A CD2 1 
ATOM   1185 N  N   . GLU A 1 155 ? -3.35515  -18.00297 -5.20232  1.000 26.23000 ? 155 GLU A N   1 
ATOM   1186 C  CA  . GLU A 1 155 ? -2.14319  -18.82516 -4.94181  1.000 26.55000 ? 155 GLU A CA  1 
ATOM   1187 C  C   . GLU A 1 155 ? -1.44883  -18.35042 -3.65799  1.000 26.32000 ? 155 GLU A C   1 
ATOM   1188 O  O   . GLU A 1 155 ? -0.66613  -19.14436 -3.11754  1.000 26.46000 ? 155 GLU A O   1 
ATOM   1189 C  CB  . GLU A 1 155 ? -1.21140  -18.80280 -6.16507  1.000 26.87000 ? 155 GLU A CB  1 
ATOM   1190 C  CG  . GLU A 1 155 ? -0.54223  -17.46173 -6.43011  1.000 27.27000 ? 155 GLU A CG  1 
ATOM   1191 C  CD  . GLU A 1 155 ? 0.27753   -17.39094 -7.70631  1.000 27.77000 ? 155 GLU A CD  1 
ATOM   1192 O  OE1 . GLU A 1 155 ? 1.40911   -17.92827 -7.72779  1.000 28.66000 ? 155 GLU A OE1 1 
ATOM   1193 O  OE2 . GLU A 1 155 ? -0.21927  -16.80479 -8.68918  1.000 28.34000 ? 155 GLU A OE2 1 
ATOM   1194 N  N   . THR A 1 156 ? -1.73010  -17.12466 -3.18827  1.000 26.22000 ? 156 THR A N   1 
ATOM   1195 C  CA  . THR A 1 156 ? -1.15364  -16.53406 -1.94507  1.000 26.18000 ? 156 THR A CA  1 
ATOM   1196 C  C   . THR A 1 156 ? -1.99894  -16.90977 -0.71871  1.000 25.93000 ? 156 THR A C   1 
ATOM   1197 O  O   . THR A 1 156 ? -1.50055  -16.74367 0.40328   1.000 25.21000 ? 156 THR A O   1 
ATOM   1198 C  CB  . THR A 1 156 ? -0.98555  -15.01288 -2.04568  1.000 26.28000 ? 156 THR A CB  1 
ATOM   1199 O  OG1 . THR A 1 156 ? -2.23898  -14.34537 -1.91573  1.000 26.67000 ? 156 THR A OG1 1 
ATOM   1200 C  CG2 . THR A 1 156 ? -0.36147  -14.58508 -3.35304  1.000 26.58000 ? 156 THR A CG2 1 
ATOM   1201 N  N   . GLY A 1 157 ? -3.22173  -17.40661 -0.92969  1.000 25.82000 ? 157 GLY A N   1 
ATOM   1202 C  CA  . GLY A 1 157 ? -4.18559  -17.70339 0.14010   1.000 25.64000 ? 157 GLY A CA  1 
ATOM   1203 C  C   . GLY A 1 157 ? -5.12223  -16.53650 0.39912   1.000 25.51000 ? 157 GLY A C   1 
ATOM   1204 O  O   . GLY A 1 157 ? -6.07397  -16.71339 1.18482   1.000 25.18000 ? 157 GLY A O   1 
ATOM   1205 N  N   . ALA A 1 158 ? -4.84598  -15.37560 -0.20297  1.000 25.27000 ? 158 ALA A N   1 
ATOM   1206 C  CA  . ALA A 1 158 ? -5.73817  -14.19499 -0.18579  1.000 25.33000 ? 158 ALA A CA  1 
ATOM   1207 C  C   . ALA A 1 158 ? -7.04621  -14.56640 -0.88966  1.000 25.25000 ? 158 ALA A C   1 
ATOM   1208 O  O   . ALA A 1 158 ? -7.01298  -15.35511 -1.82538  1.000 24.73000 ? 158 ALA A O   1 
ATOM   1209 C  CB  . ALA A 1 158 ? -5.07313  -13.01220 -0.84805  1.000 25.15000 ? 158 ALA A CB  1 
ATOM   1210 N  N   . GLU A 1 159 ? -8.16194  -14.01098 -0.43111  1.000 26.13000 ? 159 GLU A N   1 
ATOM   1211 C  CA  . GLU A 1 159 ? -9.50446  -14.26764 -1.00705  1.000 26.64000 ? 159 GLU A CA  1 
ATOM   1212 C  C   . GLU A 1 159 ? -10.01148 -12.96128 -1.61659  1.000 26.33000 ? 159 GLU A C   1 
ATOM   1213 O  O   . GLU A 1 159 ? -9.82584  -11.91165 -0.97954  1.000 26.15000 ? 159 GLU A O   1 
ATOM   1214 C  CB  . GLU A 1 159 ? -10.45284 -14.81209 0.06560   1.000 26.86000 ? 159 GLU A CB  1 
ATOM   1215 C  CG  . GLU A 1 159 ? -11.89022 -14.93187 -0.41229  1.000 27.46000 ? 159 GLU A CG  1 
ATOM   1216 C  CD  . GLU A 1 159 ? -12.83299 -15.56156 0.60219   1.000 27.85000 ? 159 GLU A CD  1 
ATOM   1217 O  OE1 . GLU A 1 159 ? -12.60831 -16.75450 0.95731   1.000 27.98000 ? 159 GLU A OE1 1 
ATOM   1218 O  OE2 . GLU A 1 159 ? -13.77406 -14.85552 1.06133   1.000 28.01000 ? 159 GLU A OE2 1 
ATOM   1219 N  N   . ILE A 1 160 ? -10.62037 -13.04004 -2.80139  1.000 26.22000 ? 160 ILE A N   1 
ATOM   1220 C  CA  . ILE A 1 160 ? -11.34736 -11.90668 -3.44313  1.000 25.76000 ? 160 ILE A CA  1 
ATOM   1221 C  C   . ILE A 1 160 ? -12.64668 -12.42202 -4.05540  1.000 25.24000 ? 160 ILE A C   1 
ATOM   1222 O  O   . ILE A 1 160 ? -12.79363 -13.66052 -4.24727  1.000 25.29000 ? 160 ILE A O   1 
ATOM   1223 C  CB  . ILE A 1 160 ? -10.46809 -11.21236 -4.49449  1.000 25.74000 ? 160 ILE A CB  1 
ATOM   1224 C  CG1 . ILE A 1 160 ? -10.06721 -12.17749 -5.61027  1.000 26.23000 ? 160 ILE A CG1 1 
ATOM   1225 C  CG2 . ILE A 1 160 ? -9.25774  -10.59279 -3.82621  1.000 25.60000 ? 160 ILE A CG2 1 
ATOM   1226 C  CD1 . ILE A 1 160 ? -9.73708  -11.51501 -6.92126  1.000 26.48000 ? 160 ILE A CD1 1 
ATOM   1227 N  N   . GLN A 1 161 ? -13.54773 -11.48966 -4.35404  1.000 24.54000 ? 161 GLN A N   1 
ATOM   1228 C  CA  . GLN A 1 161 ? -14.79496 -11.76761 -5.10318  1.000 24.10000 ? 161 GLN A CA  1 
ATOM   1229 C  C   . GLN A 1 161 ? -14.46811 -11.68271 -6.59445  1.000 23.74000 ? 161 GLN A C   1 
ATOM   1230 O  O   . GLN A 1 161 ? -13.71141 -10.76311 -7.00700  1.000 23.23000 ? 161 GLN A O   1 
ATOM   1231 C  CB  . GLN A 1 161 ? -15.91706 -10.83978 -4.62573  1.000 23.89000 ? 161 GLN A CB  1 
ATOM   1232 C  CG  . GLN A 1 161 ? -16.38619 -11.13538 -3.20442  1.000 23.64000 ? 161 GLN A CG  1 
ATOM   1233 C  CD  . GLN A 1 161 ? -17.12875 -12.44813 -3.11829  1.000 23.61000 ? 161 GLN A CD  1 
ATOM   1234 O  OE1 . GLN A 1 161 ? -17.96537 -12.74432 -3.96023  1.000 23.71000 ? 161 GLN A OE1 1 
ATOM   1235 N  NE2 . GLN A 1 161 ? -16.82949 -13.24829 -2.10388  1.000 23.14000 ? 161 GLN A NE2 1 
ATOM   1236 N  N   . VAL A 1 162 ? -14.96617 -12.65604 -7.35498  1.000 23.44000 ? 162 VAL A N   1 
ATOM   1237 C  CA  . VAL A 1 162 ? -14.70362 -12.79149 -8.81481  1.000 23.62000 ? 162 VAL A CA  1 
ATOM   1238 C  C   . VAL A 1 162 ? -16.03362 -13.04801 -9.50514  1.000 23.81000 ? 162 VAL A C   1 
ATOM   1239 O  O   . VAL A 1 162 ? -16.94808 -13.57481 -8.88370  1.000 23.71000 ? 162 VAL A O   1 
ATOM   1240 C  CB  . VAL A 1 162 ? -13.69913 -13.92761 -9.09278  1.000 23.40000 ? 162 VAL A CB  1 
ATOM   1241 C  CG1 . VAL A 1 162 ? -12.39502 -13.69969 -8.35228  1.000 23.35000 ? 162 VAL A CG1 1 
ATOM   1242 C  CG2 . VAL A 1 162 ? -14.26598 -15.30669 -8.76498  1.000 23.35000 ? 162 VAL A CG2 1 
ATOM   1243 N  N   . PRO A 1 163 ? -16.15980 -12.73937 -10.81303 1.000 24.47000 ? 163 PRO A N   1 
ATOM   1244 C  CA  . PRO A 1 163 ? -17.38770 -13.03117 -11.55351 1.000 24.74000 ? 163 PRO A CA  1 
ATOM   1245 C  C   . PRO A 1 163 ? -17.49899 -14.55443 -11.71607 1.000 25.25000 ? 163 PRO A C   1 
ATOM   1246 O  O   . PRO A 1 163 ? -16.51200 -15.24498 -11.49219 1.000 25.39000 ? 163 PRO A O   1 
ATOM   1247 C  CB  . PRO A 1 163 ? -17.21171 -12.27260 -12.87610 1.000 24.54000 ? 163 PRO A CB  1 
ATOM   1248 C  CG  . PRO A 1 163 ? -15.72239 -12.16747 -13.05114 1.000 24.61000 ? 163 PRO A CG  1 
ATOM   1249 C  CD  . PRO A 1 163 ? -15.13710 -12.10199 -11.65371 1.000 24.50000 ? 163 PRO A CD  1 
ATOM   1250 N  N   . LEU A 1 164 ? -18.69052 -15.04700 -12.05821 1.000 25.59000 ? 164 LEU A N   1 
ATOM   1251 C  CA  . LEU A 1 164 ? -19.05969 -16.48506 -11.92779 1.000 26.04000 ? 164 LEU A CA  1 
ATOM   1252 C  C   . LEU A 1 164 ? -18.31783 -17.35749 -12.95279 1.000 26.11000 ? 164 LEU A C   1 
ATOM   1253 O  O   . LEU A 1 164 ? -18.18717 -18.56216 -12.69393 1.000 25.59000 ? 164 LEU A O   1 
ATOM   1254 C  CB  . LEU A 1 164 ? -20.57612 -16.61355 -12.06597 1.000 26.25000 ? 164 LEU A CB  1 
ATOM   1255 C  CG  . LEU A 1 164 ? -21.37115 -15.95750 -10.93893 1.000 26.75000 ? 164 LEU A CG  1 
ATOM   1256 C  CD1 . LEU A 1 164 ? -22.84703 -16.29556 -11.06481 1.000 26.80000 ? 164 LEU A CD1 1 
ATOM   1257 C  CD2 . LEU A 1 164 ? -20.83107 -16.35757 -9.56162  1.000 26.62000 ? 164 LEU A CD2 1 
ATOM   1258 N  N   . PHE A 1 165 ? -17.81979 -16.77065 -14.04775 1.000 26.28000 ? 165 PHE A N   1 
ATOM   1259 C  CA  . PHE A 1 165 ? -17.21601 -17.49889 -15.19096 1.000 26.57000 ? 165 PHE A CA  1 
ATOM   1260 C  C   . PHE A 1 165 ? -15.76879 -17.92164 -14.86270 1.000 26.68000 ? 165 PHE A C   1 
ATOM   1261 O  O   . PHE A 1 165 ? -15.20684 -18.76571 -15.57840 1.000 26.26000 ? 165 PHE A O   1 
ATOM   1262 C  CB  . PHE A 1 165 ? -17.32833 -16.63190 -16.44354 1.000 26.95000 ? 165 PHE A CB  1 
ATOM   1263 C  CG  . PHE A 1 165 ? -16.41450 -15.43095 -16.48087 1.000 27.54000 ? 165 PHE A CG  1 
ATOM   1264 C  CD1 . PHE A 1 165 ? -15.06467 -15.57660 -16.77755 1.000 27.63000 ? 165 PHE A CD1 1 
ATOM   1265 C  CD2 . PHE A 1 165 ? -16.90755 -14.14601 -16.28148 1.000 27.59000 ? 165 PHE A CD2 1 
ATOM   1266 C  CE1 . PHE A 1 165 ? -14.22689 -14.46941 -16.84625 1.000 28.09000 ? 165 PHE A CE1 1 
ATOM   1267 C  CE2 . PHE A 1 165 ? -16.06510 -13.04329 -16.34814 1.000 27.81000 ? 165 PHE A CE2 1 
ATOM   1268 C  CZ  . PHE A 1 165 ? -14.72255 -13.20638 -16.61584 1.000 27.80000 ? 165 PHE A CZ  1 
ATOM   1269 N  N   . ILE A 1 166 ? -15.17361 -17.36855 -13.80283 1.000 26.84000 ? 166 ILE A N   1 
ATOM   1270 C  CA  . ILE A 1 166 ? -13.77888 -17.68868 -13.38008 1.000 27.00000 ? 166 ILE A CA  1 
ATOM   1271 C  C   . ILE A 1 166 ? -13.68107 -19.15586 -12.92651 1.000 26.88000 ? 166 ILE A C   1 
ATOM   1272 O  O   . ILE A 1 166 ? -14.63403 -19.66947 -12.30997 1.000 27.31000 ? 166 ILE A O   1 
ATOM   1273 C  CB  . ILE A 1 166 ? -13.29414 -16.70786 -12.30040 1.000 27.14000 ? 166 ILE A CB  1 
ATOM   1274 C  CG1 . ILE A 1 166 ? -13.27555 -15.26140 -12.80986 1.000 27.01000 ? 166 ILE A CG1 1 
ATOM   1275 C  CG2 . ILE A 1 166 ? -11.92347 -17.13183 -11.78186 1.000 28.08000 ? 166 ILE A CG2 1 
ATOM   1276 C  CD1 . ILE A 1 166 ? -12.47831 -15.02805 -14.08244 1.000 26.55000 ? 166 ILE A CD1 1 
ATOM   1277 N  N   . GLU A 1 167 ? -12.56900 -19.80929 -13.25796 1.000 26.67000 ? 167 GLU A N   1 
ATOM   1278 C  CA  . GLU A 1 167 ? -12.28947 -21.22539 -12.90456 1.000 26.79000 ? 167 GLU A CA  1 
ATOM   1279 C  C   . GLU A 1 167 ? -10.95287 -21.30854 -12.17057 1.000 25.61000 ? 167 GLU A C   1 
ATOM   1280 O  O   . GLU A 1 167 ? -10.07032 -20.44345 -12.39454 1.000 24.74000 ? 167 GLU A O   1 
ATOM   1281 C  CB  . GLU A 1 167 ? -12.27257 -22.09636 -14.15739 1.000 27.89000 ? 167 GLU A CB  1 
ATOM   1282 C  CG  . GLU A 1 167 ? -13.65401 -22.22921 -14.77181 1.000 29.22000 ? 167 GLU A CG  1 
ATOM   1283 C  CD  . GLU A 1 167 ? -13.74262 -23.06835 -16.03565 1.000 30.65000 ? 167 GLU A CD  1 
ATOM   1284 O  OE1 . GLU A 1 167 ? -12.70385 -23.18235 -16.74465 1.000 31.43000 ? 167 GLU A OE1 1 
ATOM   1285 O  OE2 . GLU A 1 167 ? -14.86078 -23.61401 -16.31019 1.000 31.83000 ? 167 GLU A OE2 1 
ATOM   1286 N  N   . THR A 1 168 ? -10.83026 -22.29991 -11.29836 1.000 24.34000 ? 168 THR A N   1 
ATOM   1287 C  CA  . THR A 1 168 ? -9.54374  -22.70683 -10.69111 1.000 23.68000 ? 168 THR A CA  1 
ATOM   1288 C  C   . THR A 1 168 ? -8.48323  -22.68137 -11.79592 1.000 23.52000 ? 168 THR A C   1 
ATOM   1289 O  O   . THR A 1 168 ? -8.80315  -23.09620 -12.92762 1.000 22.97000 ? 168 THR A O   1 
ATOM   1290 C  CB  . THR A 1 168 ? -9.71064  -24.07421 -10.02056 1.000 23.11000 ? 168 THR A CB  1 
ATOM   1291 O  OG1 . THR A 1 168 ? -10.68572 -23.82316 -9.01130  1.000 22.81000 ? 168 THR A OG1 1 
ATOM   1292 C  CG2 . THR A 1 168 ? -8.43333  -24.64589 -9.44124  1.000 22.82000 ? 168 THR A CG2 1 
ATOM   1293 N  N   . GLY A 1 169 ? -7.29369  -22.15580 -11.49216 1.000 23.71000 ? 169 GLY A N   1 
ATOM   1294 C  CA  . GLY A 1 169 ? -6.15644  -22.12151 -12.43007 1.000 23.97000 ? 169 GLY A CA  1 
ATOM   1295 C  C   . GLY A 1 169 ? -6.12737  -20.87178 -13.29856 1.000 24.01000 ? 169 GLY A C   1 
ATOM   1296 O  O   . GLY A 1 169 ? -5.06744  -20.60780 -13.88344 1.000 24.26000 ? 169 GLY A O   1 
ATOM   1297 N  N   . ASN A 1 170 ? -7.23838  -20.13930 -13.41620 1.000 24.17000 ? 170 ASN A N   1 
ATOM   1298 C  CA  . ASN A 1 170 ? -7.27887  -18.83644 -14.12713 1.000 24.30000 ? 170 ASN A CA  1 
ATOM   1299 C  C   . ASN A 1 170 ? -6.23830  -17.90477 -13.49242 1.000 24.82000 ? 170 ASN A C   1 
ATOM   1300 O  O   . ASN A 1 170 ? -6.05604  -17.97293 -12.26782 1.000 25.37000 ? 170 ASN A O   1 
ATOM   1301 C  CB  . ASN A 1 170 ? -8.64952  -18.15347 -14.06639 1.000 23.99000 ? 170 ASN A CB  1 
ATOM   1302 C  CG  . ASN A 1 170 ? -9.69067  -18.73811 -14.99928 1.000 23.83000 ? 170 ASN A CG  1 
ATOM   1303 O  OD1 . ASN A 1 170 ? -10.80951 -18.21293 -15.09317 1.000 23.15000 ? 170 ASN A OD1 1 
ATOM   1304 N  ND2 . ASN A 1 170 ? -9.34277  -19.81916 -15.67881 1.000 23.23000 ? 170 ASN A ND2 1 
ATOM   1305 N  N   . VAL A 1 171 ? -5.58493  -17.06488 -14.29181 1.000 25.05000 ? 171 VAL A N   1 
ATOM   1306 C  CA  . VAL A 1 171 ? -4.74075  -15.95435 -13.77450 1.000 25.48000 ? 171 VAL A CA  1 
ATOM   1307 C  C   . VAL A 1 171 ? -5.53689  -14.65332 -13.90732 1.000 25.83000 ? 171 VAL A C   1 
ATOM   1308 O  O   . VAL A 1 171 ? -5.86617  -14.27844 -15.04050 1.000 26.19000 ? 171 VAL A O   1 
ATOM   1309 C  CB  . VAL A 1 171 ? -3.38462  -15.91034 -14.49170 1.000 25.40000 ? 171 VAL A CB  1 
ATOM   1310 C  CG1 . VAL A 1 171 ? -2.53895  -14.72895 -14.04762 1.000 25.52000 ? 171 VAL A CG1 1 
ATOM   1311 C  CG2 . VAL A 1 171 ? -2.63091  -17.21566 -14.28665 1.000 25.69000 ? 171 VAL A CG2 1 
ATOM   1312 N  N   . LEU A 1 172 ? -5.85735  -14.04056 -12.76549 1.000 26.04000 ? 172 LEU A N   1 
ATOM   1313 C  CA  . LEU A 1 172 ? -6.63916  -12.78613 -12.64111 1.000 26.24000 ? 172 LEU A CA  1 
ATOM   1314 C  C   . LEU A 1 172 ? -5.67771  -11.61285 -12.43252 1.000 26.69000 ? 172 LEU A C   1 
ATOM   1315 O  O   . LEU A 1 172 ? -4.59502  -11.80851 -11.84113 1.000 26.96000 ? 172 LEU A O   1 
ATOM   1316 C  CB  . LEU A 1 172 ? -7.60287  -12.89363 -11.45545 1.000 26.36000 ? 172 LEU A CB  1 
ATOM   1317 C  CG  . LEU A 1 172 ? -8.44434  -14.17660 -11.35531 1.000 26.42000 ? 172 LEU A CG  1 
ATOM   1318 C  CD1 . LEU A 1 172 ? -9.50756  -14.03256 -10.29628 1.000 26.14000 ? 172 LEU A CD1 1 
ATOM   1319 C  CD2 . LEU A 1 172 ? -9.10907  -14.54421 -12.67318 1.000 26.64000 ? 172 LEU A CD2 1 
ATOM   1320 N  N   . LYS A 1 173 ? -6.06832  -10.43164 -12.90841 1.000 26.59000 ? 173 LYS A N   1 
ATOM   1321 C  CA  . LYS A 1 173 ? -5.47870  -9.13617  -12.48193 1.000 26.52000 ? 173 LYS A CA  1 
ATOM   1322 C  C   . LYS A 1 173 ? -6.28630  -8.63770  -11.28664 1.000 26.12000 ? 173 LYS A C   1 
ATOM   1323 O  O   . LYS A 1 173 ? -7.53777  -8.68413  -11.33424 1.000 25.28000 ? 173 LYS A O   1 
ATOM   1324 C  CB  . LYS A 1 173 ? -5.46567  -8.11914  -13.62443 1.000 26.32000 ? 173 LYS A CB  1 
ATOM   1325 C  CG  . LYS A 1 173 ? -4.67707  -8.55025  -14.85210 1.000 26.43000 ? 173 LYS A CG  1 
ATOM   1326 C  CD  . LYS A 1 173 ? -4.46839  -7.40870  -15.84061 1.000 26.60000 ? 173 LYS A CD  1 
ATOM   1327 C  CE  . LYS A 1 173 ? -3.40640  -7.68729  -16.87219 1.000 26.35000 ? 173 LYS A CE  1 
ATOM   1328 N  NZ  . LYS A 1 173 ? -2.06146  -7.69495  -16.26161 1.000 26.56000 ? 173 LYS A NZ  1 
ATOM   1329 N  N   . VAL A 1 174 ? -5.56214  -8.19791  -10.25805 1.000 26.49000 ? 174 VAL A N   1 
ATOM   1330 C  CA  . VAL A 1 174 ? -6.09239  -7.85540  -8.90803  1.000 26.50000 ? 174 VAL A CA  1 
ATOM   1331 C  C   . VAL A 1 174 ? -5.59202  -6.46204  -8.50268  1.000 26.47000 ? 174 VAL A C   1 
ATOM   1332 O  O   . VAL A 1 174 ? -4.36688  -6.22814  -8.54962  1.000 26.19000 ? 174 VAL A O   1 
ATOM   1333 C  CB  . VAL A 1 174 ? -5.66802  -8.92993  -7.89021  1.000 26.59000 ? 174 VAL A CB  1 
ATOM   1334 C  CG1 . VAL A 1 174 ? -6.06114  -8.55529  -6.46713  1.000 26.73000 ? 174 VAL A CG1 1 
ATOM   1335 C  CG2 . VAL A 1 174 ? -6.21863  -10.29818 -8.26701  1.000 26.55000 ? 174 VAL A CG2 1 
ATOM   1336 N  N   . ASP A 1 175 ? -6.51259  -5.58712  -8.08254  1.000 26.43000 ? 175 ASP A N   1 
ATOM   1337 C  CA  . ASP A 1 175 ? -6.19794  -4.25024  -7.51681  1.000 26.08000 ? 175 ASP A CA  1 
ATOM   1338 C  C   . ASP A 1 175 ? -5.72652  -4.41598  -6.06728  1.000 26.09000 ? 175 ASP A C   1 
ATOM   1339 O  O   . ASP A 1 175 ? -6.54267  -4.82857  -5.22613  1.000 26.27000 ? 175 ASP A O   1 
ATOM   1340 C  CB  . ASP A 1 175 ? -7.41241  -3.32690  -7.60636  1.000 25.92000 ? 175 ASP A CB  1 
ATOM   1341 C  CG  . ASP A 1 175 ? -7.09010  -1.87734  -7.28072  1.000 25.58000 ? 175 ASP A CG  1 
ATOM   1342 O  OD1 . ASP A 1 175 ? -5.99445  -1.63015  -6.72018  1.000 25.13000 ? 175 ASP A OD1 1 
ATOM   1343 O  OD2 . ASP A 1 175 ? -7.93609  -1.01327  -7.59006  1.000 25.02000 ? 175 ASP A OD2 1 
ATOM   1344 N  N   . THR A 1 176 ? -4.46018  -4.09826  -5.77857  1.000 26.05000 ? 176 THR A N   1 
ATOM   1345 C  CA  . THR A 1 176 ? -3.82838  -4.31103  -4.44253  1.000 25.87000 ? 176 THR A CA  1 
ATOM   1346 C  C   . THR A 1 176 ? -4.28190  -3.22066  -3.45924  1.000 26.04000 ? 176 THR A C   1 
ATOM   1347 O  O   . THR A 1 176 ? -4.10009  -3.41071  -2.24108  1.000 25.75000 ? 176 THR A O   1 
ATOM   1348 C  CB  . THR A 1 176 ? -2.30010  -4.41835  -4.56370  1.000 25.84000 ? 176 THR A CB  1 
ATOM   1349 O  OG1 . THR A 1 176 ? -1.71898  -3.23236  -5.11271  1.000 25.13000 ? 176 THR A OG1 1 
ATOM   1350 C  CG2 . THR A 1 176 ? -1.89302  -5.58900  -5.43354  1.000 25.88000 ? 176 THR A CG2 1 
ATOM   1351 N  N   . ARG A 1 177 ? -4.86508  -2.12500  -3.95552  1.000 26.19000 ? 177 ARG A N   1 
ATOM   1352 C  CA  . ARG A 1 177 ? -5.29295  -0.98201  -3.10465  1.000 26.12000 ? 177 ARG A CA  1 
ATOM   1353 C  C   . ARG A 1 177 ? -6.50167  -1.38678  -2.26200  1.000 26.03000 ? 177 ARG A C   1 
ATOM   1354 O  O   . ARG A 1 177 ? -6.67705  -0.79903  -1.20124  1.000 26.00000 ? 177 ARG A O   1 
ATOM   1355 C  CB  . ARG A 1 177 ? -5.65067  0.24809   -3.94061  1.000 25.94000 ? 177 ARG A CB  1 
ATOM   1356 C  CG  . ARG A 1 177 ? -4.46479  0.88497   -4.64869  1.000 25.89000 ? 177 ARG A CG  1 
ATOM   1357 C  CD  . ARG A 1 177 ? -4.92829  1.93828   -5.63411  1.000 25.95000 ? 177 ARG A CD  1 
ATOM   1358 N  NE  . ARG A 1 177 ? -5.78053  1.36165   -6.67024  1.000 26.11000 ? 177 ARG A NE  1 
ATOM   1359 C  CZ  . ARG A 1 177 ? -6.25148  2.00875   -7.73527  1.000 26.24000 ? 177 ARG A CZ  1 
ATOM   1360 N  NH1 . ARG A 1 177 ? -5.96405  3.28485   -7.94099  1.000 26.37000 ? 177 ARG A NH1 1 
ATOM   1361 N  NH2 . ARG A 1 177 ? -6.99365  1.36488   -8.61435  1.000 26.25000 ? 177 ARG A NH2 1 
ATOM   1362 N  N   . ASP A 1 178 ? -7.32398  -2.32438  -2.72859  1.000 26.08000 ? 178 ASP A N   1 
ATOM   1363 C  CA  . ASP A 1 178 ? -8.55805  -2.71177  -2.00471  1.000 26.19000 ? 178 ASP A CA  1 
ATOM   1364 C  C   . ASP A 1 178 ? -8.93147  -4.17286  -2.28156  1.000 26.78000 ? 178 ASP A C   1 
ATOM   1365 O  O   . ASP A 1 178 ? -10.10280 -4.52665  -2.01644  1.000 27.51000 ? 178 ASP A O   1 
ATOM   1366 C  CB  . ASP A 1 178 ? -9.69610  -1.74933  -2.36307  1.000 25.82000 ? 178 ASP A CB  1 
ATOM   1367 C  CG  . ASP A 1 178 ? -10.14348 -1.82536  -3.81053  1.000 25.70000 ? 178 ASP A CG  1 
ATOM   1368 O  OD1 . ASP A 1 178 ? -9.53813  -2.59618  -4.58527  1.000 25.49000 ? 178 ASP A OD1 1 
ATOM   1369 O  OD2 . ASP A 1 178 ? -11.10439 -1.12175  -4.15056  1.000 25.69000 ? 178 ASP A OD2 1 
ATOM   1370 N  N   . GLY A 1 179 ? -8.00164  -4.97967  -2.79780  1.000 27.14000 ? 179 GLY A N   1 
ATOM   1371 C  CA  . GLY A 1 179 ? -8.18783  -6.42495  -3.04442  1.000 27.64000 ? 179 GLY A CA  1 
ATOM   1372 C  C   . GLY A 1 179 ? -9.37541  -6.71814  -3.94288  1.000 27.99000 ? 179 GLY A C   1 
ATOM   1373 O  O   . GLY A 1 179 ? -10.15496 -7.62228  -3.61043  1.000 27.94000 ? 179 GLY A O   1 
ATOM   1374 N  N   . SER A 1 180 ? -9.50403  -5.99585  -5.05743  1.000 28.63000 ? 180 SER A N   1 
ATOM   1375 C  CA  . SER A 1 180 ? -10.66620 -6.08634  -5.97907  1.000 29.01000 ? 180 SER A CA  1 
ATOM   1376 C  C   . SER A 1 180 ? -10.23374 -6.75173  -7.27904  1.000 29.29000 ? 180 SER A C   1 
ATOM   1377 O  O   . SER A 1 180 ? -9.10727  -6.49841  -7.74440  1.000 30.03000 ? 180 SER A O   1 
ATOM   1378 C  CB  . SER A 1 180 ? -11.30096 -4.74753  -6.23536  1.000 29.26000 ? 180 SER A CB  1 
ATOM   1379 O  OG  . SER A 1 180 ? -10.33863 -3.78054  -6.63377  1.000 29.73000 ? 180 SER A OG  1 
ATOM   1380 N  N   . TYR A 1 181 ? -11.10816 -7.60015  -7.81611  1.000 28.87000 ? 181 TYR A N   1 
ATOM   1381 C  CA  . TYR A 1 181 ? -10.98736 -8.17337  -9.17350  1.000 28.03000 ? 181 TYR A CA  1 
ATOM   1382 C  C   . TYR A 1 181 ? -10.89016 -7.03987  -10.18851 1.000 27.50000 ? 181 TYR A C   1 
ATOM   1383 O  O   . TYR A 1 181 ? -11.73415 -6.15786  -10.12705 1.000 27.82000 ? 181 TYR A O   1 
ATOM   1384 C  CB  . TYR A 1 181 ? -12.21145 -9.02372  -9.49061  1.000 27.56000 ? 181 TYR A CB  1 
ATOM   1385 C  CG  . TYR A 1 181 ? -12.23151 -9.62452  -10.87106 1.000 27.33000 ? 181 TYR A CG  1 
ATOM   1386 C  CD1 . TYR A 1 181 ? -11.47442 -10.75412 -11.16299 1.000 26.73000 ? 181 TYR A CD1 1 
ATOM   1387 C  CD2 . TYR A 1 181 ? -13.04247 -9.09148  -11.87019 1.000 26.65000 ? 181 TYR A CD2 1 
ATOM   1388 C  CE1 . TYR A 1 181 ? -11.51563 -11.34230 -12.41558 1.000 26.54000 ? 181 TYR A CE1 1 
ATOM   1389 C  CE2 . TYR A 1 181 ? -13.09592 -9.67130  -13.12837 1.000 26.65000 ? 181 TYR A CE2 1 
ATOM   1390 C  CZ  . TYR A 1 181 ? -12.33330 -10.80242 -13.39802 1.000 26.83000 ? 181 TYR A CZ  1 
ATOM   1391 O  OH  . TYR A 1 181 ? -12.39082 -11.38762 -14.62872 1.000 27.21000 ? 181 TYR A OH  1 
ATOM   1392 N  N   . LEU A 1 182 ? -9.91547  -7.10104  -11.09357 1.000 27.76000 ? 182 LEU A N   1 
ATOM   1393 C  CA  . LEU A 1 182 ? -9.85003  -6.23001  -12.30135 1.000 27.64000 ? 182 LEU A CA  1 
ATOM   1394 C  C   . LEU A 1 182 ? -10.29536 -7.03463  -13.52502 1.000 27.62000 ? 182 LEU A C   1 
ATOM   1395 O  O   . LEU A 1 182 ? -11.31048 -6.66991  -14.12658 1.000 27.33000 ? 182 LEU A O   1 
ATOM   1396 C  CB  . LEU A 1 182 ? -8.42888  -5.68303  -12.46465 1.000 27.38000 ? 182 LEU A CB  1 
ATOM   1397 C  CG  . LEU A 1 182 ? -7.96324  -4.77768  -11.32716 1.000 27.50000 ? 182 LEU A CG  1 
ATOM   1398 C  CD1 . LEU A 1 182 ? -6.46742  -4.53305  -11.40563 1.000 27.65000 ? 182 LEU A CD1 1 
ATOM   1399 C  CD2 . LEU A 1 182 ? -8.72485  -3.46121  -11.33635 1.000 27.16000 ? 182 LEU A CD2 1 
ATOM   1400 N  N   . SER A 1 183 ? -9.57418  -8.10051  -13.88085 1.000 27.66000 ? 183 SER A N   1 
ATOM   1401 C  CA  . SER A 1 183 ? -9.81373  -8.82247  -15.15862 1.000 27.46000 ? 183 SER A CA  1 
ATOM   1402 C  C   . SER A 1 183 ? -9.13880  -10.18919 -15.15957 1.000 26.93000 ? 183 SER A C   1 
ATOM   1403 O  O   . SER A 1 183 ? -8.23382  -10.41576 -14.34348 1.000 27.22000 ? 183 SER A O   1 
ATOM   1404 C  CB  . SER A 1 183 ? -9.32018  -7.99024  -16.33286 1.000 27.31000 ? 183 SER A CB  1 
ATOM   1405 O  OG  . SER A 1 183 ? -7.90186  -8.02037  -16.40042 1.000 26.76000 ? 183 SER A OG  1 
ATOM   1406 N  N   . ARG A 1 184 ? -9.52731  -11.03818 -16.10375 1.000 26.57000 ? 184 ARG A N   1 
ATOM   1407 C  CA  . ARG A 1 184 ? -8.82196  -12.31198 -16.37313 1.000 26.45000 ? 184 ARG A CA  1 
ATOM   1408 C  C   . ARG A 1 184 ? -7.79673  -12.09168 -17.49006 1.000 26.85000 ? 184 ARG A C   1 
ATOM   1409 O  O   . ARG A 1 184 ? -8.17530  -11.60077 -18.57146 1.000 25.12000 ? 184 ARG A O   1 
ATOM   1410 C  CB  . ARG A 1 184 ? -9.79157  -13.43601 -16.73279 1.000 25.55000 ? 184 ARG A CB  1 
ATOM   1411 C  CG  . ARG A 1 184 ? -9.08403  -14.70608 -17.17585 1.000 24.88000 ? 184 ARG A CG  1 
ATOM   1412 C  CD  . ARG A 1 184 ? -10.00531 -15.89240 -17.08733 1.000 24.38000 ? 184 ARG A CD  1 
ATOM   1413 N  NE  . ARG A 1 184 ? -10.89009 -15.96651 -18.22868 1.000 23.97000 ? 184 ARG A NE  1 
ATOM   1414 C  CZ  . ARG A 1 184 ? -11.76376 -16.93873 -18.44416 1.000 24.06000 ? 184 ARG A CZ  1 
ATOM   1415 N  NH1 . ARG A 1 184 ? -11.89239 -17.94056 -17.58002 1.000 23.85000 ? 184 ARG A NH1 1 
ATOM   1416 N  NH2 . ARG A 1 184 ? -12.49999 -16.90668 -19.54206 1.000 24.14000 ? 184 ARG A NH2 1 
ATOM   1417 N  N   . VAL A 1 185 ? -6.54728  -12.46845 -17.19169 1.000 27.96000 ? 185 VAL A N   1 
ATOM   1418 C  CA  . VAL A 1 185 ? -5.42593  -12.64024 -18.15337 1.000 29.03000 ? 185 VAL A CA  1 
ATOM   1419 C  C   . VAL A 1 185 ? -5.78741  -13.80849 -19.07220 1.000 29.82000 ? 185 VAL A C   1 
ATOM   1420 O  O   . VAL A 1 185 ? -6.19857  -14.86291 -18.54185 1.000 30.18000 ? 185 VAL A O   1 
ATOM   1421 C  CB  . VAL A 1 185 ? -4.10342  -12.91981 -17.40891 1.000 29.45000 ? 185 VAL A CB  1 
ATOM   1422 C  CG1 . VAL A 1 185 ? -2.94542  -13.12834 -18.37093 1.000 29.54000 ? 185 VAL A CG1 1 
ATOM   1423 C  CG2 . VAL A 1 185 ? -3.77503  -11.83675 -16.39154 1.000 29.51000 ? 185 VAL A CG2 1 
ATOM   1424 N  N   . ASN A 1 186 ? -5.61461  -13.63205 -20.38246 1.000 30.95000 ? 186 ASN A N   1 
ATOM   1425 C  CA  . ASN A 1 186 ? -5.79958  -14.68894 -21.40933 1.000 31.78000 ? 186 ASN A CA  1 
ATOM   1426 C  C   . ASN A 1 186 ? -4.45012  -15.35984 -21.70825 1.000 33.31000 ? 186 ASN A C   1 
ATOM   1427 O  O   . ASN A 1 186 ? -3.41554  -14.68161 -21.57338 1.000 33.21000 ? 186 ASN A O   1 
ATOM   1428 C  CB  . ASN A 1 186 ? -6.43634  -14.09484 -22.66492 1.000 31.24000 ? 186 ASN A CB  1 
ATOM   1429 C  CG  . ASN A 1 186 ? -7.82879  -13.56854 -22.39535 1.000 30.76000 ? 186 ASN A CG  1 
ATOM   1430 O  OD1 . ASN A 1 186 ? -8.70985  -14.31705 -21.98302 1.000 30.53000 ? 186 ASN A OD1 1 
ATOM   1431 N  ND2 . ASN A 1 186 ? -8.02914  -12.28228 -22.60574 1.000 29.98000 ? 186 ASN A ND2 1 
ATOM   1432 N  N   . ASN A 1 187 ? -4.47391  -16.64140 -22.10409 1.000 35.26000 ? 187 ASN A N   1 
ATOM   1433 C  CA  . ASN A 1 187 ? -3.31085  -17.39400 -22.66047 1.000 36.39000 ? 187 ASN A CA  1 
ATOM   1434 C  C   . ASN A 1 187 ? -2.78003  -16.65182 -23.89462 1.000 36.63000 ? 187 ASN A C   1 
ATOM   1435 O  O   . ASN A 1 187 ? -1.71070  -16.04259 -23.84919 1.000 37.37000 ? 187 ASN A O   1 
ATOM   1436 C  CB  . ASN A 1 187 ? -3.66804  -18.83778 -23.03970 1.000 37.16000 ? 187 ASN A CB  1 
ATOM   1437 C  CG  . ASN A 1 187 ? -4.46136  -19.56662 -21.97270 1.000 38.04000 ? 187 ASN A CG  1 
ATOM   1438 O  OD1 . ASN A 1 187 ? -5.60400  -19.96650 -22.20133 1.000 38.33000 ? 187 ASN A OD1 1 
ATOM   1439 N  ND2 . ASN A 1 187 ? -3.87549  -19.72432 -20.79578 1.000 38.45000 ? 187 ASN A ND2 1 
HETATM 1440 C  C   . ACT B 2 .   ? -11.39535 -4.26466  -16.70140 1.000 79.54000 ? 201 ACT A C   1 
HETATM 1441 O  O   . ACT B 2 .   ? -10.44788 -3.72824  -16.08328 1.000 78.52000 ? 201 ACT A O   1 
HETATM 1442 O  OXT . ACT B 2 .   ? -11.56526 -5.49294  -16.79062 1.000 79.91000 ? 201 ACT A OXT 1 
HETATM 1443 C  CH3 . ACT B 2 .   ? -12.40713 -3.36587  -17.39769 1.000 79.22000 ? 201 ACT A CH3 1 
HETATM 1444 C  C   . ACT C 2 .   ? 5.23702   -14.25624 8.63938   1.000 77.08000 ? 202 ACT A C   1 
HETATM 1445 O  O   . ACT C 2 .   ? 6.37033   -13.75758 8.75673   1.000 77.80000 ? 202 ACT A O   1 
HETATM 1446 O  OXT . ACT C 2 .   ? 4.86544   -15.27738 9.24678   1.000 79.49000 ? 202 ACT A OXT 1 
HETATM 1447 C  CH3 . ACT C 2 .   ? 4.24508   -13.58171 7.69372   1.000 75.93000 ? 202 ACT A CH3 1 
HETATM 1448 C  C   . ACT D 2 .   ? 7.17193   6.18303   13.19489  1.000 71.88000 ? 203 ACT A C   1 
HETATM 1449 O  O   . ACT D 2 .   ? 6.73221   6.86562   12.24226  1.000 70.09000 ? 203 ACT A O   1 
HETATM 1450 O  OXT . ACT D 2 .   ? 6.44630   5.59091   14.03012  1.000 71.12000 ? 203 ACT A OXT 1 
HETATM 1451 C  CH3 . ACT D 2 .   ? 8.69190   6.06958   13.34065  1.000 71.87000 ? 203 ACT A CH3 1 
HETATM 1452 C  C1  . EDO E 3 .   ? -15.10036 -19.42785 -19.80218 1.000 55.04000 ? 204 EDO A C1  1 
HETATM 1453 O  O1  . EDO E 3 .   ? -13.77824 -19.12515 -20.19127 1.000 54.69000 ? 204 EDO A O1  1 
HETATM 1454 C  C2  . EDO E 3 .   ? -15.16975 -20.40135 -18.68960 1.000 54.99000 ? 204 EDO A C2  1 
HETATM 1455 O  O2  . EDO E 3 .   ? -14.45436 -19.97749 -17.54966 1.000 54.23000 ? 204 EDO A O2  1 
HETATM 1456 NA NA  . NA  F 4 .   ? 3.06148   -13.40696 2.62776   1.000 57.83000 ? 205 NA  A NA  1 
HETATM 1457 O  O   . HOH G 5 .   ? 6.94390   -17.97110 -1.15829  1.000 27.49000 ? 301 HOH A O   1 
HETATM 1458 O  O   . HOH G 5 .   ? 6.11934   -15.73078 -0.09305  1.000 36.26000 ? 302 HOH A O   1 
HETATM 1459 O  O   . HOH G 5 .   ? 0.54766   -15.62410 -24.80185 1.000 59.62000 ? 303 HOH A O   1 
HETATM 1460 O  O   . HOH G 5 .   ? 7.17371   27.83247  4.19576   1.000 46.81000 ? 304 HOH A O   1 
HETATM 1461 O  O   . HOH G 5 .   ? -11.32251 -21.38478 -17.85360 1.000 44.27000 ? 305 HOH A O   1 
HETATM 1462 O  O   . HOH G 5 .   ? -13.74455 -8.32864  -6.27774  1.000 38.88000 ? 306 HOH A O   1 
HETATM 1463 O  O   . HOH G 5 .   ? 18.28308  13.20552  6.96119   1.000 51.87000 ? 307 HOH A O   1 
HETATM 1464 O  O   . HOH G 5 .   ? 17.29876  -0.43051  -5.66543  1.000 53.14000 ? 308 HOH A O   1 
HETATM 1465 O  O   . HOH G 5 .   ? 2.07031   28.70531  16.56171  1.000 47.99000 ? 309 HOH A O   1 
HETATM 1466 O  O   . HOH G 5 .   ? -4.32730  -23.00847 -9.22422  1.000 43.60000 ? 310 HOH A O   1 
HETATM 1467 O  O   . HOH G 5 .   ? -8.00768  30.07287  14.79429  1.000 39.05000 ? 311 HOH A O   1 
HETATM 1468 O  O   . HOH G 5 .   ? -10.47677 -18.22685 1.15034   1.000 42.58000 ? 312 HOH A O   1 
HETATM 1469 O  O   . HOH G 5 .   ? -16.30379 -20.08678 -5.32614  1.000 51.03000 ? 313 HOH A O   1 
HETATM 1470 O  O   . HOH G 5 .   ? -1.21142  -7.01609  -13.31699 1.000 38.68000 ? 314 HOH A O   1 
HETATM 1471 O  O   . HOH G 5 .   ? -7.87605  8.85871   12.99303  1.000 53.17000 ? 315 HOH A O   1 
HETATM 1472 O  O   . HOH G 5 .   ? -1.11737  10.47058  0.06378   1.000 49.27000 ? 316 HOH A O   1 
HETATM 1473 O  O   . HOH G 5 .   ? -12.38504 0.89838   -2.97086  1.000 51.21000 ? 317 HOH A O   1 
HETATM 1474 O  O   . HOH G 5 .   ? -2.66522  -21.74013 -7.50616  1.000 41.44000 ? 318 HOH A O   1 
HETATM 1475 O  O   . HOH G 5 .   ? -10.13310 -0.01444  -6.44603  1.000 56.62000 ? 319 HOH A O   1 
HETATM 1476 O  O   . HOH G 5 .   ? -0.45843  22.18458  16.56049  1.000 42.22000 ? 320 HOH A O   1 
HETATM 1477 O  O   . HOH G 5 .   ? -6.88378  -17.14981 -17.23918 1.000 39.25000 ? 321 HOH A O   1 
HETATM 1478 O  O   . HOH G 5 .   ? -13.24175 -23.48109 -10.75613 1.000 45.93000 ? 322 HOH A O   1 
HETATM 1479 O  O   . HOH G 5 .   ? -4.67647  -4.12208  -14.51741 1.000 45.42000 ? 323 HOH A O   1 
HETATM 1480 O  O   . HOH G 5 .   ? -14.24518 -19.04955 0.84141   1.000 54.61000 ? 324 HOH A O   1 
HETATM 1481 O  O   . HOH G 5 .   ? 3.15232   -15.47563 -1.52826  1.000 47.71000 ? 325 HOH A O   1 
HETATM 1482 O  O   . HOH G 5 .   ? 7.64113   28.54379  13.80506  1.000 45.92000 ? 326 HOH A O   1 
HETATM 1483 O  O   . HOH G 5 .   ? 3.65624   19.18669  16.95284  1.000 41.18000 ? 327 HOH A O   1 
HETATM 1484 O  O   . HOH G 5 .   ? 6.90425   18.76133  11.53864  1.000 45.99000 ? 328 HOH A O   1 
HETATM 1485 O  O   . HOH G 5 .   ? -20.06231 -9.85826  -11.38713 1.000 56.82000 ? 329 HOH A O   1 
HETATM 1486 O  O   . HOH G 5 .   ? -12.78223 -8.76429  -3.66602  1.000 38.79000 ? 330 HOH A O   1 
HETATM 1487 O  O   . HOH G 5 .   ? 12.49682  -15.95536 -5.05841  1.000 34.77000 ? 331 HOH A O   1 
HETATM 1488 O  O   . HOH G 5 .   ? 16.57719  9.98187   3.88065   1.000 46.68000 ? 332 HOH A O   1 
HETATM 1489 O  O   . HOH G 5 .   ? -4.86724  -4.11576  0.46305   1.000 44.14000 ? 333 HOH A O   1 
HETATM 1490 O  O   . HOH G 5 .   ? -20.67691 -13.06369 -12.80627 1.000 47.91000 ? 334 HOH A O   1 
HETATM 1491 O  O   . HOH G 5 .   ? 11.89816  -17.84407 -6.40984  1.000 37.47000 ? 335 HOH A O   1 
HETATM 1492 O  O   . HOH G 5 .   ? -7.49506  -4.29851  0.91738   1.000 41.68000 ? 336 HOH A O   1 
HETATM 1493 O  O   . HOH G 5 .   ? -11.55916 -21.00876 -20.48974 1.000 54.37000 ? 337 HOH A O   1 
HETATM 1494 O  O   . HOH G 5 .   ? -3.18297  -1.79326  4.73494   1.000 60.58000 ? 338 HOH A O   1 
HETATM 1495 O  O   . HOH G 5 .   ? -6.84673  4.10603   -10.65531 1.000 45.23000 ? 339 HOH A O   1 
HETATM 1496 O  O   . HOH G 5 .   ? -8.94134  -17.28831 -22.12435 1.000 43.50000 ? 340 HOH A O   1 
HETATM 1497 O  O   . HOH G 5 .   ? -6.42053  -21.29657 -16.46060 1.000 46.92000 ? 341 HOH A O   1 
HETATM 1498 O  O   . HOH G 5 .   ? 1.12674   -19.73381 -10.37715 1.000 38.89000 ? 342 HOH A O   1 
HETATM 1499 O  O   . HOH G 5 .   ? 7.77788   29.71462  11.54989  1.000 54.36000 ? 343 HOH A O   1 
HETATM 1500 O  O   . HOH G 5 .   ? -8.76971  10.15559  10.72520  1.000 51.48000 ? 344 HOH A O   1 
HETATM 1501 O  O   . HOH G 5 .   ? -0.69980  15.97536  19.94269  1.000 50.51000 ? 345 HOH A O   1 
HETATM 1502 O  O   . HOH G 5 .   ? 1.19099   -13.42356 -16.05866 1.000 49.12000 ? 346 HOH A O   1 
HETATM 1503 O  O   . HOH G 5 .   ? 1.42863   0.14573   -10.49484 1.000 33.59000 ? 347 HOH A O   1 
HETATM 1504 O  O   . HOH G 5 .   ? 0.48962   -2.00610  -11.65127 1.000 30.09000 ? 348 HOH A O   1 
HETATM 1505 O  O   . HOH G 5 .   ? -7.69892  -12.51294 2.30627   1.000 44.86000 ? 349 HOH A O   1 
HETATM 1506 O  O   . HOH G 5 .   ? -15.68228 -8.78127  -8.58033  1.000 34.76000 ? 350 HOH A O   1 
HETATM 1507 O  O   . HOH G 5 .   ? -7.82900  16.92586  8.00732   1.000 50.84000 ? 351 HOH A O   1 
HETATM 1508 O  O   . HOH G 5 .   ? 0.90206   24.25181  15.92973  1.000 37.05000 ? 352 HOH A O   1 
HETATM 1509 O  O   . HOH G 5 .   ? 0.18004   11.32356  17.44943  1.000 53.04000 ? 353 HOH A O   1 
HETATM 1510 O  O   . HOH G 5 .   ? -6.99678  -18.65697 -19.13070 1.000 55.99000 ? 354 HOH A O   1 
HETATM 1511 O  O   . HOH G 5 .   ? -17.44620 -9.26788  -10.91261 1.000 40.16000 ? 355 HOH A O   1 
HETATM 1512 O  O   . HOH G 5 .   ? -7.64493  -24.12225 -2.52305  1.000 57.06000 ? 356 HOH A O   1 
# 
